data_5K7X
#
_entry.id   5K7X
#
_cell.length_a   105.348
_cell.length_b   130.549
_cell.length_c   168.673
_cell.angle_alpha   90.00
_cell.angle_beta   90.00
_cell.angle_gamma   90.00
#
_symmetry.space_group_name_H-M   'P 21 21 21'
#
loop_
_entity.id
_entity.type
_entity.pdbx_description
1 polymer 'Adenylosuccinate synthetase'
2 non-polymer "GUANOSINE-5'-TRIPHOSPHATE"
3 non-polymer 'INOSINIC ACID'
4 non-polymer HADACIDIN
5 non-polymer 'MAGNESIUM ION'
6 water water
#
_entity_poly.entity_id   1
_entity_poly.type   'polypeptide(L)'
_entity_poly.pdbx_seq_one_letter_code
;HMPSVIVVGGQWGDEGKGSIVAYLSLHDEPEIIARGGVGTNAGHSVVINGKKYAVRQIPTGFMQTKARLLIGAGVLVDPE
VFFHELEQLKDFNVKDRVGIDYRCAIIEEKHKQLDRTNGYLHGKIGTTGSGCGPANADRVMRKAKQAKDVKELEPYLTDV
AQEINDALDEGSLVLVEGTQGFGLSLYYGTYPYVTSKDVTASSVAADVGIGPTRVDEVIVVFKSFPTRVGAGPFPTEMPM
EEADRLGLVEYGTVTGRRRRVGWFDFEMARYSARINGATMLAVTMLDKYDKEAFGVTDYDKLPRKAKEFIEEIEERVGVP
VGLIKTGPELEHIIDRRDTI
;
_entity_poly.pdbx_strand_id   A,B,C,D,E,F
#
loop_
_chem_comp.id
_chem_comp.type
_chem_comp.name
_chem_comp.formula
GTP non-polymer GUANOSINE-5'-TRIPHOSPHATE 'C10 H16 N5 O14 P3'
HDA non-polymer HADACIDIN 'C3 H5 N O4'
IMP non-polymer 'INOSINIC ACID' 'C10 H13 N4 O8 P'
MG non-polymer 'MAGNESIUM ION' 'Mg 2'
#
# COMPACT_ATOMS: atom_id res chain seq x y z
N PRO A 3 7.21 15.92 -27.33
CA PRO A 3 6.63 16.46 -26.10
C PRO A 3 5.10 16.40 -26.10
N SER A 4 4.48 17.06 -25.12
CA SER A 4 3.03 17.10 -25.01
C SER A 4 2.54 18.52 -24.77
N VAL A 5 1.58 18.95 -25.56
CA VAL A 5 0.99 20.27 -25.38
C VAL A 5 -0.52 20.20 -25.31
N ILE A 6 -1.07 20.80 -24.25
CA ILE A 6 -2.51 20.91 -24.08
C ILE A 6 -2.94 22.37 -24.12
N VAL A 7 -3.91 22.68 -24.98
CA VAL A 7 -4.41 24.03 -25.12
C VAL A 7 -5.82 24.16 -24.54
N VAL A 8 -5.98 25.04 -23.57
CA VAL A 8 -7.29 25.26 -22.92
C VAL A 8 -7.60 26.74 -22.82
N GLY A 9 -8.88 27.05 -22.59
CA GLY A 9 -9.31 28.44 -22.48
C GLY A 9 -9.25 28.92 -21.04
N GLY A 10 -8.93 30.21 -20.87
CA GLY A 10 -8.75 30.76 -19.54
C GLY A 10 -9.90 31.62 -19.06
N GLN A 11 -10.85 31.87 -19.97
CA GLN A 11 -12.01 32.69 -19.65
C GLN A 11 -13.31 31.94 -19.87
N TRP A 12 -14.21 32.49 -20.68
CA TRP A 12 -15.48 31.83 -20.93
C TRP A 12 -15.57 31.30 -22.36
N GLY A 13 -14.46 30.74 -22.83
CA GLY A 13 -14.39 30.21 -24.17
C GLY A 13 -14.17 31.30 -25.20
N ASP A 14 -14.01 30.88 -26.44
CA ASP A 14 -13.84 31.78 -27.57
C ASP A 14 -12.63 32.71 -27.44
N GLU A 15 -11.61 32.26 -26.72
CA GLU A 15 -10.42 33.07 -26.48
C GLU A 15 -9.46 33.04 -27.66
N GLY A 16 -9.74 32.18 -28.64
CA GLY A 16 -8.88 32.04 -29.81
C GLY A 16 -8.06 30.76 -29.77
N LYS A 17 -8.59 29.75 -29.09
CA LYS A 17 -7.92 28.47 -28.97
C LYS A 17 -7.66 27.81 -30.31
N GLY A 18 -8.66 27.86 -31.19
CA GLY A 18 -8.56 27.28 -32.52
C GLY A 18 -7.44 27.90 -33.31
N SER A 19 -7.37 29.23 -33.28
CA SER A 19 -6.37 29.96 -34.04
C SER A 19 -4.95 29.66 -33.56
N ILE A 20 -4.83 29.21 -32.31
CA ILE A 20 -3.52 28.93 -31.72
C ILE A 20 -3.10 27.50 -32.01
N VAL A 21 -4.03 26.57 -31.85
CA VAL A 21 -3.79 25.19 -32.26
C VAL A 21 -3.44 25.17 -33.74
N ALA A 22 -4.08 26.06 -34.48
CA ALA A 22 -3.77 26.27 -35.90
C ALA A 22 -2.28 26.55 -36.11
N TYR A 23 -1.81 27.63 -35.50
CA TYR A 23 -0.40 28.02 -35.66
C TYR A 23 0.54 26.89 -35.24
N LEU A 24 0.29 26.32 -34.07
CA LEU A 24 1.17 25.28 -33.54
C LEU A 24 1.22 24.05 -34.43
N SER A 25 0.10 23.72 -35.07
CA SER A 25 0.03 22.59 -35.97
C SER A 25 0.99 22.80 -37.14
N LEU A 26 0.82 23.91 -37.84
CA LEU A 26 1.64 24.22 -39.00
C LEU A 26 3.11 24.45 -38.61
N HIS A 27 3.32 25.18 -37.51
CA HIS A 27 4.67 25.59 -37.12
C HIS A 27 5.51 24.47 -36.53
N ASP A 28 4.94 23.72 -35.59
CA ASP A 28 5.70 22.72 -34.84
C ASP A 28 5.62 21.33 -35.45
N GLU A 29 4.69 21.15 -36.39
CA GLU A 29 4.47 19.88 -37.08
C GLU A 29 4.29 18.70 -36.13
N PRO A 30 3.13 18.63 -35.46
CA PRO A 30 2.86 17.47 -34.60
C PRO A 30 2.38 16.28 -35.42
N GLU A 31 2.71 15.10 -34.94
CA GLU A 31 2.32 13.87 -35.59
C GLU A 31 0.82 13.66 -35.40
N ILE A 32 0.34 13.93 -34.19
CA ILE A 32 -1.05 13.74 -33.81
C ILE A 32 -1.66 15.01 -33.24
N ILE A 33 -2.81 15.43 -33.75
CA ILE A 33 -3.52 16.58 -33.19
C ILE A 33 -4.88 16.13 -32.74
N ALA A 34 -5.17 16.20 -31.46
CA ALA A 34 -6.40 15.62 -30.93
C ALA A 34 -7.32 16.57 -30.25
N ARG A 35 -8.60 16.28 -30.30
CA ARG A 35 -9.56 17.10 -29.62
C ARG A 35 -10.06 16.45 -28.38
N GLY A 36 -10.12 17.23 -27.34
CA GLY A 36 -10.81 16.87 -26.14
C GLY A 36 -11.94 17.82 -26.07
N GLY A 37 -12.58 17.90 -24.94
CA GLY A 37 -13.54 18.95 -24.70
C GLY A 37 -14.86 18.31 -24.51
N VAL A 38 -15.93 19.06 -24.70
CA VAL A 38 -17.24 18.51 -24.53
C VAL A 38 -17.78 17.81 -25.77
N GLY A 39 -17.91 18.52 -26.85
CA GLY A 39 -18.54 17.98 -28.03
C GLY A 39 -18.57 18.92 -29.20
N THR A 40 -19.76 19.30 -29.61
CA THR A 40 -19.94 20.14 -30.77
C THR A 40 -20.47 21.45 -30.37
N ASN A 41 -20.69 21.61 -29.09
CA ASN A 41 -21.10 22.94 -28.62
C ASN A 41 -20.05 24.01 -28.86
N ALA A 42 -18.85 23.58 -29.24
CA ALA A 42 -17.73 24.49 -29.47
C ALA A 42 -17.66 24.94 -30.92
N GLY A 43 -17.32 26.21 -31.13
CA GLY A 43 -17.09 26.75 -32.46
C GLY A 43 -15.69 27.35 -32.51
N HIS A 44 -14.79 26.67 -33.20
CA HIS A 44 -13.39 27.10 -33.28
C HIS A 44 -13.08 27.61 -34.67
N SER A 45 -12.69 28.88 -34.77
CA SER A 45 -12.44 29.48 -36.07
C SER A 45 -10.98 29.78 -36.34
N VAL A 46 -10.60 29.70 -37.60
CA VAL A 46 -9.24 29.98 -38.02
C VAL A 46 -9.26 30.65 -39.39
N VAL A 47 -8.36 31.59 -39.61
CA VAL A 47 -8.21 32.23 -40.92
C VAL A 47 -6.96 31.73 -41.63
N ILE A 48 -7.15 31.09 -42.77
CA ILE A 48 -6.05 30.56 -43.55
C ILE A 48 -5.89 31.34 -44.85
N ASN A 49 -4.90 32.22 -44.88
CA ASN A 49 -4.63 33.08 -46.04
C ASN A 49 -5.88 33.81 -46.53
N GLY A 50 -6.63 34.39 -45.61
CA GLY A 50 -7.79 35.18 -45.98
C GLY A 50 -9.10 34.41 -46.00
N LYS A 51 -9.04 33.10 -45.77
CA LYS A 51 -10.26 32.30 -45.77
C LYS A 51 -10.57 31.76 -44.38
N LYS A 52 -11.67 32.23 -43.81
CA LYS A 52 -12.08 31.84 -42.46
C LYS A 52 -12.81 30.51 -42.43
N TYR A 53 -12.31 29.59 -41.62
CA TYR A 53 -12.95 28.30 -41.42
C TYR A 53 -13.56 28.23 -40.02
N ALA A 54 -14.44 27.26 -39.81
CA ALA A 54 -15.07 27.09 -38.51
C ALA A 54 -15.47 25.64 -38.28
N VAL A 55 -14.86 25.02 -37.27
CA VAL A 55 -15.12 23.61 -36.99
C VAL A 55 -15.69 23.41 -35.61
N ARG A 56 -16.38 22.29 -35.42
CA ARG A 56 -17.03 21.97 -34.16
C ARG A 56 -16.60 20.59 -33.67
N GLN A 57 -16.37 19.67 -34.60
CA GLN A 57 -16.02 18.29 -34.25
C GLN A 57 -14.55 17.99 -34.54
N ILE A 58 -14.14 18.21 -35.78
CA ILE A 58 -12.76 17.99 -36.19
C ILE A 58 -11.86 19.05 -35.56
N PRO A 59 -10.72 18.62 -35.03
CA PRO A 59 -9.77 19.54 -34.40
C PRO A 59 -9.34 20.65 -35.35
N THR A 60 -8.94 21.80 -34.80
CA THR A 60 -8.50 22.93 -35.60
C THR A 60 -7.05 22.78 -36.02
N GLY A 61 -6.80 21.82 -36.92
CA GLY A 61 -5.45 21.58 -37.41
C GLY A 61 -5.43 20.83 -38.72
N PHE A 62 -6.62 20.59 -39.27
CA PHE A 62 -6.75 19.88 -40.54
C PHE A 62 -5.74 20.38 -41.57
N MET A 63 -5.36 21.65 -41.44
CA MET A 63 -4.39 22.25 -42.36
C MET A 63 -3.15 21.38 -42.49
N GLN A 64 -2.79 20.70 -41.41
CA GLN A 64 -1.63 19.82 -41.42
C GLN A 64 -1.94 18.49 -42.12
N THR A 65 -1.74 18.46 -43.43
CA THR A 65 -2.01 17.27 -44.23
C THR A 65 -1.29 16.03 -43.71
N LYS A 66 -0.34 16.23 -42.81
CA LYS A 66 0.41 15.12 -42.23
C LYS A 66 0.28 14.85 -40.74
N ALA A 67 -0.81 15.33 -40.15
CA ALA A 67 -1.06 15.15 -38.72
C ALA A 67 -2.35 14.35 -38.49
N ARG A 68 -2.21 13.19 -37.85
CA ARG A 68 -3.36 12.34 -37.57
C ARG A 68 -4.35 13.12 -36.72
N LEU A 69 -5.61 13.16 -37.14
CA LEU A 69 -6.61 13.93 -36.41
C LEU A 69 -7.50 13.03 -35.58
N LEU A 70 -7.49 13.24 -34.26
CA LEU A 70 -8.19 12.33 -33.35
C LEU A 70 -9.21 13.01 -32.45
N ILE A 71 -10.21 12.24 -32.01
CA ILE A 71 -11.21 12.74 -31.08
C ILE A 71 -11.30 11.82 -29.87
N GLY A 72 -10.89 12.33 -28.71
CA GLY A 72 -10.81 11.54 -27.49
C GLY A 72 -12.13 10.95 -27.03
N ALA A 73 -12.04 9.86 -26.27
CA ALA A 73 -13.21 9.12 -25.83
C ALA A 73 -14.16 9.95 -24.96
N GLY A 74 -13.61 10.94 -24.26
CA GLY A 74 -14.39 11.78 -23.38
C GLY A 74 -15.22 12.81 -24.11
N VAL A 75 -15.03 12.90 -25.42
CA VAL A 75 -15.73 13.88 -26.23
C VAL A 75 -17.00 13.27 -26.84
N LEU A 76 -18.05 14.09 -26.93
CA LEU A 76 -19.28 13.67 -27.58
C LEU A 76 -19.16 13.82 -29.08
N VAL A 77 -19.76 12.89 -29.82
CA VAL A 77 -19.69 12.91 -31.27
C VAL A 77 -21.09 13.03 -31.88
N ASP A 78 -21.29 14.06 -32.68
CA ASP A 78 -22.52 14.24 -33.45
C ASP A 78 -22.27 13.81 -34.89
N PRO A 79 -22.79 12.63 -35.26
CA PRO A 79 -22.57 12.04 -36.59
C PRO A 79 -22.85 13.00 -37.74
N GLU A 80 -23.95 13.74 -37.66
CA GLU A 80 -24.31 14.69 -38.70
C GLU A 80 -23.22 15.76 -38.88
N VAL A 81 -22.78 16.34 -37.77
CA VAL A 81 -21.77 17.39 -37.78
C VAL A 81 -20.42 16.88 -38.29
N PHE A 82 -20.05 15.69 -37.81
CA PHE A 82 -18.78 15.07 -38.19
C PHE A 82 -18.70 14.86 -39.70
N PHE A 83 -19.78 14.37 -40.29
CA PHE A 83 -19.82 14.11 -41.72
C PHE A 83 -19.87 15.39 -42.54
N HIS A 84 -20.58 16.39 -42.03
CA HIS A 84 -20.66 17.67 -42.71
C HIS A 84 -19.27 18.30 -42.80
N GLU A 85 -18.48 18.12 -41.75
CA GLU A 85 -17.15 18.72 -41.70
C GLU A 85 -16.12 17.91 -42.49
N LEU A 86 -16.43 16.64 -42.72
CA LEU A 86 -15.61 15.83 -43.63
C LEU A 86 -15.76 16.40 -45.03
N GLU A 87 -17.00 16.79 -45.37
CA GLU A 87 -17.30 17.40 -46.65
C GLU A 87 -16.78 18.84 -46.71
N GLN A 88 -17.00 19.58 -45.62
CA GLN A 88 -16.62 20.99 -45.57
C GLN A 88 -15.09 21.16 -45.66
N LEU A 89 -14.35 20.12 -45.28
CA LEU A 89 -12.89 20.20 -45.31
C LEU A 89 -12.22 19.20 -46.26
N LYS A 90 -12.94 18.79 -47.30
CA LYS A 90 -12.45 17.78 -48.23
C LYS A 90 -11.10 18.20 -48.85
N ASP A 91 -10.86 19.50 -48.96
CA ASP A 91 -9.65 20.00 -49.60
C ASP A 91 -8.40 19.65 -48.81
N PHE A 92 -8.60 19.26 -47.55
CA PHE A 92 -7.48 18.91 -46.67
C PHE A 92 -7.29 17.41 -46.46
N ASN A 93 -8.07 16.60 -47.19
CA ASN A 93 -8.12 15.14 -47.02
C ASN A 93 -8.24 14.78 -45.54
N VAL A 94 -9.30 15.24 -44.92
CA VAL A 94 -9.46 15.08 -43.51
C VAL A 94 -9.95 13.69 -43.25
N LYS A 95 -10.75 13.21 -44.16
CA LYS A 95 -11.39 11.96 -44.01
C LYS A 95 -10.44 10.78 -43.93
N ASP A 96 -9.25 10.91 -44.46
CA ASP A 96 -8.31 9.80 -44.47
C ASP A 96 -7.39 9.85 -43.27
N ARG A 97 -7.35 10.97 -42.62
CA ARG A 97 -6.45 11.22 -41.49
C ARG A 97 -7.19 11.29 -40.15
N VAL A 98 -8.50 11.08 -40.17
CA VAL A 98 -9.31 11.29 -38.98
C VAL A 98 -9.59 9.99 -38.23
N GLY A 99 -9.77 10.10 -36.91
CA GLY A 99 -10.06 8.95 -36.08
C GLY A 99 -10.93 9.28 -34.89
N ILE A 100 -12.06 8.58 -34.78
CA ILE A 100 -12.96 8.71 -33.64
C ILE A 100 -12.76 7.55 -32.67
N ASP A 101 -12.57 7.87 -31.40
CA ASP A 101 -12.45 6.84 -30.38
C ASP A 101 -13.76 6.06 -30.29
N TYR A 102 -13.66 4.74 -30.28
CA TYR A 102 -14.84 3.87 -30.32
C TYR A 102 -15.66 3.95 -29.04
N ARG A 103 -15.14 4.66 -28.04
CA ARG A 103 -15.81 4.77 -26.75
C ARG A 103 -16.49 6.13 -26.57
N CYS A 104 -16.42 6.97 -27.60
CA CYS A 104 -17.11 8.26 -27.57
C CYS A 104 -18.61 8.08 -27.49
N ALA A 105 -19.29 8.93 -26.73
CA ALA A 105 -20.74 8.88 -26.63
C ALA A 105 -21.37 9.67 -27.79
N ILE A 106 -22.59 9.30 -28.16
CA ILE A 106 -23.23 9.83 -29.36
C ILE A 106 -24.33 10.84 -29.06
N ILE A 107 -24.28 11.98 -29.73
CA ILE A 107 -25.37 12.96 -29.67
C ILE A 107 -26.48 12.56 -30.62
N GLU A 108 -27.64 12.25 -30.06
CA GLU A 108 -28.81 11.87 -30.86
C GLU A 108 -29.76 13.05 -31.01
N GLU A 109 -30.74 12.91 -31.89
CA GLU A 109 -31.63 14.02 -32.20
C GLU A 109 -32.58 14.32 -31.03
N LYS A 110 -32.83 13.32 -30.19
CA LYS A 110 -33.60 13.54 -28.98
C LYS A 110 -32.88 14.54 -28.07
N HIS A 111 -31.55 14.46 -28.06
CA HIS A 111 -30.73 15.31 -27.22
C HIS A 111 -30.71 16.75 -27.71
N LYS A 112 -30.52 16.93 -29.01
CA LYS A 112 -30.50 18.27 -29.59
C LYS A 112 -31.82 18.95 -29.29
N GLN A 113 -32.88 18.20 -29.47
CA GLN A 113 -34.23 18.62 -29.19
C GLN A 113 -34.36 19.17 -27.80
N LEU A 114 -34.25 18.31 -26.83
CA LEU A 114 -34.26 18.74 -25.45
C LEU A 114 -33.43 19.97 -25.18
N ASP A 115 -32.23 20.03 -25.71
CA ASP A 115 -31.36 21.16 -25.48
C ASP A 115 -31.94 22.41 -26.08
N ARG A 116 -32.79 22.25 -27.08
CA ARG A 116 -33.24 23.41 -27.84
C ARG A 116 -34.57 23.95 -27.39
N THR A 117 -35.27 23.14 -26.64
CA THR A 117 -36.66 23.42 -26.27
C THR A 117 -36.94 23.77 -24.81
N ASN A 118 -36.23 23.12 -23.89
CA ASN A 118 -36.53 23.24 -22.45
C ASN A 118 -36.30 24.64 -21.89
N GLY A 119 -37.24 25.05 -21.04
CA GLY A 119 -37.19 26.39 -20.49
C GLY A 119 -35.91 26.70 -19.73
N TYR A 120 -35.34 25.70 -19.06
CA TYR A 120 -34.15 25.95 -18.23
C TYR A 120 -32.82 26.08 -19.01
N LEU A 121 -32.48 25.10 -19.83
CA LEU A 121 -31.23 25.08 -20.59
C LEU A 121 -31.26 26.13 -21.71
N HIS A 122 -32.41 26.27 -22.38
CA HIS A 122 -32.53 27.22 -23.51
C HIS A 122 -32.74 28.66 -23.06
N GLY A 123 -33.64 28.86 -22.10
CA GLY A 123 -34.02 30.20 -21.69
C GLY A 123 -33.14 30.82 -20.62
N LYS A 124 -32.86 30.03 -19.58
CA LYS A 124 -32.14 30.52 -18.39
C LYS A 124 -30.63 30.53 -18.50
N ILE A 125 -30.05 29.47 -19.07
CA ILE A 125 -28.60 29.29 -18.97
C ILE A 125 -27.80 30.26 -19.88
N GLY A 126 -28.07 30.38 -21.18
CA GLY A 126 -28.92 29.51 -21.97
C GLY A 126 -28.00 28.75 -22.91
N THR A 127 -28.25 27.46 -23.09
CA THR A 127 -27.27 26.61 -23.77
C THR A 127 -27.09 26.88 -25.26
N THR A 128 -26.32 26.03 -25.90
CA THR A 128 -25.99 26.18 -27.30
C THR A 128 -27.05 25.54 -28.19
N GLY A 129 -27.58 24.41 -27.75
CA GLY A 129 -28.57 23.70 -28.52
C GLY A 129 -27.93 22.55 -29.28
N SER A 130 -26.66 22.31 -29.00
CA SER A 130 -25.90 21.24 -29.64
C SER A 130 -26.35 19.88 -29.14
N GLY A 131 -26.99 19.87 -27.98
CA GLY A 131 -27.46 18.64 -27.37
C GLY A 131 -26.37 18.01 -26.54
N CYS A 132 -25.28 18.75 -26.34
CA CYS A 132 -24.15 18.25 -25.57
C CYS A 132 -24.54 18.01 -24.12
N GLY A 133 -25.34 18.92 -23.57
CA GLY A 133 -25.84 18.81 -22.22
C GLY A 133 -26.61 17.53 -21.93
N PRO A 134 -27.79 17.38 -22.57
CA PRO A 134 -28.63 16.19 -22.39
C PRO A 134 -27.94 14.88 -22.74
N ALA A 135 -27.00 14.91 -23.69
CA ALA A 135 -26.28 13.71 -24.08
C ALA A 135 -25.40 13.20 -22.94
N ASN A 136 -24.63 14.10 -22.34
CA ASN A 136 -23.79 13.75 -21.21
C ASN A 136 -24.62 13.25 -20.05
N ALA A 137 -25.83 13.80 -19.90
CA ALA A 137 -26.76 13.33 -18.89
C ALA A 137 -27.11 11.87 -19.16
N ASP A 138 -27.32 11.55 -20.43
CA ASP A 138 -27.63 10.18 -20.82
C ASP A 138 -26.40 9.29 -20.66
N ARG A 139 -25.23 9.89 -20.84
CA ARG A 139 -23.97 9.15 -20.68
C ARG A 139 -23.69 8.87 -19.21
N VAL A 140 -23.94 9.87 -18.37
CA VAL A 140 -23.81 9.70 -16.92
C VAL A 140 -24.79 8.64 -16.44
N MET A 141 -25.99 8.65 -17.00
CA MET A 141 -27.00 7.64 -16.69
C MET A 141 -26.66 6.32 -17.39
N ARG A 142 -25.59 6.33 -18.17
CA ARG A 142 -25.10 5.13 -18.85
C ARG A 142 -26.12 4.49 -19.78
N LYS A 143 -26.91 5.31 -20.46
CA LYS A 143 -27.88 4.79 -21.41
C LYS A 143 -27.60 5.27 -22.82
N ALA A 144 -26.72 6.27 -22.93
CA ALA A 144 -26.35 6.77 -24.25
C ALA A 144 -25.54 5.72 -24.99
N LYS A 145 -25.58 5.74 -26.32
CA LYS A 145 -24.80 4.82 -27.14
C LYS A 145 -23.41 5.37 -27.44
N GLN A 146 -22.48 4.44 -27.67
CA GLN A 146 -21.11 4.79 -27.99
C GLN A 146 -20.86 4.72 -29.50
N ALA A 147 -19.77 5.34 -29.95
CA ALA A 147 -19.43 5.40 -31.37
C ALA A 147 -19.29 4.02 -31.99
N LYS A 148 -18.92 3.05 -31.16
CA LYS A 148 -18.85 1.64 -31.54
C LYS A 148 -20.16 1.12 -32.11
N ASP A 149 -21.28 1.70 -31.67
CA ASP A 149 -22.60 1.20 -32.03
C ASP A 149 -23.20 1.88 -33.25
N VAL A 150 -22.53 2.91 -33.76
CA VAL A 150 -23.00 3.57 -34.97
C VAL A 150 -22.21 3.04 -36.16
N LYS A 151 -22.88 2.30 -37.04
CA LYS A 151 -22.21 1.58 -38.13
C LYS A 151 -21.65 2.50 -39.21
N GLU A 152 -22.22 3.70 -39.36
CA GLU A 152 -21.71 4.63 -40.35
C GLU A 152 -20.38 5.24 -39.89
N LEU A 153 -20.03 5.01 -38.63
CA LEU A 153 -18.81 5.57 -38.06
C LEU A 153 -17.68 4.54 -37.98
N GLU A 154 -17.99 3.29 -38.35
CA GLU A 154 -17.03 2.20 -38.23
C GLU A 154 -15.71 2.38 -38.99
N PRO A 155 -15.74 2.96 -40.21
CA PRO A 155 -14.44 3.13 -40.88
C PRO A 155 -13.47 4.07 -40.16
N TYR A 156 -13.97 4.86 -39.22
CA TYR A 156 -13.17 5.87 -38.55
C TYR A 156 -12.87 5.50 -37.09
N LEU A 157 -13.39 4.37 -36.64
CA LEU A 157 -13.18 3.93 -35.25
C LEU A 157 -11.73 3.58 -34.95
N THR A 158 -11.25 4.02 -33.79
CA THR A 158 -9.90 3.69 -33.33
C THR A 158 -9.79 3.83 -31.81
N ASP A 159 -8.59 3.59 -31.29
CA ASP A 159 -8.30 3.77 -29.87
C ASP A 159 -7.38 4.97 -29.73
N VAL A 160 -7.99 6.13 -29.47
CA VAL A 160 -7.25 7.39 -29.41
C VAL A 160 -6.27 7.37 -28.25
N ALA A 161 -6.70 6.79 -27.13
CA ALA A 161 -5.85 6.68 -25.96
C ALA A 161 -4.57 5.90 -26.28
N GLN A 162 -4.72 4.79 -27.00
CA GLN A 162 -3.57 3.98 -27.34
C GLN A 162 -2.69 4.70 -28.37
N GLU A 163 -3.30 5.22 -29.43
CA GLU A 163 -2.57 5.92 -30.49
C GLU A 163 -1.71 7.06 -29.92
N ILE A 164 -2.30 7.85 -29.04
CA ILE A 164 -1.60 8.99 -28.45
C ILE A 164 -0.43 8.54 -27.59
N ASN A 165 -0.67 7.54 -26.74
CA ASN A 165 0.38 7.03 -25.88
C ASN A 165 1.48 6.33 -26.67
N ASP A 166 1.09 5.63 -27.74
CA ASP A 166 2.05 4.98 -28.61
C ASP A 166 2.96 6.01 -29.27
N ALA A 167 2.39 7.18 -29.58
CA ALA A 167 3.15 8.26 -30.19
C ALA A 167 4.12 8.89 -29.22
N LEU A 168 3.66 9.08 -27.99
CA LEU A 168 4.47 9.71 -26.95
C LEU A 168 5.66 8.86 -26.53
N ASP A 169 5.57 7.56 -26.79
CA ASP A 169 6.64 6.66 -26.46
C ASP A 169 7.76 6.81 -27.48
N GLU A 170 7.39 7.05 -28.73
CA GLU A 170 8.39 7.20 -29.78
C GLU A 170 8.94 8.63 -29.86
N GLY A 171 8.52 9.52 -28.96
CA GLY A 171 9.07 10.87 -28.92
C GLY A 171 8.32 11.87 -29.76
N SER A 172 7.31 11.40 -30.48
CA SER A 172 6.51 12.25 -31.36
C SER A 172 5.81 13.36 -30.59
N LEU A 173 5.46 14.43 -31.31
CA LEU A 173 4.75 15.55 -30.71
C LEU A 173 3.24 15.36 -30.82
N VAL A 174 2.55 15.55 -29.70
CA VAL A 174 1.10 15.43 -29.68
C VAL A 174 0.46 16.72 -29.17
N LEU A 175 -0.39 17.31 -30.01
CA LEU A 175 -1.09 18.53 -29.66
C LEU A 175 -2.54 18.21 -29.29
N VAL A 176 -2.99 18.71 -28.15
CA VAL A 176 -4.34 18.40 -27.69
C VAL A 176 -5.18 19.67 -27.55
N GLU A 177 -6.35 19.66 -28.16
CA GLU A 177 -7.23 20.82 -28.15
C GLU A 177 -8.43 20.63 -27.21
N GLY A 178 -8.60 21.56 -26.27
CA GLY A 178 -9.75 21.55 -25.39
C GLY A 178 -10.78 22.54 -25.88
N THR A 179 -11.98 22.49 -25.30
CA THR A 179 -13.04 23.41 -25.70
C THR A 179 -13.47 24.29 -24.53
N GLN A 180 -14.08 25.43 -24.85
CA GLN A 180 -14.50 26.41 -23.86
C GLN A 180 -13.41 27.17 -23.13
N GLY A 181 -13.66 27.46 -21.85
CA GLY A 181 -12.71 28.19 -21.03
C GLY A 181 -12.97 27.80 -19.58
N PHE A 182 -12.05 28.21 -18.71
CA PHE A 182 -12.11 27.91 -17.29
C PHE A 182 -13.43 28.37 -16.64
N GLY A 183 -13.93 29.51 -17.08
CA GLY A 183 -15.14 30.10 -16.53
C GLY A 183 -16.39 29.27 -16.80
N LEU A 184 -16.29 28.36 -17.76
CA LEU A 184 -17.42 27.52 -18.12
C LEU A 184 -17.27 26.11 -17.55
N SER A 185 -16.28 25.91 -16.70
CA SER A 185 -16.05 24.61 -16.09
C SER A 185 -17.23 24.22 -15.21
N LEU A 186 -17.69 22.99 -15.35
CA LEU A 186 -18.79 22.48 -14.53
C LEU A 186 -18.44 22.53 -13.04
N TYR A 187 -17.17 22.36 -12.73
CA TYR A 187 -16.73 22.35 -11.33
C TYR A 187 -16.38 23.76 -10.84
N TYR A 188 -15.48 24.43 -11.57
CA TYR A 188 -14.86 25.65 -11.07
C TYR A 188 -15.41 26.91 -11.73
N GLY A 189 -16.29 26.76 -12.70
CA GLY A 189 -16.86 27.90 -13.38
C GLY A 189 -17.98 28.57 -12.60
N THR A 190 -18.80 29.33 -13.31
CA THR A 190 -19.91 30.05 -12.70
C THR A 190 -21.20 29.24 -12.73
N TYR A 191 -21.20 28.13 -11.99
CA TYR A 191 -22.37 27.25 -11.88
C TYR A 191 -23.60 28.04 -11.41
N PRO A 192 -24.77 27.80 -12.03
CA PRO A 192 -25.01 26.80 -13.07
C PRO A 192 -24.81 27.32 -14.49
N TYR A 193 -24.35 28.56 -14.64
CA TYR A 193 -24.12 29.11 -15.97
C TYR A 193 -22.80 28.63 -16.55
N VAL A 194 -22.71 27.32 -16.77
CA VAL A 194 -21.51 26.68 -17.28
C VAL A 194 -21.86 25.62 -18.32
N THR A 195 -20.85 24.90 -18.79
CA THR A 195 -21.09 23.79 -19.70
C THR A 195 -21.26 22.50 -18.89
N SER A 196 -21.47 21.38 -19.57
CA SER A 196 -21.86 20.14 -18.90
C SER A 196 -20.68 19.30 -18.42
N LYS A 197 -19.52 19.93 -18.25
CA LYS A 197 -18.30 19.18 -17.99
C LYS A 197 -17.16 20.11 -17.58
N ASP A 198 -16.24 19.60 -16.76
CA ASP A 198 -15.04 20.37 -16.44
C ASP A 198 -14.18 20.50 -17.69
N VAL A 199 -13.47 21.61 -17.81
CA VAL A 199 -12.82 21.97 -19.07
C VAL A 199 -11.32 22.20 -18.86
N THR A 200 -10.90 22.24 -17.60
CA THR A 200 -9.49 22.42 -17.25
C THR A 200 -8.57 21.38 -17.90
N ALA A 201 -7.27 21.66 -17.88
CA ALA A 201 -6.26 20.86 -18.57
C ALA A 201 -6.25 19.39 -18.12
N SER A 202 -6.52 19.16 -16.84
CA SER A 202 -6.55 17.81 -16.31
C SER A 202 -7.68 17.01 -16.94
N SER A 203 -8.85 17.64 -17.06
CA SER A 203 -10.01 16.99 -17.68
C SER A 203 -9.74 16.68 -19.16
N VAL A 204 -9.15 17.65 -19.86
CA VAL A 204 -8.83 17.49 -21.26
C VAL A 204 -7.86 16.33 -21.48
N ALA A 205 -6.91 16.16 -20.57
CA ALA A 205 -5.97 15.05 -20.63
C ALA A 205 -6.71 13.73 -20.48
N ALA A 206 -7.69 13.70 -19.57
CA ALA A 206 -8.47 12.50 -19.36
C ALA A 206 -9.37 12.20 -20.55
N ASP A 207 -9.73 13.24 -21.30
CA ASP A 207 -10.62 13.10 -22.44
C ASP A 207 -9.96 12.32 -23.57
N VAL A 208 -8.67 12.57 -23.77
CA VAL A 208 -7.94 11.93 -24.86
C VAL A 208 -7.26 10.64 -24.40
N GLY A 209 -7.04 10.51 -23.10
CA GLY A 209 -6.45 9.30 -22.55
C GLY A 209 -4.99 9.44 -22.17
N ILE A 210 -4.66 10.52 -21.49
CA ILE A 210 -3.28 10.82 -21.09
C ILE A 210 -3.18 11.05 -19.60
N GLY A 211 -2.30 10.28 -18.94
CA GLY A 211 -2.03 10.49 -17.53
C GLY A 211 -1.40 11.86 -17.32
N PRO A 212 -1.64 12.46 -16.15
CA PRO A 212 -1.18 13.83 -15.89
C PRO A 212 0.35 13.95 -15.97
N THR A 213 1.05 12.86 -15.72
CA THR A 213 2.52 12.85 -15.74
C THR A 213 3.06 12.98 -17.17
N ARG A 214 2.25 12.59 -18.14
CA ARG A 214 2.66 12.59 -19.55
C ARG A 214 2.48 13.96 -20.20
N VAL A 215 1.93 14.92 -19.46
CA VAL A 215 1.69 16.26 -19.98
C VAL A 215 2.87 17.19 -19.73
N ASP A 216 3.59 17.51 -20.79
CA ASP A 216 4.76 18.39 -20.71
C ASP A 216 4.39 19.87 -20.62
N GLU A 217 3.54 20.33 -21.53
CA GLU A 217 3.20 21.74 -21.60
C GLU A 217 1.71 21.98 -21.48
N VAL A 218 1.32 23.07 -20.83
CA VAL A 218 -0.08 23.47 -20.77
C VAL A 218 -0.20 24.94 -21.14
N ILE A 219 -0.75 25.20 -22.32
CA ILE A 219 -0.98 26.56 -22.78
C ILE A 219 -2.40 27.02 -22.48
N VAL A 220 -2.53 28.10 -21.73
CA VAL A 220 -3.84 28.66 -21.41
C VAL A 220 -4.09 29.94 -22.22
N VAL A 221 -5.14 29.91 -23.04
CA VAL A 221 -5.41 30.99 -23.97
C VAL A 221 -6.27 32.09 -23.36
N PHE A 222 -5.81 33.32 -23.50
CA PHE A 222 -6.58 34.50 -23.08
C PHE A 222 -6.76 35.47 -24.24
N LYS A 223 -7.90 36.16 -24.25
CA LYS A 223 -8.11 37.25 -25.20
C LYS A 223 -8.03 38.56 -24.46
N SER A 224 -7.67 39.62 -25.16
CA SER A 224 -7.51 40.95 -24.58
C SER A 224 -8.79 41.41 -23.88
N PHE A 225 -9.93 41.09 -24.49
CA PHE A 225 -11.22 41.40 -23.90
C PHE A 225 -12.06 40.14 -23.81
N PRO A 226 -12.22 39.59 -22.59
CA PRO A 226 -12.99 38.35 -22.40
C PRO A 226 -14.42 38.48 -22.89
N THR A 227 -14.99 37.38 -23.38
CA THR A 227 -16.34 37.39 -23.90
C THR A 227 -17.19 36.29 -23.27
N ARG A 228 -18.50 36.55 -23.19
CA ARG A 228 -19.45 35.57 -22.71
C ARG A 228 -20.65 35.45 -23.64
N VAL A 229 -20.92 34.23 -24.08
CA VAL A 229 -22.14 33.94 -24.81
C VAL A 229 -23.14 33.34 -23.84
N GLY A 230 -24.36 33.87 -23.83
CA GLY A 230 -25.37 33.37 -22.92
C GLY A 230 -25.36 34.10 -21.59
N ALA A 231 -26.18 33.64 -20.66
CA ALA A 231 -26.32 34.31 -19.37
C ALA A 231 -25.21 33.90 -18.41
N GLY A 232 -25.20 34.52 -17.23
CA GLY A 232 -24.20 34.22 -16.23
C GLY A 232 -23.42 35.46 -15.80
N PRO A 233 -22.91 35.45 -14.57
CA PRO A 233 -22.12 36.54 -13.99
C PRO A 233 -20.91 36.93 -14.84
N PHE A 234 -20.67 38.23 -14.96
CA PHE A 234 -19.50 38.73 -15.68
C PHE A 234 -19.05 40.02 -15.00
N PRO A 235 -18.10 39.90 -14.06
CA PRO A 235 -17.64 41.00 -13.20
C PRO A 235 -17.15 42.20 -13.98
N THR A 236 -16.33 41.96 -15.00
CA THR A 236 -15.71 43.05 -15.77
C THR A 236 -16.44 43.31 -17.08
N GLU A 237 -17.74 43.04 -17.10
CA GLU A 237 -18.55 43.22 -18.29
C GLU A 237 -18.72 44.70 -18.63
N MET A 238 -18.57 45.04 -19.91
CA MET A 238 -18.80 46.41 -20.36
C MET A 238 -20.17 46.53 -21.03
N PRO A 239 -20.72 47.76 -21.03
CA PRO A 239 -21.95 48.08 -21.77
C PRO A 239 -21.78 47.77 -23.26
N MET A 240 -22.86 47.45 -23.98
CA MET A 240 -22.72 47.05 -25.37
C MET A 240 -22.34 48.21 -26.28
N GLU A 241 -22.60 49.42 -25.82
CA GLU A 241 -22.28 50.62 -26.59
C GLU A 241 -20.78 50.79 -26.71
N GLU A 242 -20.06 50.48 -25.65
CA GLU A 242 -18.60 50.51 -25.69
C GLU A 242 -17.98 49.46 -26.58
N ALA A 243 -18.57 48.30 -26.62
CA ALA A 243 -18.02 47.24 -27.42
C ALA A 243 -18.04 47.62 -28.86
N ASP A 244 -19.10 48.30 -29.27
CA ASP A 244 -19.16 48.79 -30.62
C ASP A 244 -18.04 49.78 -30.80
N ARG A 245 -18.01 50.83 -29.99
CA ARG A 245 -17.06 51.90 -30.19
C ARG A 245 -15.65 51.40 -30.31
N LEU A 246 -15.32 50.35 -29.62
CA LEU A 246 -13.95 49.87 -29.71
C LEU A 246 -13.88 48.72 -30.71
N GLY A 247 -14.99 48.50 -31.40
CA GLY A 247 -15.09 47.48 -32.41
C GLY A 247 -14.82 46.09 -31.90
N LEU A 248 -15.52 45.70 -30.83
CA LEU A 248 -15.32 44.39 -30.24
C LEU A 248 -16.53 43.50 -30.47
N VAL A 249 -17.26 43.77 -31.55
CA VAL A 249 -18.48 43.02 -31.85
C VAL A 249 -18.21 41.71 -32.58
N GLU A 250 -18.62 40.61 -31.97
CA GLU A 250 -18.43 39.28 -32.55
C GLU A 250 -19.68 38.43 -32.35
N TYR A 251 -19.96 37.57 -33.32
CA TYR A 251 -21.13 36.69 -33.25
C TYR A 251 -20.71 35.22 -33.11
N GLY A 252 -21.49 34.46 -32.35
CA GLY A 252 -21.21 33.06 -32.14
C GLY A 252 -20.95 32.32 -33.44
N THR A 253 -20.15 31.25 -33.36
CA THR A 253 -19.83 30.45 -34.53
C THR A 253 -20.82 29.31 -34.72
N VAL A 254 -21.67 29.12 -33.73
CA VAL A 254 -22.68 28.06 -33.79
C VAL A 254 -24.09 28.64 -33.69
N THR A 255 -24.33 29.44 -32.65
CA THR A 255 -25.63 30.05 -32.45
C THR A 255 -25.76 31.35 -33.23
N GLY A 256 -24.64 32.06 -33.38
CA GLY A 256 -24.62 33.32 -34.11
C GLY A 256 -25.07 34.49 -33.24
N ARG A 257 -25.12 34.26 -31.94
CA ARG A 257 -25.52 35.30 -31.00
C ARG A 257 -24.36 36.21 -30.63
N ARG A 258 -24.67 37.45 -30.27
CA ARG A 258 -23.65 38.42 -29.90
C ARG A 258 -22.80 37.87 -28.77
N ARG A 259 -21.62 38.44 -28.59
CA ARG A 259 -20.69 37.98 -27.55
C ARG A 259 -21.10 39.10 -26.61
N ARG A 260 -20.72 38.97 -25.34
CA ARG A 260 -21.00 40.00 -24.35
C ARG A 260 -19.51 40.27 -24.24
N VAL A 261 -19.12 41.54 -24.13
CA VAL A 261 -17.70 41.88 -24.05
C VAL A 261 -17.39 42.54 -22.71
N GLY A 262 -16.16 42.34 -22.23
CA GLY A 262 -15.71 42.96 -20.99
C GLY A 262 -14.21 43.16 -20.97
N TRP A 263 -13.70 43.85 -19.95
CA TRP A 263 -12.26 44.04 -19.81
C TRP A 263 -11.57 42.86 -19.15
N PHE A 264 -10.26 42.80 -19.37
CA PHE A 264 -9.44 41.73 -18.87
C PHE A 264 -9.51 41.61 -17.35
N ASP A 265 -10.01 40.48 -16.88
CA ASP A 265 -10.12 40.19 -15.46
C ASP A 265 -8.82 39.54 -15.00
N PHE A 266 -7.99 40.29 -14.29
CA PHE A 266 -6.67 39.80 -13.90
C PHE A 266 -6.72 38.79 -12.77
N GLU A 267 -7.57 39.04 -11.78
CA GLU A 267 -7.67 38.13 -10.64
C GLU A 267 -8.24 36.78 -11.09
N MET A 268 -9.18 36.81 -12.02
CA MET A 268 -9.71 35.57 -12.60
C MET A 268 -8.66 34.88 -13.46
N ALA A 269 -7.85 35.67 -14.13
CA ALA A 269 -6.79 35.16 -15.00
C ALA A 269 -5.76 34.36 -14.21
N ARG A 270 -5.38 34.90 -13.06
CA ARG A 270 -4.38 34.26 -12.21
C ARG A 270 -4.92 32.95 -11.67
N TYR A 271 -6.17 32.97 -11.26
CA TYR A 271 -6.84 31.78 -10.74
C TYR A 271 -6.99 30.71 -11.80
N SER A 272 -7.51 31.10 -12.95
CA SER A 272 -7.71 30.20 -14.08
C SER A 272 -6.40 29.54 -14.53
N ALA A 273 -5.34 30.34 -14.58
CA ALA A 273 -4.05 29.84 -15.03
C ALA A 273 -3.46 28.84 -14.04
N ARG A 274 -3.66 29.10 -12.75
CA ARG A 274 -3.02 28.29 -11.73
C ARG A 274 -3.66 26.92 -11.53
N ILE A 275 -4.98 26.87 -11.52
CA ILE A 275 -5.71 25.60 -11.40
C ILE A 275 -5.46 24.71 -12.62
N ASN A 276 -5.30 25.33 -13.78
CA ASN A 276 -4.95 24.61 -15.00
C ASN A 276 -3.52 24.07 -14.98
N GLY A 277 -2.71 24.61 -14.07
CA GLY A 277 -1.31 24.24 -14.02
C GLY A 277 -0.59 24.76 -15.24
N ALA A 278 -0.89 26.00 -15.61
CA ALA A 278 -0.34 26.61 -16.81
C ALA A 278 1.17 26.74 -16.76
N THR A 279 1.83 26.33 -17.85
CA THR A 279 3.27 26.50 -17.99
C THR A 279 3.54 27.70 -18.89
N MET A 280 2.60 27.95 -19.80
CA MET A 280 2.76 29.02 -20.77
C MET A 280 1.42 29.70 -21.04
N LEU A 281 1.44 31.02 -21.17
CA LEU A 281 0.24 31.76 -21.53
C LEU A 281 0.23 32.14 -23.01
N ALA A 282 -0.97 32.28 -23.56
CA ALA A 282 -1.11 32.76 -24.92
C ALA A 282 -2.19 33.84 -24.99
N VAL A 283 -1.83 35.01 -25.49
CA VAL A 283 -2.75 36.14 -25.54
C VAL A 283 -3.11 36.47 -26.99
N THR A 284 -4.41 36.61 -27.25
CA THR A 284 -4.89 36.89 -28.59
C THR A 284 -5.60 38.25 -28.67
N MET A 285 -5.83 38.71 -29.89
CA MET A 285 -6.55 39.95 -30.14
C MET A 285 -5.91 41.16 -29.47
N LEU A 286 -4.59 41.23 -29.50
CA LEU A 286 -3.87 42.37 -28.95
C LEU A 286 -4.09 43.58 -29.85
N ASP A 287 -4.39 43.31 -31.13
CA ASP A 287 -4.69 44.36 -32.09
C ASP A 287 -6.00 45.07 -31.75
N LYS A 288 -6.84 44.41 -30.98
CA LYS A 288 -8.09 44.98 -30.58
C LYS A 288 -7.91 45.81 -29.32
N TYR A 289 -6.89 45.51 -28.57
CA TYR A 289 -6.52 46.32 -27.41
C TYR A 289 -5.79 47.58 -27.85
N ASP A 290 -4.89 47.41 -28.82
CA ASP A 290 -4.17 48.53 -29.43
C ASP A 290 -3.94 48.24 -30.91
N LYS A 291 -4.54 49.03 -31.79
CA LYS A 291 -4.48 48.74 -33.21
C LYS A 291 -3.10 48.81 -33.79
N GLU A 292 -2.26 49.56 -33.14
CA GLU A 292 -0.91 49.77 -33.64
C GLU A 292 -0.08 48.49 -33.53
N ALA A 293 -0.63 47.50 -32.84
CA ALA A 293 0.05 46.23 -32.65
C ALA A 293 -0.32 45.24 -33.76
N PHE A 294 -1.16 45.69 -34.69
CA PHE A 294 -1.67 44.80 -35.72
C PHE A 294 -0.55 44.28 -36.62
N GLY A 295 -0.49 42.96 -36.78
CA GLY A 295 0.41 42.35 -37.75
C GLY A 295 1.82 42.13 -37.23
N VAL A 296 2.14 42.73 -36.09
CA VAL A 296 3.48 42.66 -35.53
C VAL A 296 3.90 41.23 -35.20
N THR A 297 5.13 40.87 -35.58
CA THR A 297 5.62 39.50 -35.38
C THR A 297 6.85 39.45 -34.49
N ASP A 298 7.36 40.60 -34.09
CA ASP A 298 8.48 40.63 -33.15
C ASP A 298 8.02 41.37 -31.90
N TYR A 299 8.49 40.90 -30.75
CA TYR A 299 7.99 41.41 -29.48
C TYR A 299 8.34 42.87 -29.24
N ASP A 300 9.58 43.25 -29.56
CA ASP A 300 10.08 44.58 -29.23
C ASP A 300 9.68 45.65 -30.24
N LYS A 301 8.92 45.26 -31.24
CA LYS A 301 8.44 46.23 -32.23
C LYS A 301 6.98 46.49 -31.92
N LEU A 302 6.49 45.86 -30.86
CA LEU A 302 5.15 46.15 -30.37
C LEU A 302 5.07 47.58 -29.86
N PRO A 303 3.92 48.22 -30.09
CA PRO A 303 3.73 49.51 -29.42
C PRO A 303 3.81 49.32 -27.91
N ARG A 304 4.13 50.41 -27.25
CA ARG A 304 4.35 50.46 -25.83
C ARG A 304 3.11 50.14 -24.98
N LYS A 305 1.95 50.61 -25.42
CA LYS A 305 0.71 50.37 -24.70
C LYS A 305 0.33 48.88 -24.74
N ALA A 306 0.75 48.21 -25.81
CA ALA A 306 0.59 46.77 -25.96
C ALA A 306 1.52 45.99 -25.04
N LYS A 307 2.75 46.48 -24.90
CA LYS A 307 3.77 45.78 -24.13
C LYS A 307 3.51 45.81 -22.63
N GLU A 308 2.96 46.91 -22.13
CA GLU A 308 2.64 47.00 -20.71
C GLU A 308 1.41 46.16 -20.35
N PHE A 309 0.69 45.71 -21.38
CA PHE A 309 -0.46 44.84 -21.16
C PHE A 309 0.05 43.41 -20.95
N ILE A 310 0.92 42.98 -21.86
CA ILE A 310 1.53 41.66 -21.78
C ILE A 310 2.32 41.50 -20.48
N GLU A 311 3.03 42.56 -20.09
CA GLU A 311 3.85 42.51 -18.88
C GLU A 311 2.99 42.61 -17.62
N GLU A 312 1.91 43.37 -17.69
CA GLU A 312 0.99 43.46 -16.55
C GLU A 312 0.34 42.10 -16.35
N ILE A 313 0.00 41.44 -17.45
CA ILE A 313 -0.52 40.09 -17.41
C ILE A 313 0.53 39.15 -16.82
N GLU A 314 1.73 39.17 -17.39
CA GLU A 314 2.79 38.27 -16.98
C GLU A 314 3.12 38.36 -15.49
N GLU A 315 2.95 39.53 -14.89
CA GLU A 315 3.26 39.67 -13.47
C GLU A 315 2.05 39.50 -12.55
N ARG A 316 0.86 39.87 -13.01
CA ARG A 316 -0.32 39.69 -12.17
C ARG A 316 -0.90 38.29 -12.29
N VAL A 317 -0.42 37.52 -13.27
CA VAL A 317 -0.86 36.13 -13.44
C VAL A 317 0.25 35.18 -13.01
N GLY A 318 1.49 35.62 -13.15
CA GLY A 318 2.65 34.84 -12.74
C GLY A 318 3.04 33.75 -13.71
N VAL A 319 2.64 33.90 -14.96
CA VAL A 319 2.96 32.91 -16.00
C VAL A 319 3.44 33.66 -17.24
N PRO A 320 4.59 33.25 -17.79
CA PRO A 320 5.13 33.88 -19.00
C PRO A 320 4.21 33.75 -20.20
N VAL A 321 4.15 34.79 -21.02
CA VAL A 321 3.37 34.75 -22.26
C VAL A 321 4.28 34.44 -23.44
N GLY A 322 4.17 33.22 -23.97
CA GLY A 322 5.05 32.78 -25.03
C GLY A 322 4.41 32.81 -26.41
N LEU A 323 3.15 33.24 -26.47
CA LEU A 323 2.44 33.34 -27.74
C LEU A 323 1.50 34.53 -27.77
N ILE A 324 1.74 35.47 -28.69
CA ILE A 324 0.89 36.64 -28.82
C ILE A 324 0.37 36.80 -30.25
N LYS A 325 -0.93 36.63 -30.42
CA LYS A 325 -1.56 36.75 -31.72
C LYS A 325 -1.99 38.20 -31.94
N THR A 326 -1.65 38.74 -33.11
CA THR A 326 -1.90 40.16 -33.39
C THR A 326 -2.89 40.36 -34.54
N GLY A 327 -3.63 39.31 -34.87
CA GLY A 327 -4.60 39.39 -35.95
C GLY A 327 -5.19 38.04 -36.30
N PRO A 328 -6.22 38.04 -37.16
CA PRO A 328 -6.94 36.83 -37.56
C PRO A 328 -6.07 35.84 -38.34
N GLU A 329 -5.08 36.34 -39.07
CA GLU A 329 -4.27 35.51 -39.93
C GLU A 329 -3.26 34.67 -39.15
N LEU A 330 -2.78 33.62 -39.80
CA LEU A 330 -1.80 32.71 -39.22
C LEU A 330 -0.51 33.45 -38.85
N GLU A 331 -0.07 34.29 -39.76
CA GLU A 331 1.21 34.98 -39.64
C GLU A 331 1.17 36.05 -38.56
N HIS A 332 -0.03 36.46 -38.18
CA HIS A 332 -0.21 37.50 -37.17
C HIS A 332 0.08 36.94 -35.78
N ILE A 333 1.33 36.55 -35.55
CA ILE A 333 1.68 35.89 -34.31
C ILE A 333 3.11 36.21 -33.87
N ILE A 334 3.28 36.42 -32.57
CA ILE A 334 4.59 36.59 -31.97
C ILE A 334 4.94 35.34 -31.17
N ASP A 335 6.06 34.71 -31.50
CA ASP A 335 6.43 33.45 -30.88
C ASP A 335 7.64 33.62 -29.96
N ARG A 336 7.38 33.89 -28.69
CA ARG A 336 8.45 34.06 -27.70
C ARG A 336 8.67 32.80 -26.88
N ARG A 337 8.67 31.64 -27.55
CA ARG A 337 8.87 30.37 -26.88
C ARG A 337 10.30 30.25 -26.33
N ASP A 338 11.16 31.17 -26.75
CA ASP A 338 12.55 31.17 -26.31
C ASP A 338 12.78 32.23 -25.23
N THR A 339 11.73 32.53 -24.47
CA THR A 339 11.82 33.51 -23.40
C THR A 339 10.71 33.32 -22.37
N PRO B 3 6.16 17.22 -2.89
CA PRO B 3 5.66 16.70 -4.17
C PRO B 3 4.16 16.43 -4.17
N SER B 4 3.69 15.75 -5.21
CA SER B 4 2.29 15.38 -5.35
C SER B 4 2.12 13.91 -5.71
N VAL B 5 1.26 13.23 -4.97
CA VAL B 5 0.97 11.83 -5.23
C VAL B 5 -0.53 11.59 -5.37
N ILE B 6 -0.92 10.93 -6.45
CA ILE B 6 -2.30 10.58 -6.68
C ILE B 6 -2.49 9.06 -6.68
N VAL B 7 -3.45 8.59 -5.89
CA VAL B 7 -3.71 7.15 -5.78
C VAL B 7 -5.01 6.79 -6.49
N VAL B 8 -4.91 5.88 -7.46
CA VAL B 8 -6.08 5.43 -8.21
C VAL B 8 -6.12 3.91 -8.37
N GLY B 9 -7.29 3.38 -8.71
CA GLY B 9 -7.47 1.95 -8.88
C GLY B 9 -7.20 1.48 -10.30
N GLY B 10 -6.67 0.26 -10.43
CA GLY B 10 -6.31 -0.27 -11.74
C GLY B 10 -7.25 -1.31 -12.29
N GLN B 11 -8.21 -1.74 -11.48
CA GLN B 11 -9.19 -2.74 -11.90
C GLN B 11 -10.62 -2.21 -11.78
N TRP B 12 -11.47 -2.94 -11.05
CA TRP B 12 -12.86 -2.54 -10.90
C TRP B 12 -13.15 -2.05 -9.50
N GLY B 13 -12.22 -1.30 -8.92
CA GLY B 13 -12.38 -0.78 -7.58
C GLY B 13 -12.03 -1.82 -6.53
N ASP B 14 -12.06 -1.39 -5.27
CA ASP B 14 -11.81 -2.24 -4.12
C ASP B 14 -10.44 -2.91 -4.13
N GLU B 15 -9.46 -2.27 -4.76
CA GLU B 15 -8.12 -2.83 -4.87
C GLU B 15 -7.29 -2.61 -3.60
N GLY B 16 -7.83 -1.84 -2.65
CA GLY B 16 -7.13 -1.56 -1.42
C GLY B 16 -6.56 -0.15 -1.39
N LYS B 17 -7.20 0.74 -2.14
CA LYS B 17 -6.76 2.13 -2.24
C LYS B 17 -6.73 2.81 -0.87
N GLY B 18 -7.75 2.56 -0.07
CA GLY B 18 -7.85 3.14 1.25
C GLY B 18 -6.67 2.76 2.12
N SER B 19 -6.34 1.48 2.12
CA SER B 19 -5.26 0.96 2.96
C SER B 19 -3.91 1.53 2.56
N ILE B 20 -3.79 1.97 1.33
CA ILE B 20 -2.53 2.50 0.81
C ILE B 20 -2.40 3.99 1.09
N VAL B 21 -3.47 4.73 0.85
CA VAL B 21 -3.52 6.13 1.25
C VAL B 21 -3.30 6.20 2.77
N ALA B 22 -3.82 5.19 3.46
CA ALA B 22 -3.58 5.03 4.88
C ALA B 22 -2.10 5.03 5.21
N TYR B 23 -1.36 4.05 4.68
CA TYR B 23 0.06 3.91 4.99
C TYR B 23 0.81 5.19 4.64
N LEU B 24 0.56 5.71 3.44
CA LEU B 24 1.26 6.90 2.95
C LEU B 24 1.02 8.13 3.83
N SER B 25 -0.20 8.23 4.37
CA SER B 25 -0.52 9.35 5.25
C SER B 25 0.37 9.34 6.48
N LEU B 26 0.34 8.21 7.20
CA LEU B 26 1.11 8.05 8.42
C LEU B 26 2.62 8.10 8.15
N HIS B 27 3.05 7.41 7.10
CA HIS B 27 4.47 7.25 6.82
C HIS B 27 5.15 8.51 6.28
N ASP B 28 4.55 9.15 5.28
CA ASP B 28 5.20 10.27 4.60
C ASP B 28 4.79 11.61 5.18
N GLU B 29 3.77 11.60 6.03
CA GLU B 29 3.28 12.82 6.69
C GLU B 29 2.98 13.95 5.71
N PRO B 30 1.90 13.83 4.93
CA PRO B 30 1.52 14.94 4.05
C PRO B 30 0.76 16.03 4.79
N GLU B 31 0.91 17.28 4.36
CA GLU B 31 0.15 18.38 4.95
C GLU B 31 -1.33 18.26 4.57
N ILE B 32 -1.59 17.91 3.32
CA ILE B 32 -2.97 17.78 2.84
C ILE B 32 -3.22 16.37 2.30
N ILE B 33 -4.48 15.95 2.33
CA ILE B 33 -4.86 14.64 1.84
C ILE B 33 -6.25 14.66 1.20
N ALA B 34 -6.36 15.35 0.07
CA ALA B 34 -7.63 15.45 -0.64
C ALA B 34 -8.07 14.10 -1.19
N ARG B 35 -9.35 14.00 -1.53
CA ARG B 35 -9.91 12.76 -2.06
C ARG B 35 -10.87 13.03 -3.20
N GLY B 36 -10.54 12.52 -4.38
CA GLY B 36 -11.38 12.70 -5.55
C GLY B 36 -12.46 11.66 -5.67
N GLY B 37 -12.62 11.10 -6.87
CA GLY B 37 -13.62 10.09 -7.13
C GLY B 37 -14.97 10.67 -7.50
N VAL B 38 -15.99 9.88 -7.34
CA VAL B 38 -17.30 10.34 -7.64
C VAL B 38 -17.97 10.88 -6.43
N GLY B 39 -18.04 10.09 -5.39
CA GLY B 39 -18.77 10.51 -4.21
C GLY B 39 -18.78 9.51 -3.13
N THR B 40 -19.96 9.27 -2.61
CA THR B 40 -20.11 8.38 -1.50
C THR B 40 -20.36 6.95 -1.87
N ASN B 41 -20.29 6.64 -3.13
CA ASN B 41 -20.55 5.32 -3.58
C ASN B 41 -19.37 4.45 -3.33
N ALA B 42 -18.32 5.06 -2.82
CA ALA B 42 -17.07 4.37 -2.53
C ALA B 42 -17.01 3.95 -1.08
N GLY B 43 -16.46 2.76 -0.85
CA GLY B 43 -16.24 2.25 0.49
C GLY B 43 -14.77 1.90 0.65
N HIS B 44 -14.06 2.73 1.41
CA HIS B 44 -12.63 2.56 1.61
C HIS B 44 -12.35 2.10 3.03
N SER B 45 -11.73 0.93 3.16
CA SER B 45 -11.47 0.36 4.47
C SER B 45 -10.00 0.37 4.86
N VAL B 46 -9.75 0.50 6.16
CA VAL B 46 -8.41 0.48 6.72
C VAL B 46 -8.45 -0.21 8.08
N VAL B 47 -7.42 -1.00 8.39
CA VAL B 47 -7.32 -1.60 9.71
C VAL B 47 -6.25 -0.88 10.51
N ILE B 48 -6.66 -0.27 11.62
CA ILE B 48 -5.73 0.46 12.48
C ILE B 48 -5.53 -0.27 13.81
N ASN B 49 -4.42 -0.98 13.91
CA ASN B 49 -4.09 -1.76 15.11
C ASN B 49 -5.24 -2.67 15.57
N GLY B 50 -5.82 -3.40 14.63
CA GLY B 50 -6.87 -4.35 14.93
C GLY B 50 -8.29 -3.82 14.81
N LYS B 51 -8.43 -2.53 14.54
CA LYS B 51 -9.75 -1.94 14.39
C LYS B 51 -10.00 -1.49 12.95
N LYS B 52 -10.89 -2.17 12.25
CA LYS B 52 -11.15 -1.84 10.86
C LYS B 52 -12.17 -0.70 10.73
N TYR B 53 -11.77 0.32 9.98
CA TYR B 53 -12.65 1.45 9.70
C TYR B 53 -13.12 1.42 8.25
N ALA B 54 -14.14 2.21 7.95
CA ALA B 54 -14.67 2.28 6.59
C ALA B 54 -15.31 3.65 6.34
N VAL B 55 -14.74 4.39 5.39
CA VAL B 55 -15.22 5.74 5.09
C VAL B 55 -15.72 5.84 3.65
N ARG B 56 -16.59 6.83 3.43
CA ARG B 56 -17.20 7.03 2.13
C ARG B 56 -17.00 8.47 1.66
N GLN B 57 -17.03 9.40 2.62
CA GLN B 57 -16.91 10.82 2.30
C GLN B 57 -15.55 11.38 2.74
N ILE B 58 -15.23 11.21 4.02
CA ILE B 58 -13.94 11.65 4.54
C ILE B 58 -12.83 10.77 3.99
N PRO B 59 -11.74 11.40 3.50
CA PRO B 59 -10.62 10.66 2.92
C PRO B 59 -9.97 9.71 3.90
N THR B 60 -9.60 8.52 3.45
CA THR B 60 -8.73 7.67 4.26
C THR B 60 -7.47 8.49 4.48
N GLY B 61 -7.01 8.57 5.72
CA GLY B 61 -5.92 9.46 6.05
C GLY B 61 -6.31 10.35 7.21
N PHE B 62 -7.51 10.13 7.72
CA PHE B 62 -7.99 10.82 8.92
C PHE B 62 -7.12 10.44 10.12
N MET B 63 -6.59 9.22 10.06
CA MET B 63 -5.51 8.73 10.91
C MET B 63 -4.49 9.80 11.27
N GLN B 64 -4.01 10.52 10.24
CA GLN B 64 -2.99 11.55 10.43
C GLN B 64 -3.58 12.80 11.04
N THR B 65 -3.26 13.04 12.31
CA THR B 65 -3.84 14.16 13.03
C THR B 65 -3.22 15.49 12.64
N LYS B 66 -1.99 15.46 12.13
CA LYS B 66 -1.34 16.68 11.66
C LYS B 66 -1.99 17.20 10.37
N ALA B 67 -2.57 16.32 9.56
CA ALA B 67 -3.07 16.73 8.26
C ALA B 67 -4.42 17.39 8.03
N ARG B 68 -4.49 18.19 6.97
CA ARG B 68 -5.73 18.81 6.54
C ARG B 68 -6.47 17.86 5.60
N LEU B 69 -7.75 17.61 5.88
CA LEU B 69 -8.53 16.67 5.08
C LEU B 69 -9.49 17.40 4.16
N LEU B 70 -9.34 17.19 2.85
CA LEU B 70 -10.10 17.97 1.89
C LEU B 70 -10.95 17.12 0.93
N ILE B 71 -12.02 17.73 0.40
CA ILE B 71 -12.86 17.08 -0.59
C ILE B 71 -13.02 17.99 -1.81
N GLY B 72 -12.44 17.57 -2.92
CA GLY B 72 -12.41 18.36 -4.14
C GLY B 72 -13.77 18.70 -4.72
N ALA B 73 -13.83 19.79 -5.47
CA ALA B 73 -15.08 20.29 -6.04
C ALA B 73 -15.74 19.30 -6.98
N GLY B 74 -14.94 18.44 -7.62
CA GLY B 74 -15.47 17.47 -8.56
C GLY B 74 -16.19 16.31 -7.90
N VAL B 75 -16.15 16.27 -6.57
CA VAL B 75 -16.76 15.18 -5.81
C VAL B 75 -18.18 15.52 -5.37
N LEU B 76 -19.04 14.50 -5.33
CA LEU B 76 -20.39 14.67 -4.80
C LEU B 76 -20.38 14.55 -3.28
N VAL B 77 -21.20 15.35 -2.62
CA VAL B 77 -21.26 15.34 -1.15
C VAL B 77 -22.65 14.98 -0.63
N ASP B 78 -22.71 13.93 0.19
CA ASP B 78 -23.92 13.54 0.88
C ASP B 78 -23.83 13.99 2.33
N PRO B 79 -24.53 15.07 2.69
CA PRO B 79 -24.48 15.69 4.02
C PRO B 79 -24.69 14.70 5.16
N GLU B 80 -25.66 13.82 5.02
CA GLU B 80 -25.96 12.81 6.03
C GLU B 80 -24.75 11.92 6.28
N VAL B 81 -24.15 11.44 5.19
CA VAL B 81 -22.98 10.58 5.30
C VAL B 81 -21.80 11.35 5.90
N PHE B 82 -21.62 12.58 5.44
CA PHE B 82 -20.52 13.42 5.90
C PHE B 82 -20.59 13.66 7.42
N PHE B 83 -21.79 13.94 7.91
CA PHE B 83 -21.96 14.18 9.34
C PHE B 83 -21.85 12.88 10.13
N HIS B 84 -22.36 11.80 9.57
CA HIS B 84 -22.26 10.49 10.22
C HIS B 84 -20.80 10.08 10.39
N GLU B 85 -19.98 10.39 9.39
CA GLU B 85 -18.57 10.01 9.44
C GLU B 85 -17.75 10.98 10.30
N LEU B 86 -18.27 12.19 10.49
CA LEU B 86 -17.66 13.10 11.46
C LEU B 86 -17.84 12.49 12.84
N GLU B 87 -19.03 11.94 13.06
CA GLU B 87 -19.37 11.27 14.31
C GLU B 87 -18.67 9.91 14.40
N GLN B 88 -18.62 9.16 13.31
CA GLN B 88 -18.01 7.84 13.36
C GLN B 88 -16.50 7.93 13.67
N LEU B 89 -15.90 9.10 13.40
CA LEU B 89 -14.45 9.29 13.59
C LEU B 89 -13.95 10.37 14.60
N LYS B 90 -14.67 10.64 15.67
CA LYS B 90 -14.30 11.73 16.60
C LYS B 90 -12.92 11.72 17.23
N ASP B 91 -12.44 10.54 17.57
CA ASP B 91 -11.22 10.44 18.37
C ASP B 91 -10.04 10.95 17.56
N PHE B 92 -10.26 11.14 16.28
CA PHE B 92 -9.26 11.69 15.39
C PHE B 92 -9.51 13.17 15.16
N ASN B 93 -10.55 13.69 15.80
CA ASN B 93 -11.00 15.08 15.64
C ASN B 93 -10.99 15.51 14.17
N VAL B 94 -11.83 14.85 13.37
CA VAL B 94 -11.91 15.12 11.93
C VAL B 94 -12.67 16.41 11.66
N LYS B 95 -13.63 16.71 12.53
CA LYS B 95 -14.54 17.82 12.37
C LYS B 95 -13.80 19.17 12.23
N ASP B 96 -12.65 19.29 12.88
CA ASP B 96 -11.90 20.53 12.85
C ASP B 96 -10.88 20.60 11.71
N ARG B 97 -10.43 19.43 11.26
CA ARG B 97 -9.40 19.36 10.23
C ARG B 97 -9.96 19.16 8.81
N VAL B 98 -11.29 19.12 8.70
CA VAL B 98 -11.92 18.80 7.41
C VAL B 98 -12.35 20.06 6.66
N GLY B 99 -12.37 19.97 5.34
CA GLY B 99 -12.78 21.08 4.49
C GLY B 99 -13.45 20.60 3.23
N ILE B 100 -14.67 21.07 3.00
CA ILE B 100 -15.41 20.76 1.79
C ILE B 100 -15.35 21.93 0.82
N ASP B 101 -14.98 21.64 -0.43
CA ASP B 101 -14.97 22.67 -1.46
C ASP B 101 -16.40 23.18 -1.64
N TYR B 102 -16.56 24.50 -1.65
CA TYR B 102 -17.89 25.11 -1.68
C TYR B 102 -18.61 24.89 -3.01
N ARG B 103 -17.92 24.31 -3.98
CA ARG B 103 -18.49 24.10 -5.31
C ARG B 103 -18.90 22.64 -5.53
N CYS B 104 -18.76 21.81 -4.50
CA CYS B 104 -19.18 20.41 -4.58
C CYS B 104 -20.68 20.32 -4.80
N ALA B 105 -21.10 19.34 -5.60
CA ALA B 105 -22.51 19.11 -5.82
C ALA B 105 -23.09 18.24 -4.71
N ILE B 106 -24.39 18.38 -4.45
CA ILE B 106 -25.01 17.75 -3.30
C ILE B 106 -25.90 16.55 -3.66
N ILE B 107 -25.69 15.44 -2.97
CA ILE B 107 -26.58 14.29 -3.10
C ILE B 107 -27.81 14.47 -2.21
N GLU B 108 -28.98 14.57 -2.85
CA GLU B 108 -30.24 14.70 -2.11
C GLU B 108 -30.94 13.34 -2.09
N GLU B 109 -31.98 13.21 -1.27
CA GLU B 109 -32.64 11.92 -1.10
C GLU B 109 -33.43 11.51 -2.34
N LYS B 110 -33.82 12.49 -3.14
CA LYS B 110 -34.46 12.22 -4.42
C LYS B 110 -33.52 11.41 -5.32
N HIS B 111 -32.22 11.69 -5.22
CA HIS B 111 -31.22 11.00 -6.00
C HIS B 111 -31.04 9.57 -5.52
N LYS B 112 -30.95 9.40 -4.20
CA LYS B 112 -30.78 8.08 -3.60
C LYS B 112 -31.92 7.13 -3.95
N GLN B 113 -33.16 7.60 -3.83
CA GLN B 113 -34.32 6.74 -4.11
C GLN B 113 -34.33 6.23 -5.54
N LEU B 114 -34.08 7.13 -6.49
CA LEU B 114 -34.05 6.76 -7.90
C LEU B 114 -32.94 5.76 -8.20
N ASP B 115 -31.81 5.90 -7.50
CA ASP B 115 -30.67 5.03 -7.71
C ASP B 115 -30.93 3.62 -7.17
N ARG B 116 -31.79 3.52 -6.16
CA ARG B 116 -32.05 2.24 -5.50
C ARG B 116 -33.26 1.50 -6.08
N THR B 117 -34.11 2.22 -6.81
CA THR B 117 -35.39 1.69 -7.25
C THR B 117 -35.46 1.47 -8.75
N ASN B 118 -34.80 2.33 -9.52
CA ASN B 118 -34.94 2.32 -10.97
C ASN B 118 -34.41 1.00 -11.55
N GLY B 119 -35.22 0.38 -12.41
CA GLY B 119 -34.91 -0.91 -12.98
C GLY B 119 -33.60 -1.01 -13.74
N TYR B 120 -33.22 0.09 -14.40
CA TYR B 120 -31.98 0.10 -15.17
C TYR B 120 -30.74 0.21 -14.28
N LEU B 121 -30.72 1.22 -13.43
CA LEU B 121 -29.55 1.48 -12.59
C LEU B 121 -29.40 0.44 -11.49
N HIS B 122 -30.52 0.08 -10.86
CA HIS B 122 -30.51 -0.88 -9.76
C HIS B 122 -30.49 -2.32 -10.27
N GLY B 123 -31.28 -2.60 -11.30
CA GLY B 123 -31.44 -3.96 -11.77
C GLY B 123 -30.37 -4.45 -12.73
N LYS B 124 -30.02 -3.66 -13.73
CA LYS B 124 -29.06 -4.15 -14.72
C LYS B 124 -27.60 -3.93 -14.38
N ILE B 125 -27.27 -2.77 -13.81
CA ILE B 125 -25.85 -2.41 -13.70
C ILE B 125 -25.07 -3.23 -12.65
N GLY B 126 -25.49 -3.32 -11.38
CA GLY B 126 -26.54 -2.54 -10.75
C GLY B 126 -25.81 -1.63 -9.78
N THR B 127 -26.24 -0.38 -9.66
CA THR B 127 -25.46 0.63 -8.95
C THR B 127 -25.36 0.40 -7.45
N THR B 128 -24.79 1.38 -6.76
CA THR B 128 -24.54 1.28 -5.33
C THR B 128 -25.76 1.71 -4.53
N GLY B 129 -26.47 2.71 -5.04
CA GLY B 129 -27.65 3.23 -4.37
C GLY B 129 -27.31 4.47 -3.59
N SER B 130 -26.07 4.93 -3.74
CA SER B 130 -25.61 6.13 -3.05
C SER B 130 -26.26 7.37 -3.67
N GLY B 131 -26.75 7.23 -4.90
CA GLY B 131 -27.38 8.33 -5.60
C GLY B 131 -26.37 9.17 -6.37
N CYS B 132 -25.16 8.66 -6.47
CA CYS B 132 -24.10 9.36 -7.19
C CYS B 132 -24.42 9.52 -8.67
N GLY B 133 -25.02 8.48 -9.25
CA GLY B 133 -25.44 8.51 -10.64
C GLY B 133 -26.39 9.65 -10.97
N PRO B 134 -27.61 9.59 -10.41
CA PRO B 134 -28.63 10.64 -10.63
C PRO B 134 -28.17 12.04 -10.22
N ALA B 135 -27.29 12.13 -9.21
CA ALA B 135 -26.79 13.42 -8.76
C ALA B 135 -25.93 14.06 -9.85
N ASN B 136 -25.02 13.28 -10.41
CA ASN B 136 -24.17 13.76 -11.50
C ASN B 136 -25.00 14.14 -12.72
N ALA B 137 -26.07 13.39 -12.96
CA ALA B 137 -27.00 13.71 -14.04
C ALA B 137 -27.63 15.07 -13.78
N ASP B 138 -28.01 15.32 -12.54
CA ASP B 138 -28.58 16.61 -12.16
C ASP B 138 -27.52 17.70 -12.22
N ARG B 139 -26.28 17.33 -11.98
CA ARG B 139 -25.17 18.29 -12.05
C ARG B 139 -24.85 18.62 -13.50
N VAL B 140 -24.82 17.60 -14.36
CA VAL B 140 -24.60 17.80 -15.78
C VAL B 140 -25.71 18.66 -16.36
N MET B 141 -26.93 18.41 -15.90
CA MET B 141 -28.07 19.22 -16.28
C MET B 141 -28.05 20.57 -15.57
N ARG B 142 -27.08 20.75 -14.68
CA ARG B 142 -26.90 22.01 -13.93
C ARG B 142 -28.15 22.37 -13.12
N LYS B 143 -28.72 21.35 -12.49
CA LYS B 143 -29.91 21.50 -11.66
C LYS B 143 -29.58 21.20 -10.20
N ALA B 144 -28.43 20.58 -9.99
CA ALA B 144 -27.97 20.17 -8.66
C ALA B 144 -27.61 21.35 -7.76
N LYS B 145 -27.66 21.11 -6.45
CA LYS B 145 -27.30 22.11 -5.47
C LYS B 145 -25.81 22.05 -5.19
N GLN B 146 -25.21 23.17 -4.83
CA GLN B 146 -23.80 23.18 -4.45
C GLN B 146 -23.66 23.24 -2.93
N ALA B 147 -22.49 22.88 -2.43
CA ALA B 147 -22.26 22.88 -0.99
C ALA B 147 -22.45 24.25 -0.35
N LYS B 148 -22.17 25.32 -1.11
CA LYS B 148 -22.37 26.69 -0.63
C LYS B 148 -23.83 26.92 -0.24
N ASP B 149 -24.73 26.18 -0.88
CA ASP B 149 -26.16 26.42 -0.71
C ASP B 149 -26.73 25.58 0.43
N VAL B 150 -25.89 24.71 1.00
CA VAL B 150 -26.30 23.93 2.17
C VAL B 150 -25.77 24.61 3.42
N LYS B 151 -26.66 25.17 4.22
CA LYS B 151 -26.26 25.97 5.36
C LYS B 151 -25.62 25.13 6.45
N GLU B 152 -25.96 23.85 6.48
CA GLU B 152 -25.46 22.95 7.52
C GLU B 152 -23.97 22.66 7.28
N LEU B 153 -23.50 23.02 6.08
CA LEU B 153 -22.13 22.73 5.67
C LEU B 153 -21.21 23.95 5.73
N GLU B 154 -21.78 25.10 6.07
CA GLU B 154 -21.02 26.35 6.03
C GLU B 154 -19.73 26.39 6.87
N PRO B 155 -19.73 25.80 8.09
CA PRO B 155 -18.48 25.84 8.86
C PRO B 155 -17.32 25.08 8.20
N TYR B 156 -17.61 24.22 7.23
CA TYR B 156 -16.59 23.38 6.64
C TYR B 156 -16.24 23.79 5.22
N LEU B 157 -16.93 24.81 4.72
CA LEU B 157 -16.73 25.29 3.34
C LEU B 157 -15.34 25.91 3.15
N THR B 158 -14.71 25.58 2.04
CA THR B 158 -13.41 26.14 1.68
C THR B 158 -13.12 26.06 0.18
N ASP B 159 -11.92 26.48 -0.20
CA ASP B 159 -11.45 26.36 -1.58
C ASP B 159 -10.34 25.32 -1.65
N VAL B 160 -10.70 24.09 -1.99
CA VAL B 160 -9.74 23.00 -1.99
C VAL B 160 -8.67 23.24 -3.06
N ALA B 161 -9.10 23.77 -4.21
CA ALA B 161 -8.18 24.07 -5.30
C ALA B 161 -7.10 25.04 -4.85
N GLN B 162 -7.52 26.07 -4.12
CA GLN B 162 -6.60 27.08 -3.60
C GLN B 162 -5.65 26.50 -2.55
N GLU B 163 -6.22 25.81 -1.55
CA GLU B 163 -5.44 25.21 -0.47
C GLU B 163 -4.36 24.26 -0.98
N ILE B 164 -4.75 23.39 -1.92
CA ILE B 164 -3.82 22.40 -2.45
C ILE B 164 -2.70 23.06 -3.23
N ASN B 165 -3.06 24.01 -4.08
CA ASN B 165 -2.09 24.73 -4.89
C ASN B 165 -1.18 25.60 -4.02
N ASP B 166 -1.78 26.22 -3.01
CA ASP B 166 -1.00 27.02 -2.06
C ASP B 166 0.02 26.16 -1.33
N ALA B 167 -0.36 24.92 -1.05
CA ALA B 167 0.51 23.98 -0.36
C ALA B 167 1.65 23.53 -1.26
N LEU B 168 1.35 23.28 -2.52
CA LEU B 168 2.34 22.80 -3.47
C LEU B 168 3.41 23.87 -3.73
N ASP B 169 3.06 25.12 -3.48
CA ASP B 169 3.99 26.22 -3.66
C ASP B 169 5.00 26.27 -2.51
N GLU B 170 4.55 25.92 -1.31
CA GLU B 170 5.42 25.93 -0.14
C GLU B 170 6.30 24.68 -0.09
N GLY B 171 6.13 23.80 -1.08
CA GLY B 171 6.94 22.61 -1.17
C GLY B 171 6.33 21.43 -0.43
N SER B 172 5.21 21.68 0.24
CA SER B 172 4.53 20.65 1.05
C SER B 172 4.07 19.47 0.20
N LEU B 173 3.86 18.33 0.86
CA LEU B 173 3.39 17.12 0.19
C LEU B 173 1.86 17.04 0.21
N VAL B 174 1.27 16.75 -0.94
CA VAL B 174 -0.18 16.61 -1.04
C VAL B 174 -0.57 15.24 -1.57
N LEU B 175 -1.33 14.50 -0.79
CA LEU B 175 -1.78 13.18 -1.16
C LEU B 175 -3.23 13.23 -1.62
N VAL B 176 -3.51 12.68 -2.80
CA VAL B 176 -4.85 12.74 -3.37
C VAL B 176 -5.45 11.35 -3.58
N GLU B 177 -6.64 11.14 -3.05
CA GLU B 177 -7.31 9.85 -3.10
C GLU B 177 -8.45 9.82 -4.12
N GLY B 178 -8.38 8.87 -5.05
CA GLY B 178 -9.43 8.66 -6.02
C GLY B 178 -10.33 7.51 -5.63
N THR B 179 -11.44 7.35 -6.34
CA THR B 179 -12.38 6.27 -6.05
C THR B 179 -12.50 5.31 -7.23
N GLN B 180 -12.93 4.08 -6.95
CA GLN B 180 -13.09 3.02 -7.95
C GLN B 180 -11.82 2.49 -8.61
N GLY B 181 -11.95 2.11 -9.88
CA GLY B 181 -10.83 1.57 -10.62
C GLY B 181 -11.04 1.90 -12.09
N PHE B 182 -10.00 1.67 -12.89
CA PHE B 182 -10.03 1.95 -14.32
C PHE B 182 -11.17 1.26 -15.04
N GLY B 183 -11.47 0.03 -14.63
CA GLY B 183 -12.50 -0.77 -15.29
C GLY B 183 -13.89 -0.19 -15.14
N LEU B 184 -14.04 0.73 -14.19
CA LEU B 184 -15.33 1.36 -13.94
C LEU B 184 -15.38 2.77 -14.52
N SER B 185 -14.37 3.14 -15.29
CA SER B 185 -14.32 4.48 -15.88
C SER B 185 -15.45 4.70 -16.88
N LEU B 186 -16.11 5.84 -16.77
CA LEU B 186 -17.20 6.19 -17.66
C LEU B 186 -16.73 6.21 -19.12
N TYR B 187 -15.48 6.58 -19.32
CA TYR B 187 -14.91 6.67 -20.66
C TYR B 187 -14.30 5.34 -21.10
N TYR B 188 -13.37 4.84 -20.30
CA TYR B 188 -12.50 3.74 -20.72
C TYR B 188 -12.85 2.40 -20.07
N GLY B 189 -13.82 2.41 -19.16
CA GLY B 189 -14.21 1.18 -18.50
C GLY B 189 -15.12 0.33 -19.35
N THR B 190 -15.85 -0.57 -18.69
CA THR B 190 -16.75 -1.48 -19.39
C THR B 190 -18.15 -0.90 -19.49
N TYR B 191 -18.28 0.18 -20.25
CA TYR B 191 -19.57 0.83 -20.47
C TYR B 191 -20.59 -0.18 -21.02
N PRO B 192 -21.83 -0.14 -20.51
CA PRO B 192 -22.37 0.80 -19.53
C PRO B 192 -22.21 0.34 -18.09
N TYR B 193 -21.53 -0.78 -17.87
CA TYR B 193 -21.32 -1.30 -16.53
C TYR B 193 -20.16 -0.57 -15.87
N VAL B 194 -20.33 0.73 -15.66
CA VAL B 194 -19.29 1.58 -15.08
C VAL B 194 -19.90 2.53 -14.08
N THR B 195 -19.08 3.41 -13.51
CA THR B 195 -19.59 4.45 -12.62
C THR B 195 -19.93 5.69 -13.46
N SER B 196 -20.39 6.75 -12.81
CA SER B 196 -20.94 7.90 -13.52
C SER B 196 -19.92 8.96 -13.92
N LYS B 197 -18.65 8.57 -14.00
CA LYS B 197 -17.58 9.56 -14.18
C LYS B 197 -16.25 8.87 -14.49
N ASP B 198 -15.38 9.53 -15.24
CA ASP B 198 -14.04 9.00 -15.46
C ASP B 198 -13.30 8.99 -14.12
N VAL B 199 -12.41 8.02 -13.95
CA VAL B 199 -11.84 7.75 -12.65
C VAL B 199 -10.30 7.76 -12.68
N THR B 200 -9.75 7.82 -13.89
CA THR B 200 -8.29 7.89 -14.07
C THR B 200 -7.68 9.08 -13.35
N ALA B 201 -6.35 9.05 -13.21
CA ALA B 201 -5.62 10.04 -12.42
C ALA B 201 -5.85 11.47 -12.90
N SER B 202 -6.01 11.65 -14.21
CA SER B 202 -6.24 12.97 -14.77
C SER B 202 -7.56 13.55 -14.29
N SER B 203 -8.58 12.71 -14.25
CA SER B 203 -9.88 13.11 -13.75
C SER B 203 -9.80 13.42 -12.26
N VAL B 204 -9.10 12.56 -11.52
CA VAL B 204 -8.90 12.75 -10.09
C VAL B 204 -8.17 14.06 -9.82
N ALA B 205 -7.20 14.38 -10.67
CA ALA B 205 -6.47 15.64 -10.56
C ALA B 205 -7.41 16.83 -10.78
N ALA B 206 -8.31 16.70 -11.73
CA ALA B 206 -9.28 17.76 -12.02
C ALA B 206 -10.29 17.91 -10.89
N ASP B 207 -10.52 16.82 -10.17
CA ASP B 207 -11.51 16.82 -9.10
C ASP B 207 -11.09 17.72 -7.93
N VAL B 208 -9.80 17.71 -7.62
CA VAL B 208 -9.28 18.47 -6.50
C VAL B 208 -8.82 19.87 -6.91
N GLY B 209 -8.51 20.04 -8.18
CA GLY B 209 -8.08 21.33 -8.70
C GLY B 209 -6.59 21.42 -8.94
N ILE B 210 -6.04 20.39 -9.60
CA ILE B 210 -4.60 20.33 -9.87
C ILE B 210 -4.32 20.13 -11.35
N GLY B 211 -3.54 21.04 -11.93
CA GLY B 211 -3.11 20.90 -13.31
C GLY B 211 -2.25 19.67 -13.49
N PRO B 212 -2.27 19.06 -14.68
CA PRO B 212 -1.54 17.81 -14.92
C PRO B 212 -0.03 17.96 -14.71
N THR B 213 0.49 19.15 -14.95
CA THR B 213 1.92 19.42 -14.80
C THR B 213 2.34 19.42 -13.33
N ARG B 214 1.39 19.67 -12.44
CA ARG B 214 1.65 19.76 -11.00
C ARG B 214 1.64 18.38 -10.33
N VAL B 215 1.32 17.34 -11.10
CA VAL B 215 1.25 15.98 -10.57
C VAL B 215 2.58 15.24 -10.71
N ASP B 216 3.27 15.04 -9.58
CA ASP B 216 4.58 14.37 -9.61
C ASP B 216 4.49 12.85 -9.71
N GLU B 217 3.72 12.22 -8.85
CA GLU B 217 3.65 10.77 -8.82
C GLU B 217 2.23 10.24 -8.97
N VAL B 218 2.08 9.11 -9.67
CA VAL B 218 0.79 8.49 -9.84
C VAL B 218 0.85 7.01 -9.47
N ILE B 219 0.23 6.66 -8.35
CA ILE B 219 0.18 5.29 -7.89
C ILE B 219 -1.12 4.62 -8.32
N VAL B 220 -0.99 3.52 -9.07
CA VAL B 220 -2.16 2.76 -9.49
C VAL B 220 -2.23 1.45 -8.71
N VAL B 221 -3.31 1.28 -7.96
CA VAL B 221 -3.43 0.15 -7.05
C VAL B 221 -4.06 -1.09 -7.70
N PHE B 222 -3.40 -2.23 -7.52
CA PHE B 222 -3.91 -3.51 -7.99
C PHE B 222 -4.00 -4.52 -6.83
N LYS B 223 -5.00 -5.40 -6.89
CA LYS B 223 -5.09 -6.50 -5.94
C LYS B 223 -4.71 -7.80 -6.63
N SER B 224 -4.24 -8.77 -5.85
CA SER B 224 -3.79 -10.04 -6.38
C SER B 224 -4.88 -10.74 -7.18
N PHE B 225 -6.12 -10.65 -6.71
CA PHE B 225 -7.26 -11.20 -7.42
C PHE B 225 -8.32 -10.14 -7.62
N PRO B 226 -8.47 -9.65 -8.86
CA PRO B 226 -9.41 -8.57 -9.16
C PRO B 226 -10.84 -8.93 -8.77
N THR B 227 -11.63 -7.93 -8.37
CA THR B 227 -13.00 -8.17 -7.97
C THR B 227 -13.98 -7.24 -8.66
N ARG B 228 -15.21 -7.71 -8.82
CA ARG B 228 -16.29 -6.90 -9.39
C ARG B 228 -17.54 -6.97 -8.52
N VAL B 229 -18.05 -5.81 -8.14
CA VAL B 229 -19.37 -5.76 -7.51
C VAL B 229 -20.38 -5.36 -8.57
N GLY B 230 -21.46 -6.13 -8.67
CA GLY B 230 -22.49 -5.86 -9.66
C GLY B 230 -22.20 -6.58 -10.96
N ALA B 231 -23.02 -6.30 -11.97
CA ALA B 231 -22.93 -6.99 -13.24
C ALA B 231 -21.85 -6.37 -14.13
N GLY B 232 -21.64 -6.98 -15.30
CA GLY B 232 -20.65 -6.49 -16.24
C GLY B 232 -19.62 -7.54 -16.61
N PRO B 233 -19.03 -7.39 -17.80
CA PRO B 233 -18.01 -8.30 -18.33
C PRO B 233 -16.84 -8.46 -17.37
N PHE B 234 -16.36 -9.69 -17.23
CA PHE B 234 -15.19 -9.97 -16.40
C PHE B 234 -14.42 -11.13 -17.02
N PRO B 235 -13.41 -10.80 -17.84
CA PRO B 235 -12.66 -11.76 -18.66
C PRO B 235 -12.03 -12.90 -17.87
N THR B 236 -11.36 -12.58 -16.76
CA THR B 236 -10.65 -13.59 -15.99
C THR B 236 -11.44 -14.05 -14.77
N GLU B 237 -12.77 -13.99 -14.87
CA GLU B 237 -13.64 -14.36 -13.75
C GLU B 237 -13.59 -15.86 -13.47
N MET B 238 -13.48 -16.19 -12.18
CA MET B 238 -13.52 -17.58 -11.75
C MET B 238 -14.88 -17.90 -11.16
N PRO B 239 -15.28 -19.19 -11.19
CA PRO B 239 -16.49 -19.64 -10.52
C PRO B 239 -16.44 -19.31 -9.03
N MET B 240 -17.60 -19.14 -8.40
CA MET B 240 -17.66 -18.70 -7.01
C MET B 240 -17.15 -19.79 -6.08
N GLU B 241 -17.10 -21.00 -6.62
CA GLU B 241 -16.66 -22.16 -5.88
C GLU B 241 -15.18 -22.07 -5.56
N GLU B 242 -14.44 -21.56 -6.53
CA GLU B 242 -13.01 -21.35 -6.41
C GLU B 242 -12.70 -20.17 -5.47
N ALA B 243 -13.51 -19.12 -5.50
CA ALA B 243 -13.30 -17.96 -4.62
C ALA B 243 -13.35 -18.33 -3.14
N ASP B 244 -14.31 -19.20 -2.77
CA ASP B 244 -14.38 -19.76 -1.42
C ASP B 244 -13.23 -20.73 -1.19
N ARG B 245 -12.90 -21.51 -2.21
CA ARG B 245 -11.83 -22.50 -2.10
C ARG B 245 -10.54 -21.80 -1.73
N LEU B 246 -10.30 -20.66 -2.38
CA LEU B 246 -9.09 -19.90 -2.14
C LEU B 246 -9.27 -18.89 -1.02
N GLY B 247 -10.43 -18.92 -0.38
CA GLY B 247 -10.74 -18.01 0.71
C GLY B 247 -10.66 -16.56 0.25
N LEU B 248 -11.31 -16.25 -0.86
CA LEU B 248 -11.28 -14.92 -1.44
C LEU B 248 -12.63 -14.21 -1.30
N VAL B 249 -13.38 -14.59 -0.27
CA VAL B 249 -14.71 -14.03 -0.07
C VAL B 249 -14.67 -12.68 0.63
N GLU B 250 -15.17 -11.67 -0.06
CA GLU B 250 -15.22 -10.32 0.48
C GLU B 250 -16.58 -9.71 0.15
N TYR B 251 -17.09 -8.89 1.07
CA TYR B 251 -18.39 -8.27 0.88
C TYR B 251 -18.26 -6.76 0.75
N GLY B 252 -19.16 -6.17 -0.02
CA GLY B 252 -19.13 -4.74 -0.29
C GLY B 252 -19.14 -3.91 0.98
N THR B 253 -18.29 -2.88 0.98
CA THR B 253 -18.16 -2.00 2.14
C THR B 253 -19.43 -1.18 2.33
N VAL B 254 -20.13 -0.92 1.23
CA VAL B 254 -21.31 -0.07 1.25
C VAL B 254 -22.62 -0.86 1.13
N THR B 255 -22.64 -1.83 0.22
CA THR B 255 -23.86 -2.57 -0.07
C THR B 255 -23.88 -3.96 0.55
N GLY B 256 -22.72 -4.42 1.00
CA GLY B 256 -22.60 -5.73 1.60
C GLY B 256 -22.78 -6.85 0.60
N ARG B 257 -22.70 -6.52 -0.68
CA ARG B 257 -22.84 -7.50 -1.74
C ARG B 257 -21.55 -8.29 -1.88
N ARG B 258 -21.65 -9.57 -2.23
CA ARG B 258 -20.46 -10.39 -2.37
C ARG B 258 -19.71 -10.07 -3.66
N ARG B 259 -18.39 -9.95 -3.54
CA ARG B 259 -17.57 -9.58 -4.68
C ARG B 259 -17.32 -10.77 -5.60
N ARG B 260 -17.60 -10.57 -6.87
CA ARG B 260 -17.17 -11.48 -7.92
C ARG B 260 -15.64 -11.48 -7.93
N VAL B 261 -15.03 -12.66 -7.99
CA VAL B 261 -13.58 -12.74 -7.96
C VAL B 261 -13.03 -13.32 -9.28
N GLY B 262 -11.81 -12.92 -9.63
CA GLY B 262 -11.17 -13.41 -10.84
C GLY B 262 -9.66 -13.47 -10.72
N TRP B 263 -9.02 -14.04 -11.74
CA TRP B 263 -7.56 -14.14 -11.78
C TRP B 263 -6.98 -12.82 -12.26
N PHE B 264 -5.72 -12.57 -11.94
CA PHE B 264 -5.07 -11.33 -12.33
C PHE B 264 -5.05 -11.14 -13.84
N ASP B 265 -5.71 -10.09 -14.31
CA ASP B 265 -5.75 -9.77 -15.74
C ASP B 265 -4.58 -8.86 -16.09
N PHE B 266 -3.57 -9.42 -16.74
CA PHE B 266 -2.35 -8.71 -17.01
C PHE B 266 -2.45 -7.74 -18.16
N GLU B 267 -3.27 -8.05 -19.13
CA GLU B 267 -3.43 -7.19 -20.27
C GLU B 267 -4.22 -5.98 -19.88
N MET B 268 -5.11 -6.14 -18.94
CA MET B 268 -5.94 -5.06 -18.52
C MET B 268 -5.17 -4.15 -17.60
N ALA B 269 -4.12 -4.69 -17.02
CA ALA B 269 -3.32 -3.98 -16.09
C ALA B 269 -2.36 -3.10 -16.81
N ARG B 270 -1.79 -3.60 -17.88
CA ARG B 270 -0.90 -2.73 -18.63
C ARG B 270 -1.64 -1.55 -19.23
N TYR B 271 -2.83 -1.81 -19.75
CA TYR B 271 -3.67 -0.77 -20.36
C TYR B 271 -4.11 0.23 -19.30
N SER B 272 -4.63 -0.27 -18.19
CA SER B 272 -5.09 0.57 -17.09
C SER B 272 -3.96 1.45 -16.54
N ALA B 273 -2.78 0.87 -16.39
CA ALA B 273 -1.62 1.57 -15.85
C ALA B 273 -1.13 2.65 -16.81
N ARG B 274 -1.19 2.34 -18.09
CA ARG B 274 -0.60 3.23 -19.09
C ARG B 274 -1.43 4.48 -19.33
N ILE B 275 -2.75 4.31 -19.44
CA ILE B 275 -3.65 5.44 -19.62
C ILE B 275 -3.65 6.35 -18.37
N ASN B 276 -3.48 5.74 -17.22
CA ASN B 276 -3.38 6.49 -15.97
C ASN B 276 -2.08 7.28 -15.87
N GLY B 277 -1.10 6.93 -16.69
CA GLY B 277 0.21 7.55 -16.63
C GLY B 277 0.93 7.17 -15.36
N ALA B 278 0.82 5.89 -15.00
CA ALA B 278 1.38 5.38 -13.75
C ALA B 278 2.89 5.50 -13.68
N THR B 279 3.38 6.01 -12.56
CA THR B 279 4.81 6.06 -12.29
C THR B 279 5.21 4.93 -11.36
N MET B 280 4.27 4.52 -10.54
CA MET B 280 4.51 3.49 -9.53
C MET B 280 3.30 2.58 -9.38
N LEU B 281 3.55 1.28 -9.22
CA LEU B 281 2.48 0.34 -8.95
C LEU B 281 2.44 -0.02 -7.48
N ALA B 282 1.24 -0.37 -7.01
CA ALA B 282 1.09 -0.87 -5.65
C ALA B 282 0.18 -2.09 -5.68
N VAL B 283 0.69 -3.20 -5.13
CA VAL B 283 -0.05 -4.46 -5.15
C VAL B 283 -0.46 -4.85 -3.73
N THR B 284 -1.73 -5.18 -3.56
CA THR B 284 -2.26 -5.55 -2.24
C THR B 284 -2.68 -7.00 -2.20
N MET B 285 -2.88 -7.50 -0.99
CA MET B 285 -3.39 -8.85 -0.77
C MET B 285 -2.48 -9.92 -1.39
N LEU B 286 -1.18 -9.75 -1.24
CA LEU B 286 -0.24 -10.76 -1.74
C LEU B 286 -0.34 -12.00 -0.87
N ASP B 287 -0.81 -11.80 0.36
CA ASP B 287 -1.04 -12.90 1.29
C ASP B 287 -2.15 -13.82 0.80
N LYS B 288 -3.03 -13.27 -0.03
CA LYS B 288 -4.12 -14.06 -0.60
C LYS B 288 -3.66 -14.87 -1.79
N TYR B 289 -2.59 -14.42 -2.44
CA TYR B 289 -2.00 -15.19 -3.54
C TYR B 289 -1.14 -16.32 -2.99
N ASP B 290 -0.37 -16.01 -1.95
CA ASP B 290 0.44 -17.01 -1.28
C ASP B 290 0.45 -16.72 0.22
N LYS B 291 -0.09 -17.64 1.00
CA LYS B 291 -0.29 -17.43 2.43
C LYS B 291 1.01 -17.25 3.18
N GLU B 292 2.10 -17.73 2.59
CA GLU B 292 3.38 -17.73 3.27
C GLU B 292 3.98 -16.32 3.26
N ALA B 293 3.35 -15.44 2.48
CA ALA B 293 3.86 -14.07 2.33
C ALA B 293 3.23 -13.12 3.34
N PHE B 294 2.39 -13.66 4.22
CA PHE B 294 1.66 -12.85 5.18
C PHE B 294 2.57 -12.15 6.18
N GLY B 295 2.36 -10.84 6.35
CA GLY B 295 3.02 -10.11 7.41
C GLY B 295 4.41 -9.66 7.03
N VAL B 296 4.93 -10.20 5.94
CA VAL B 296 6.27 -9.88 5.49
C VAL B 296 6.35 -8.39 5.21
N THR B 297 7.40 -7.74 5.71
CA THR B 297 7.53 -6.31 5.57
C THR B 297 8.77 -5.99 4.76
N ASP B 298 9.52 -7.05 4.44
CA ASP B 298 10.73 -6.90 3.65
C ASP B 298 10.65 -7.76 2.37
N TYR B 299 11.19 -7.23 1.28
CA TYR B 299 11.07 -7.89 -0.01
C TYR B 299 11.90 -9.17 0.06
N ASP B 300 13.11 -9.05 0.63
CA ASP B 300 14.08 -10.15 0.66
C ASP B 300 13.51 -11.49 1.12
N LYS B 301 12.55 -11.42 2.03
CA LYS B 301 12.01 -12.61 2.67
C LYS B 301 10.67 -13.10 2.14
N LEU B 302 10.19 -12.51 1.05
CA LEU B 302 9.01 -13.05 0.39
C LEU B 302 9.30 -14.43 -0.15
N PRO B 303 8.31 -15.34 -0.08
CA PRO B 303 8.44 -16.64 -0.75
C PRO B 303 8.61 -16.49 -2.26
N ARG B 304 9.15 -17.52 -2.89
CA ARG B 304 9.47 -17.45 -4.31
C ARG B 304 8.25 -17.21 -5.17
N LYS B 305 7.17 -17.91 -4.84
CA LYS B 305 5.94 -17.88 -5.62
C LYS B 305 5.32 -16.50 -5.55
N ALA B 306 5.61 -15.81 -4.45
CA ALA B 306 5.22 -14.42 -4.24
C ALA B 306 6.03 -13.47 -5.11
N LYS B 307 7.34 -13.70 -5.20
CA LYS B 307 8.18 -12.78 -5.96
C LYS B 307 8.02 -12.91 -7.47
N GLU B 308 7.78 -14.13 -7.96
CA GLU B 308 7.55 -14.28 -9.40
C GLU B 308 6.20 -13.73 -9.83
N PHE B 309 5.34 -13.40 -8.87
CA PHE B 309 4.08 -12.74 -9.19
C PHE B 309 4.33 -11.25 -9.38
N ILE B 310 5.01 -10.65 -8.40
CA ILE B 310 5.35 -9.24 -8.44
C ILE B 310 6.21 -8.89 -9.66
N GLU B 311 7.14 -9.79 -9.99
CA GLU B 311 8.04 -9.58 -11.11
C GLU B 311 7.34 -9.82 -12.45
N GLU B 312 6.42 -10.78 -12.48
CA GLU B 312 5.64 -11.03 -13.68
C GLU B 312 4.76 -9.82 -14.00
N ILE B 313 4.22 -9.22 -12.94
CA ILE B 313 3.46 -7.99 -13.07
C ILE B 313 4.36 -6.90 -13.61
N GLU B 314 5.50 -6.69 -12.95
CA GLU B 314 6.43 -5.63 -13.30
C GLU B 314 6.92 -5.67 -14.76
N GLU B 315 6.97 -6.86 -15.33
CA GLU B 315 7.41 -7.02 -16.71
C GLU B 315 6.26 -7.04 -17.73
N ARG B 316 5.12 -7.57 -17.33
CA ARG B 316 3.99 -7.59 -18.24
C ARG B 316 3.17 -6.29 -18.19
N VAL B 317 3.44 -5.46 -17.18
CA VAL B 317 2.77 -4.17 -17.07
C VAL B 317 3.73 -3.03 -17.41
N GLY B 318 5.00 -3.25 -17.15
CA GLY B 318 6.04 -2.29 -17.48
C GLY B 318 6.16 -1.13 -16.51
N VAL B 319 5.71 -1.34 -15.28
CA VAL B 319 5.80 -0.33 -14.23
C VAL B 319 6.29 -0.98 -12.94
N PRO B 320 7.30 -0.37 -12.29
CA PRO B 320 7.83 -0.89 -11.02
C PRO B 320 6.79 -0.91 -9.91
N VAL B 321 6.84 -1.94 -9.07
CA VAL B 321 5.96 -2.04 -7.92
C VAL B 321 6.69 -1.56 -6.67
N GLY B 322 6.32 -0.38 -6.19
CA GLY B 322 7.02 0.23 -5.07
C GLY B 322 6.29 0.10 -3.74
N LEU B 323 5.14 -0.55 -3.76
CA LEU B 323 4.37 -0.78 -2.54
C LEU B 323 3.67 -2.14 -2.59
N ILE B 324 4.00 -3.01 -1.65
CA ILE B 324 3.37 -4.33 -1.60
C ILE B 324 2.75 -4.58 -0.23
N LYS B 325 1.43 -4.65 -0.19
CA LYS B 325 0.73 -4.91 1.06
C LYS B 325 0.54 -6.41 1.25
N THR B 326 0.89 -6.89 2.43
CA THR B 326 0.86 -8.33 2.70
C THR B 326 -0.16 -8.72 3.77
N GLY B 327 -1.09 -7.81 4.06
CA GLY B 327 -2.11 -8.05 5.07
C GLY B 327 -2.92 -6.82 5.35
N PRO B 328 -4.02 -6.98 6.10
CA PRO B 328 -4.96 -5.89 6.43
C PRO B 328 -4.35 -4.78 7.28
N GLU B 329 -3.37 -5.11 8.12
CA GLU B 329 -2.82 -4.14 9.07
C GLU B 329 -1.88 -3.15 8.40
N LEU B 330 -1.66 -2.02 9.07
CA LEU B 330 -0.78 -0.96 8.56
C LEU B 330 0.63 -1.45 8.33
N GLU B 331 1.14 -2.21 9.30
CA GLU B 331 2.52 -2.67 9.27
C GLU B 331 2.76 -3.73 8.20
N HIS B 332 1.68 -4.32 7.70
CA HIS B 332 1.76 -5.36 6.68
C HIS B 332 2.06 -4.78 5.31
N ILE B 333 3.23 -4.17 5.16
CA ILE B 333 3.56 -3.46 3.93
C ILE B 333 5.06 -3.55 3.60
N ILE B 334 5.35 -3.73 2.32
CA ILE B 334 6.72 -3.67 1.83
C ILE B 334 6.88 -2.38 1.04
N ASP B 335 7.83 -1.56 1.44
CA ASP B 335 7.99 -0.24 0.84
C ASP B 335 9.26 -0.16 0.00
N ARG B 336 9.14 -0.49 -1.29
CA ARG B 336 10.26 -0.43 -2.20
C ARG B 336 10.22 0.86 -3.03
N ARG B 337 9.91 1.97 -2.39
CA ARG B 337 9.83 3.26 -3.08
C ARG B 337 11.22 3.82 -3.37
N ASP B 338 12.24 3.19 -2.77
CA ASP B 338 13.62 3.62 -2.97
C ASP B 338 14.26 2.88 -4.14
N THR B 339 13.44 2.47 -5.10
CA THR B 339 13.94 1.75 -6.27
C THR B 339 13.17 2.16 -7.53
N PRO C 3 -44.59 -24.79 19.08
CA PRO C 3 -43.53 -25.02 20.05
C PRO C 3 -42.83 -23.74 20.50
N SER C 4 -41.73 -23.89 21.23
CA SER C 4 -40.94 -22.76 21.67
C SER C 4 -39.46 -23.03 21.42
N VAL C 5 -38.78 -22.10 20.77
CA VAL C 5 -37.36 -22.23 20.55
C VAL C 5 -36.61 -20.99 21.00
N ILE C 6 -35.62 -21.18 21.85
CA ILE C 6 -34.77 -20.08 22.30
C ILE C 6 -33.35 -20.30 21.82
N VAL C 7 -32.78 -19.28 21.20
CA VAL C 7 -31.40 -19.37 20.71
C VAL C 7 -30.48 -18.49 21.54
N VAL C 8 -29.45 -19.10 22.13
CA VAL C 8 -28.47 -18.37 22.94
C VAL C 8 -27.04 -18.78 22.58
N GLY C 9 -26.08 -17.97 22.98
CA GLY C 9 -24.68 -18.24 22.69
C GLY C 9 -24.02 -19.09 23.76
N GLY C 10 -23.07 -19.93 23.35
CA GLY C 10 -22.42 -20.84 24.27
C GLY C 10 -21.02 -20.42 24.65
N GLN C 11 -20.53 -19.38 24.00
CA GLN C 11 -19.18 -18.87 24.27
C GLN C 11 -19.20 -17.40 24.69
N TRP C 12 -18.44 -16.56 23.99
CA TRP C 12 -18.39 -15.14 24.33
C TRP C 12 -19.05 -14.28 23.27
N GLY C 13 -20.19 -14.74 22.76
CA GLY C 13 -20.89 -14.02 21.72
C GLY C 13 -20.31 -14.29 20.34
N ASP C 14 -20.95 -13.73 19.32
CA ASP C 14 -20.52 -13.85 17.93
C ASP C 14 -20.44 -15.29 17.44
N GLU C 15 -21.25 -16.18 18.00
CA GLU C 15 -21.19 -17.59 17.63
C GLU C 15 -21.92 -17.91 16.32
N GLY C 16 -22.64 -16.92 15.80
CA GLY C 16 -23.39 -17.11 14.57
C GLY C 16 -24.87 -17.26 14.87
N LYS C 17 -25.29 -16.68 15.99
CA LYS C 17 -26.68 -16.76 16.43
C LYS C 17 -27.62 -16.21 15.38
N GLY C 18 -27.24 -15.07 14.78
CA GLY C 18 -28.05 -14.45 13.76
C GLY C 18 -28.27 -15.36 12.57
N SER C 19 -27.20 -15.98 12.09
CA SER C 19 -27.26 -16.85 10.91
C SER C 19 -28.11 -18.10 11.15
N ILE C 20 -28.27 -18.47 12.41
CA ILE C 20 -29.05 -19.65 12.76
C ILE C 20 -30.52 -19.32 12.96
N VAL C 21 -30.79 -18.22 13.66
CA VAL C 21 -32.14 -17.69 13.75
C VAL C 21 -32.61 -17.39 12.34
N ALA C 22 -31.67 -16.97 11.51
CA ALA C 22 -31.90 -16.79 10.08
C ALA C 22 -32.48 -18.04 9.44
N TYR C 23 -31.72 -19.14 9.50
CA TYR C 23 -32.14 -20.38 8.88
C TYR C 23 -33.51 -20.84 9.39
N LEU C 24 -33.67 -20.85 10.71
CA LEU C 24 -34.90 -21.32 11.32
C LEU C 24 -36.13 -20.52 10.93
N SER C 25 -35.97 -19.22 10.74
CA SER C 25 -37.09 -18.37 10.35
C SER C 25 -37.65 -18.77 8.99
N LEU C 26 -36.79 -18.78 7.98
CA LEU C 26 -37.21 -19.12 6.62
C LEU C 26 -37.69 -20.57 6.55
N HIS C 27 -36.95 -21.47 7.18
CA HIS C 27 -37.21 -22.90 7.09
C HIS C 27 -38.43 -23.36 7.89
N ASP C 28 -38.52 -22.94 9.15
CA ASP C 28 -39.55 -23.45 10.04
C ASP C 28 -40.78 -22.57 10.09
N GLU C 29 -40.65 -21.35 9.56
CA GLU C 29 -41.75 -20.39 9.49
C GLU C 29 -42.43 -20.18 10.84
N PRO C 30 -41.77 -19.46 11.75
CA PRO C 30 -42.36 -19.14 13.05
C PRO C 30 -43.35 -18.00 12.92
N GLU C 31 -44.36 -17.99 13.77
CA GLU C 31 -45.35 -16.93 13.75
C GLU C 31 -44.75 -15.63 14.28
N ILE C 32 -43.99 -15.74 15.36
CA ILE C 32 -43.34 -14.57 15.97
C ILE C 32 -41.86 -14.80 16.18
N ILE C 33 -41.07 -13.74 16.03
CA ILE C 33 -39.62 -13.83 16.21
C ILE C 33 -39.12 -12.73 17.11
N ALA C 34 -39.25 -12.93 18.40
CA ALA C 34 -38.83 -11.95 19.36
C ALA C 34 -37.36 -11.98 19.68
N ARG C 35 -36.83 -10.82 20.04
CA ARG C 35 -35.41 -10.69 20.38
C ARG C 35 -35.23 -10.14 21.79
N GLY C 36 -34.45 -10.85 22.60
CA GLY C 36 -34.19 -10.44 23.97
C GLY C 36 -32.80 -9.87 24.15
N GLY C 37 -31.92 -10.66 24.75
CA GLY C 37 -30.55 -10.24 25.00
C GLY C 37 -30.47 -9.03 25.91
N VAL C 38 -29.43 -8.23 25.72
CA VAL C 38 -29.23 -7.03 26.54
C VAL C 38 -29.88 -5.81 25.87
N GLY C 39 -29.25 -5.33 24.80
CA GLY C 39 -29.75 -4.17 24.09
C GLY C 39 -29.32 -4.15 22.63
N THR C 40 -28.61 -3.10 22.25
CA THR C 40 -28.13 -2.95 20.89
C THR C 40 -26.65 -3.32 20.77
N ASN C 41 -25.98 -3.41 21.93
CA ASN C 41 -24.56 -3.75 21.97
C ASN C 41 -24.23 -4.96 21.09
N ALA C 42 -25.26 -5.65 20.63
CA ALA C 42 -25.09 -6.86 19.83
C ALA C 42 -25.07 -6.56 18.35
N GLY C 43 -24.22 -7.27 17.62
CA GLY C 43 -24.20 -7.18 16.16
C GLY C 43 -24.40 -8.55 15.56
N HIS C 44 -25.57 -8.77 14.97
CA HIS C 44 -25.92 -10.07 14.40
C HIS C 44 -25.93 -9.98 12.88
N SER C 45 -25.08 -10.79 12.23
CA SER C 45 -24.96 -10.72 10.79
C SER C 45 -25.52 -11.95 10.08
N VAL C 46 -26.04 -11.74 8.88
CA VAL C 46 -26.58 -12.82 8.07
C VAL C 46 -26.29 -12.54 6.59
N VAL C 47 -25.97 -13.59 5.84
CA VAL C 47 -25.78 -13.45 4.40
C VAL C 47 -26.96 -14.05 3.64
N ILE C 48 -27.63 -13.21 2.88
CA ILE C 48 -28.79 -13.65 2.09
C ILE C 48 -28.47 -13.62 0.59
N ASN C 49 -28.20 -14.80 0.03
CA ASN C 49 -27.86 -14.95 -1.38
C ASN C 49 -26.77 -14.00 -1.85
N GLY C 50 -25.70 -13.90 -1.07
CA GLY C 50 -24.55 -13.09 -1.46
C GLY C 50 -24.56 -11.67 -0.93
N LYS C 51 -25.64 -11.28 -0.26
CA LYS C 51 -25.71 -9.94 0.33
C LYS C 51 -25.72 -10.02 1.85
N LYS C 52 -24.65 -9.54 2.47
CA LYS C 52 -24.50 -9.61 3.92
C LYS C 52 -25.21 -8.45 4.64
N TYR C 53 -26.07 -8.80 5.59
CA TYR C 53 -26.77 -7.83 6.42
C TYR C 53 -26.24 -7.82 7.86
N ALA C 54 -26.59 -6.78 8.61
CA ALA C 54 -26.18 -6.67 10.01
C ALA C 54 -27.17 -5.84 10.82
N VAL C 55 -27.80 -6.48 11.80
CA VAL C 55 -28.79 -5.80 12.63
C VAL C 55 -28.37 -5.79 14.10
N ARG C 56 -28.92 -4.85 14.86
CA ARG C 56 -28.58 -4.69 16.27
C ARG C 56 -29.84 -4.70 17.15
N GLN C 57 -30.92 -4.13 16.61
CA GLN C 57 -32.17 -4.00 17.36
C GLN C 57 -33.24 -4.96 16.86
N ILE C 58 -33.51 -4.90 15.56
CA ILE C 58 -34.47 -5.79 14.92
C ILE C 58 -33.91 -7.20 14.89
N PRO C 59 -34.73 -8.19 15.28
CA PRO C 59 -34.29 -9.58 15.31
C PRO C 59 -33.86 -10.07 13.93
N THR C 60 -32.79 -10.84 13.85
CA THR C 60 -32.49 -11.56 12.62
C THR C 60 -33.68 -12.46 12.35
N GLY C 61 -34.19 -12.43 11.13
CA GLY C 61 -35.42 -13.12 10.81
C GLY C 61 -36.39 -12.17 10.13
N PHE C 62 -35.92 -10.96 9.89
CA PHE C 62 -36.68 -9.98 9.11
C PHE C 62 -36.85 -10.52 7.70
N MET C 63 -35.89 -11.35 7.28
CA MET C 63 -35.98 -12.21 6.10
C MET C 63 -37.39 -12.75 5.89
N GLN C 64 -37.99 -13.27 6.95
CA GLN C 64 -39.34 -13.83 6.89
C GLN C 64 -40.39 -12.74 6.86
N THR C 65 -41.00 -12.55 5.69
CA THR C 65 -41.99 -11.51 5.50
C THR C 65 -43.34 -11.88 6.11
N LYS C 66 -43.56 -13.18 6.27
CA LYS C 66 -44.78 -13.71 6.88
C LYS C 66 -44.76 -13.73 8.42
N ALA C 67 -43.80 -13.03 9.03
CA ALA C 67 -43.65 -13.10 10.49
C ALA C 67 -43.78 -11.76 11.22
N ARG C 68 -44.27 -11.82 12.46
CA ARG C 68 -44.32 -10.67 13.35
C ARG C 68 -43.00 -10.56 14.12
N LEU C 69 -42.38 -9.38 14.10
CA LEU C 69 -41.09 -9.19 14.75
C LEU C 69 -41.21 -8.40 16.05
N LEU C 70 -40.77 -9.00 17.15
CA LEU C 70 -40.99 -8.40 18.47
C LEU C 70 -39.70 -8.17 19.26
N ILE C 71 -39.77 -7.21 20.18
CA ILE C 71 -38.66 -6.90 21.07
C ILE C 71 -39.12 -6.94 22.52
N GLY C 72 -38.63 -7.94 23.26
CA GLY C 72 -39.06 -8.18 24.63
C GLY C 72 -38.82 -7.03 25.58
N ALA C 73 -39.62 -6.96 26.65
CA ALA C 73 -39.56 -5.86 27.60
C ALA C 73 -38.19 -5.75 28.29
N GLY C 74 -37.50 -6.87 28.41
CA GLY C 74 -36.21 -6.90 29.08
C GLY C 74 -35.09 -6.31 28.24
N VAL C 75 -35.40 -5.96 27.00
CA VAL C 75 -34.41 -5.45 26.07
C VAL C 75 -34.36 -3.92 26.07
N LEU C 76 -33.15 -3.37 25.92
CA LEU C 76 -32.98 -1.93 25.79
C LEU C 76 -33.25 -1.50 24.35
N VAL C 77 -33.85 -0.33 24.19
CA VAL C 77 -34.16 0.16 22.85
C VAL C 77 -33.49 1.51 22.57
N ASP C 78 -32.68 1.55 21.51
CA ASP C 78 -32.08 2.79 21.02
C ASP C 78 -32.85 3.28 19.80
N PRO C 79 -33.68 4.33 19.99
CA PRO C 79 -34.55 4.87 18.94
C PRO C 79 -33.83 5.17 17.62
N GLU C 80 -32.65 5.79 17.70
CA GLU C 80 -31.87 6.11 16.49
C GLU C 80 -31.51 4.85 15.71
N VAL C 81 -31.02 3.84 16.42
CA VAL C 81 -30.63 2.58 15.79
C VAL C 81 -31.86 1.88 15.23
N PHE C 82 -32.95 1.90 15.99
CA PHE C 82 -34.20 1.27 15.60
C PHE C 82 -34.73 1.82 14.29
N PHE C 83 -34.70 3.14 14.15
CA PHE C 83 -35.19 3.81 12.96
C PHE C 83 -34.25 3.64 11.78
N HIS C 84 -32.95 3.62 12.06
CA HIS C 84 -31.95 3.40 11.02
C HIS C 84 -32.13 2.04 10.36
N GLU C 85 -32.50 1.05 11.18
CA GLU C 85 -32.68 -0.31 10.70
C GLU C 85 -34.03 -0.51 10.02
N LEU C 86 -34.97 0.38 10.32
CA LEU C 86 -36.24 0.42 9.58
C LEU C 86 -35.99 0.83 8.13
N GLU C 87 -35.09 1.79 7.96
CA GLU C 87 -34.71 2.29 6.66
C GLU C 87 -33.86 1.27 5.92
N GLN C 88 -32.89 0.69 6.63
CA GLN C 88 -31.94 -0.26 6.05
C GLN C 88 -32.61 -1.56 5.59
N LEU C 89 -33.73 -1.90 6.21
CA LEU C 89 -34.42 -3.14 5.86
C LEU C 89 -35.80 -2.84 5.29
N LYS C 90 -35.94 -1.67 4.67
CA LYS C 90 -37.22 -1.22 4.14
C LYS C 90 -37.81 -2.21 3.14
N ASP C 91 -36.95 -2.89 2.39
CA ASP C 91 -37.40 -3.80 1.34
C ASP C 91 -38.08 -5.05 1.90
N PHE C 92 -37.93 -5.27 3.20
CA PHE C 92 -38.56 -6.42 3.84
C PHE C 92 -39.83 -5.95 4.55
N ASN C 93 -40.13 -4.66 4.41
CA ASN C 93 -41.25 -4.05 5.12
C ASN C 93 -41.32 -4.48 6.58
N VAL C 94 -40.26 -4.12 7.30
CA VAL C 94 -40.12 -4.39 8.72
C VAL C 94 -40.97 -3.38 9.49
N LYS C 95 -41.09 -2.19 8.90
CA LYS C 95 -41.77 -1.06 9.53
C LYS C 95 -43.20 -1.42 9.97
N ASP C 96 -43.87 -2.28 9.21
CA ASP C 96 -45.24 -2.65 9.53
C ASP C 96 -45.35 -3.90 10.43
N ARG C 97 -44.35 -4.77 10.35
CA ARG C 97 -44.41 -6.05 11.07
C ARG C 97 -43.68 -6.03 12.42
N VAL C 98 -43.17 -4.87 12.81
CA VAL C 98 -42.34 -4.78 14.01
C VAL C 98 -43.17 -4.33 15.21
N GLY C 99 -42.74 -4.74 16.40
CA GLY C 99 -43.42 -4.38 17.63
C GLY C 99 -42.46 -4.27 18.81
N ILE C 100 -42.46 -3.10 19.44
CA ILE C 100 -41.65 -2.88 20.63
C ILE C 100 -42.49 -2.96 21.90
N ASP C 101 -42.05 -3.75 22.87
CA ASP C 101 -42.75 -3.81 24.16
C ASP C 101 -42.69 -2.44 24.81
N TYR C 102 -43.84 -1.95 25.26
CA TYR C 102 -43.93 -0.59 25.79
C TYR C 102 -43.20 -0.41 27.11
N ARG C 103 -42.69 -1.51 27.66
CA ARG C 103 -42.02 -1.47 28.95
C ARG C 103 -40.50 -1.55 28.78
N CYS C 104 -40.05 -1.57 27.54
CA CYS C 104 -38.62 -1.57 27.24
C CYS C 104 -37.99 -0.28 27.74
N ALA C 105 -36.75 -0.39 28.24
CA ALA C 105 -36.02 0.78 28.69
C ALA C 105 -35.33 1.44 27.50
N ILE C 106 -35.10 2.75 27.61
CA ILE C 106 -34.59 3.52 26.48
C ILE C 106 -33.13 3.93 26.64
N ILE C 107 -32.32 3.66 25.63
CA ILE C 107 -30.94 4.13 25.60
C ILE C 107 -30.87 5.57 25.10
N GLU C 108 -30.45 6.48 25.97
CA GLU C 108 -30.30 7.88 25.59
C GLU C 108 -28.83 8.16 25.29
N GLU C 109 -28.53 9.29 24.69
CA GLU C 109 -27.15 9.56 24.28
C GLU C 109 -26.28 9.88 25.47
N LYS C 110 -26.87 10.29 26.59
CA LYS C 110 -26.10 10.46 27.83
C LYS C 110 -25.47 9.12 28.20
N HIS C 111 -26.21 8.04 27.95
CA HIS C 111 -25.74 6.69 28.28
C HIS C 111 -24.62 6.31 27.34
N LYS C 112 -24.81 6.58 26.04
CA LYS C 112 -23.78 6.30 25.04
C LYS C 112 -22.52 7.07 25.37
N GLN C 113 -22.70 8.33 25.77
CA GLN C 113 -21.58 9.19 26.08
C GLN C 113 -20.74 8.59 27.21
N LEU C 114 -21.39 8.17 28.30
CA LEU C 114 -20.66 7.59 29.42
C LEU C 114 -19.97 6.29 29.02
N ASP C 115 -20.62 5.51 28.15
CA ASP C 115 -20.08 4.22 27.71
C ASP C 115 -18.88 4.42 26.78
N ARG C 116 -18.85 5.57 26.12
CA ARG C 116 -17.81 5.92 25.16
C ARG C 116 -16.69 6.69 25.88
N THR C 117 -16.97 7.11 27.12
CA THR C 117 -16.08 8.03 27.83
C THR C 117 -15.33 7.39 28.99
N ASN C 118 -16.02 6.50 29.70
CA ASN C 118 -15.56 5.98 30.98
C ASN C 118 -14.28 5.13 30.88
N GLY C 119 -13.28 5.47 31.70
CA GLY C 119 -12.00 4.77 31.70
C GLY C 119 -12.14 3.29 32.02
N TYR C 120 -13.09 2.97 32.89
CA TYR C 120 -13.31 1.59 33.30
C TYR C 120 -14.05 0.81 32.21
N LEU C 121 -15.15 1.36 31.72
CA LEU C 121 -15.97 0.68 30.72
C LEU C 121 -15.30 0.63 29.34
N HIS C 122 -14.68 1.74 28.92
CA HIS C 122 -14.06 1.78 27.60
C HIS C 122 -12.65 1.19 27.62
N GLY C 123 -11.87 1.54 28.63
CA GLY C 123 -10.46 1.14 28.65
C GLY C 123 -10.17 -0.23 29.23
N LYS C 124 -10.76 -0.55 30.38
CA LYS C 124 -10.46 -1.81 31.06
C LYS C 124 -11.31 -3.00 30.61
N ILE C 125 -12.58 -2.79 30.33
CA ILE C 125 -13.46 -3.95 30.13
C ILE C 125 -13.18 -4.67 28.78
N GLY C 126 -13.21 -4.02 27.62
CA GLY C 126 -13.70 -2.66 27.38
C GLY C 126 -14.98 -2.80 26.56
N THR C 127 -15.98 -2.00 26.89
CA THR C 127 -17.33 -2.19 26.36
C THR C 127 -17.48 -1.87 24.87
N THR C 128 -18.74 -1.91 24.43
CA THR C 128 -19.08 -1.70 23.02
C THR C 128 -19.25 -0.21 22.69
N GLY C 129 -19.81 0.54 23.63
CA GLY C 129 -20.04 1.96 23.40
C GLY C 129 -21.47 2.21 23.01
N SER C 130 -22.30 1.18 23.06
CA SER C 130 -23.71 1.29 22.72
C SER C 130 -24.49 2.04 23.79
N GLY C 131 -23.93 2.09 24.99
CA GLY C 131 -24.59 2.74 26.11
C GLY C 131 -25.51 1.79 26.85
N CYS C 132 -25.43 0.51 26.52
CA CYS C 132 -26.27 -0.51 27.16
C CYS C 132 -25.92 -0.65 28.64
N GLY C 133 -24.63 -0.56 28.95
CA GLY C 133 -24.17 -0.62 30.33
C GLY C 133 -24.80 0.45 31.20
N PRO C 134 -24.47 1.73 30.92
CA PRO C 134 -25.01 2.86 31.67
C PRO C 134 -26.54 2.93 31.67
N ALA C 135 -27.18 2.46 30.60
CA ALA C 135 -28.63 2.48 30.51
C ALA C 135 -29.25 1.52 31.53
N ASN C 136 -28.74 0.29 31.59
CA ASN C 136 -29.24 -0.70 32.54
C ASN C 136 -29.01 -0.25 33.98
N ALA C 137 -27.92 0.46 34.21
CA ALA C 137 -27.64 1.04 35.51
C ALA C 137 -28.74 2.03 35.88
N ASP C 138 -29.16 2.82 34.90
CA ASP C 138 -30.23 3.78 35.10
C ASP C 138 -31.58 3.07 35.27
N ARG C 139 -31.73 1.91 34.63
CA ARG C 139 -32.96 1.14 34.74
C ARG C 139 -33.05 0.46 36.10
N VAL C 140 -31.93 -0.07 36.57
CA VAL C 140 -31.86 -0.67 37.90
C VAL C 140 -32.15 0.39 38.95
N MET C 141 -31.63 1.59 38.73
CA MET C 141 -31.90 2.72 39.60
C MET C 141 -33.31 3.27 39.39
N ARG C 142 -34.02 2.71 38.42
CA ARG C 142 -35.40 3.09 38.12
C ARG C 142 -35.52 4.57 37.77
N LYS C 143 -34.57 5.06 36.98
CA LYS C 143 -34.54 6.45 36.53
C LYS C 143 -34.67 6.48 35.02
N ALA C 144 -34.51 5.31 34.39
CA ALA C 144 -34.56 5.21 32.94
C ALA C 144 -35.95 5.44 32.38
N LYS C 145 -36.00 5.84 31.11
CA LYS C 145 -37.26 6.01 30.41
C LYS C 145 -37.73 4.71 29.78
N GLN C 146 -39.04 4.56 29.70
CA GLN C 146 -39.62 3.41 29.03
C GLN C 146 -40.12 3.80 27.64
N ALA C 147 -40.31 2.80 26.80
CA ALA C 147 -40.73 3.03 25.42
C ALA C 147 -42.07 3.77 25.31
N LYS C 148 -42.94 3.50 26.26
CA LYS C 148 -44.25 4.08 26.29
C LYS C 148 -44.15 5.52 26.58
N ASP C 149 -42.97 6.09 26.55
CA ASP C 149 -42.81 7.48 26.90
C ASP C 149 -42.03 8.20 25.88
N VAL C 150 -41.93 7.61 24.71
CA VAL C 150 -41.38 8.32 23.59
C VAL C 150 -42.47 8.38 22.53
N LYS C 151 -42.91 9.58 22.22
CA LYS C 151 -43.95 9.79 21.23
C LYS C 151 -43.61 9.51 19.80
N GLU C 152 -42.34 9.27 19.56
CA GLU C 152 -41.88 8.93 18.25
C GLU C 152 -42.32 7.50 18.13
N LEU C 153 -42.18 6.66 19.15
CA LEU C 153 -42.56 5.27 19.03
C LEU C 153 -43.89 4.64 19.25
N GLU C 154 -44.86 5.40 19.71
CA GLU C 154 -46.13 4.83 20.09
C GLU C 154 -46.67 4.00 18.96
N PRO C 155 -46.44 4.53 17.68
CA PRO C 155 -46.80 3.63 16.59
C PRO C 155 -46.43 2.17 16.73
N TYR C 156 -45.22 1.87 17.16
CA TYR C 156 -44.77 0.49 17.13
C TYR C 156 -44.89 -0.16 18.48
N LEU C 157 -45.63 0.49 19.34
CA LEU C 157 -45.75 0.12 20.76
C LEU C 157 -46.77 -1.00 20.95
N THR C 158 -46.31 -2.14 21.47
CA THR C 158 -47.16 -3.26 21.71
C THR C 158 -46.82 -3.90 23.04
N ASP C 159 -47.21 -5.16 23.19
CA ASP C 159 -46.93 -5.90 24.43
C ASP C 159 -46.53 -7.34 24.13
N VAL C 160 -45.25 -7.54 23.85
CA VAL C 160 -44.74 -8.87 23.54
C VAL C 160 -45.26 -9.91 24.53
N ALA C 161 -45.11 -9.62 25.81
CA ALA C 161 -45.58 -10.52 26.86
C ALA C 161 -46.98 -11.05 26.56
N GLN C 162 -47.70 -10.34 25.71
CA GLN C 162 -49.05 -10.73 25.33
C GLN C 162 -49.04 -11.62 24.10
N GLU C 163 -48.69 -11.04 22.96
CA GLU C 163 -48.66 -11.78 21.70
C GLU C 163 -47.96 -13.13 21.88
N ILE C 164 -46.69 -13.08 22.27
CA ILE C 164 -45.92 -14.31 22.48
C ILE C 164 -46.71 -15.34 23.26
N ASN C 165 -47.52 -14.87 24.20
CA ASN C 165 -48.33 -15.75 25.03
C ASN C 165 -49.55 -16.28 24.27
N ASP C 166 -50.31 -15.36 23.68
CA ASP C 166 -51.50 -15.74 22.92
C ASP C 166 -51.16 -16.70 21.79
N ALA C 167 -50.15 -16.35 21.00
CA ALA C 167 -49.73 -17.18 19.88
C ALA C 167 -49.25 -18.55 20.35
N LEU C 168 -48.97 -18.64 21.65
CA LEU C 168 -48.50 -19.90 22.23
C LEU C 168 -49.66 -20.86 22.48
N ASP C 169 -50.72 -20.36 23.09
CA ASP C 169 -51.90 -21.17 23.38
C ASP C 169 -52.62 -21.57 22.10
N GLU C 170 -52.16 -21.04 20.97
CA GLU C 170 -52.76 -21.34 19.68
C GLU C 170 -52.10 -22.48 18.94
N GLY C 171 -51.08 -23.05 19.53
CA GLY C 171 -50.37 -24.22 19.01
C GLY C 171 -49.15 -23.73 18.24
N SER C 172 -49.03 -22.41 18.21
CA SER C 172 -48.07 -21.62 17.43
C SER C 172 -46.56 -21.86 17.69
N LEU C 173 -45.76 -21.57 16.68
CA LEU C 173 -44.29 -21.60 16.81
C LEU C 173 -43.77 -20.19 17.07
N VAL C 174 -42.98 -20.04 18.13
CA VAL C 174 -42.38 -18.75 18.48
C VAL C 174 -40.87 -18.87 18.60
N LEU C 175 -40.15 -18.09 17.81
CA LEU C 175 -38.69 -18.12 17.83
C LEU C 175 -38.14 -16.92 18.59
N VAL C 176 -37.25 -17.21 19.55
CA VAL C 176 -36.71 -16.14 20.40
C VAL C 176 -35.19 -16.04 20.28
N GLU C 177 -34.71 -14.82 20.02
CA GLU C 177 -33.29 -14.56 19.83
C GLU C 177 -32.66 -13.88 21.04
N GLY C 178 -31.60 -14.48 21.57
CA GLY C 178 -30.84 -13.87 22.66
C GLY C 178 -29.58 -13.19 22.14
N THR C 179 -28.91 -12.44 23.00
CA THR C 179 -27.68 -11.75 22.61
C THR C 179 -26.50 -12.27 23.42
N GLN C 180 -25.30 -12.09 22.88
CA GLN C 180 -24.05 -12.54 23.51
C GLN C 180 -23.76 -14.04 23.57
N GLY C 181 -23.21 -14.47 24.70
CA GLY C 181 -22.86 -15.86 24.90
C GLY C 181 -22.73 -16.05 26.39
N PHE C 182 -22.69 -17.31 26.82
CA PHE C 182 -22.62 -17.67 28.22
C PHE C 182 -21.43 -17.01 28.92
N GLY C 183 -20.30 -16.91 28.22
CA GLY C 183 -19.08 -16.36 28.79
C GLY C 183 -19.18 -14.89 29.15
N LEU C 184 -20.18 -14.21 28.62
CA LEU C 184 -20.39 -12.80 28.89
C LEU C 184 -21.52 -12.55 29.87
N SER C 185 -22.03 -13.62 30.47
CA SER C 185 -23.11 -13.51 31.45
C SER C 185 -22.67 -12.73 32.67
N LEU C 186 -23.50 -11.80 33.12
CA LEU C 186 -23.21 -11.00 34.30
C LEU C 186 -23.03 -11.89 35.52
N TYR C 187 -23.78 -12.99 35.57
CA TYR C 187 -23.72 -13.89 36.72
C TYR C 187 -22.63 -14.94 36.55
N TYR C 188 -22.69 -15.69 35.45
CA TYR C 188 -21.88 -16.88 35.30
C TYR C 188 -20.70 -16.71 34.35
N GLY C 189 -20.60 -15.54 33.72
CA GLY C 189 -19.51 -15.28 32.79
C GLY C 189 -18.21 -14.92 33.48
N THR C 190 -17.32 -14.25 32.74
CA THR C 190 -16.02 -13.87 33.26
C THR C 190 -16.03 -12.48 33.88
N TYR C 191 -16.76 -12.32 34.97
CA TYR C 191 -16.86 -11.05 35.69
C TYR C 191 -15.48 -10.53 36.10
N PRO C 192 -15.23 -9.22 35.90
CA PRO C 192 -16.18 -8.23 35.41
C PRO C 192 -16.15 -8.06 33.89
N TYR C 193 -15.36 -8.87 33.19
CA TYR C 193 -15.29 -8.77 31.74
C TYR C 193 -16.49 -9.45 31.10
N VAL C 194 -17.67 -8.87 31.37
CA VAL C 194 -18.94 -9.41 30.90
C VAL C 194 -19.84 -8.28 30.43
N THR C 195 -21.06 -8.62 30.03
CA THR C 195 -22.05 -7.62 29.68
C THR C 195 -22.89 -7.27 30.90
N SER C 196 -23.85 -6.36 30.72
CA SER C 196 -24.57 -5.77 31.85
C SER C 196 -25.82 -6.57 32.29
N LYS C 197 -25.86 -7.85 31.97
CA LYS C 197 -27.07 -8.64 32.17
C LYS C 197 -26.80 -10.12 31.98
N ASP C 198 -27.54 -10.98 32.66
CA ASP C 198 -27.43 -12.42 32.43
C ASP C 198 -27.92 -12.76 31.02
N VAL C 199 -27.35 -13.80 30.43
CA VAL C 199 -27.54 -14.05 29.01
C VAL C 199 -28.08 -15.46 28.71
N THR C 200 -28.07 -16.32 29.72
CA THR C 200 -28.61 -17.67 29.60
C THR C 200 -30.07 -17.70 29.16
N ALA C 201 -30.51 -18.89 28.73
CA ALA C 201 -31.85 -19.08 28.15
C ALA C 201 -32.98 -18.67 29.10
N SER C 202 -32.76 -18.87 30.40
CA SER C 202 -33.77 -18.50 31.38
C SER C 202 -33.98 -16.98 31.40
N SER C 203 -32.89 -16.23 31.34
CA SER C 203 -32.95 -14.77 31.28
C SER C 203 -33.59 -14.30 30.00
N VAL C 204 -33.21 -14.93 28.89
CA VAL C 204 -33.77 -14.60 27.59
C VAL C 204 -35.27 -14.84 27.59
N ALA C 205 -35.69 -15.91 28.26
CA ALA C 205 -37.10 -16.23 28.40
C ALA C 205 -37.83 -15.13 29.17
N ALA C 206 -37.19 -14.62 30.21
CA ALA C 206 -37.76 -13.55 31.02
C ALA C 206 -37.82 -12.24 30.25
N ASP C 207 -36.93 -12.09 29.28
CA ASP C 207 -36.86 -10.86 28.49
C ASP C 207 -38.09 -10.68 27.60
N VAL C 208 -38.57 -11.79 27.03
CA VAL C 208 -39.70 -11.74 26.11
C VAL C 208 -41.04 -11.95 26.82
N GLY C 209 -40.99 -12.58 27.99
CA GLY C 209 -42.20 -12.80 28.78
C GLY C 209 -42.73 -14.22 28.72
N ILE C 210 -41.82 -15.18 28.90
CA ILE C 210 -42.19 -16.60 28.82
C ILE C 210 -41.76 -17.33 30.09
N GLY C 211 -42.71 -17.99 30.74
CA GLY C 211 -42.40 -18.82 31.90
C GLY C 211 -41.51 -19.98 31.46
N PRO C 212 -40.66 -20.46 32.37
CA PRO C 212 -39.69 -21.52 32.04
C PRO C 212 -40.36 -22.80 31.57
N THR C 213 -41.59 -23.02 32.03
CA THR C 213 -42.33 -24.22 31.68
C THR C 213 -42.76 -24.23 30.22
N ARG C 214 -42.90 -23.03 29.64
CA ARG C 214 -43.40 -22.92 28.27
C ARG C 214 -42.29 -23.04 27.21
N VAL C 215 -41.05 -23.19 27.65
CA VAL C 215 -39.92 -23.30 26.73
C VAL C 215 -39.68 -24.76 26.35
N ASP C 216 -40.01 -25.09 25.10
CA ASP C 216 -39.86 -26.45 24.61
C ASP C 216 -38.43 -26.79 24.22
N GLU C 217 -37.83 -25.93 23.42
CA GLU C 217 -36.49 -26.17 22.90
C GLU C 217 -35.51 -25.05 23.22
N VAL C 218 -34.27 -25.41 23.51
CA VAL C 218 -33.22 -24.43 23.76
C VAL C 218 -32.00 -24.78 22.92
N ILE C 219 -31.75 -23.99 21.89
CA ILE C 219 -30.59 -24.20 21.04
C ILE C 219 -29.44 -23.31 21.51
N VAL C 220 -28.31 -23.93 21.83
CA VAL C 220 -27.13 -23.18 22.24
C VAL C 220 -26.08 -23.20 21.14
N VAL C 221 -25.75 -22.01 20.63
CA VAL C 221 -24.87 -21.89 19.47
C VAL C 221 -23.41 -21.83 19.86
N PHE C 222 -22.61 -22.65 19.19
CA PHE C 222 -21.16 -22.64 19.34
C PHE C 222 -20.47 -22.46 17.99
N LYS C 223 -19.32 -21.79 17.98
CA LYS C 223 -18.52 -21.71 16.77
C LYS C 223 -17.30 -22.60 16.92
N SER C 224 -16.77 -23.07 15.80
CA SER C 224 -15.64 -23.99 15.79
C SER C 224 -14.45 -23.41 16.54
N PHE C 225 -14.24 -22.10 16.37
CA PHE C 225 -13.19 -21.39 17.10
C PHE C 225 -13.80 -20.21 17.83
N PRO C 226 -13.93 -20.32 19.16
CA PRO C 226 -14.54 -19.27 20.00
C PRO C 226 -13.81 -17.93 19.85
N THR C 227 -14.55 -16.84 19.98
CA THR C 227 -13.93 -15.52 19.85
C THR C 227 -14.28 -14.60 21.01
N ARG C 228 -13.39 -13.67 21.30
CA ARG C 228 -13.62 -12.65 22.32
C ARG C 228 -13.31 -11.27 21.78
N VAL C 229 -14.27 -10.36 21.89
CA VAL C 229 -14.02 -8.96 21.60
C VAL C 229 -13.77 -8.23 22.92
N GLY C 230 -12.68 -7.49 22.99
CA GLY C 230 -12.33 -6.78 24.21
C GLY C 230 -11.47 -7.63 25.13
N ALA C 231 -11.22 -7.11 26.33
CA ALA C 231 -10.35 -7.78 27.28
C ALA C 231 -11.07 -8.88 28.04
N GLY C 232 -10.34 -9.59 28.89
CA GLY C 232 -10.93 -10.67 29.67
C GLY C 232 -10.24 -12.00 29.46
N PRO C 233 -10.34 -12.88 30.47
CA PRO C 233 -9.76 -14.23 30.43
C PRO C 233 -10.24 -15.04 29.23
N PHE C 234 -9.33 -15.75 28.59
CA PHE C 234 -9.67 -16.65 27.50
C PHE C 234 -8.70 -17.83 27.50
N PRO C 235 -9.07 -18.92 28.18
CA PRO C 235 -8.19 -20.07 28.44
C PRO C 235 -7.58 -20.69 27.19
N THR C 236 -8.36 -20.86 26.12
CA THR C 236 -7.86 -21.51 24.92
C THR C 236 -7.48 -20.54 23.80
N GLU C 237 -7.07 -19.32 24.15
CA GLU C 237 -6.75 -18.31 23.14
C GLU C 237 -5.48 -18.66 22.35
N MET C 238 -5.55 -18.49 21.03
CA MET C 238 -4.42 -18.72 20.14
C MET C 238 -3.74 -17.41 19.75
N PRO C 239 -2.45 -17.48 19.37
CA PRO C 239 -1.73 -16.30 18.84
C PRO C 239 -2.45 -15.73 17.62
N MET C 240 -2.36 -14.43 17.39
CA MET C 240 -3.14 -13.84 16.31
C MET C 240 -2.62 -14.21 14.93
N GLU C 241 -1.34 -14.56 14.87
CA GLU C 241 -0.72 -14.96 13.61
C GLU C 241 -1.26 -16.32 13.17
N GLU C 242 -1.52 -17.21 14.12
CA GLU C 242 -2.10 -18.50 13.79
C GLU C 242 -3.52 -18.26 13.30
N ALA C 243 -4.20 -17.31 13.96
CA ALA C 243 -5.54 -16.93 13.57
C ALA C 243 -5.54 -16.38 12.15
N ASP C 244 -4.50 -15.63 11.80
CA ASP C 244 -4.36 -15.11 10.44
C ASP C 244 -4.05 -16.24 9.46
N ARG C 245 -3.13 -17.12 9.87
CA ARG C 245 -2.73 -18.27 9.07
C ARG C 245 -3.90 -19.20 8.79
N LEU C 246 -4.75 -19.40 9.80
CA LEU C 246 -5.87 -20.30 9.68
C LEU C 246 -7.08 -19.58 9.07
N GLY C 247 -6.87 -18.33 8.67
CA GLY C 247 -7.90 -17.52 8.07
C GLY C 247 -9.11 -17.34 8.98
N LEU C 248 -8.84 -16.99 10.24
CA LEU C 248 -9.90 -16.82 11.22
C LEU C 248 -10.07 -15.36 11.62
N VAL C 249 -9.72 -14.46 10.72
CA VAL C 249 -9.79 -13.04 11.02
C VAL C 249 -11.19 -12.49 10.80
N GLU C 250 -11.79 -11.97 11.88
CA GLU C 250 -13.12 -11.39 11.83
C GLU C 250 -13.14 -10.08 12.63
N TYR C 251 -13.93 -9.11 12.16
CA TYR C 251 -14.00 -7.82 12.83
C TYR C 251 -15.39 -7.58 13.41
N GLY C 252 -15.44 -6.87 14.54
CA GLY C 252 -16.67 -6.60 15.24
C GLY C 252 -17.73 -5.95 14.38
N THR C 253 -18.96 -6.44 14.48
CA THR C 253 -20.06 -5.93 13.69
C THR C 253 -20.40 -4.49 14.05
N VAL C 254 -20.14 -4.14 15.31
CA VAL C 254 -20.52 -2.84 15.85
C VAL C 254 -19.33 -1.90 16.01
N THR C 255 -18.22 -2.42 16.52
CA THR C 255 -17.05 -1.59 16.83
C THR C 255 -15.91 -1.75 15.82
N GLY C 256 -15.99 -2.78 14.99
CA GLY C 256 -14.95 -3.04 14.00
C GLY C 256 -13.64 -3.51 14.60
N ARG C 257 -13.67 -3.93 15.85
CA ARG C 257 -12.47 -4.44 16.53
C ARG C 257 -12.20 -5.87 16.08
N ARG C 258 -10.92 -6.23 16.03
CA ARG C 258 -10.53 -7.60 15.72
C ARG C 258 -11.08 -8.55 16.76
N ARG C 259 -11.33 -9.79 16.38
CA ARG C 259 -11.91 -10.78 17.28
C ARG C 259 -10.63 -11.46 17.76
N ARG C 260 -10.64 -11.91 19.01
CA ARG C 260 -9.51 -12.64 19.56
C ARG C 260 -10.03 -14.02 19.23
N VAL C 261 -9.14 -14.91 18.78
CA VAL C 261 -9.55 -16.26 18.40
C VAL C 261 -8.89 -17.29 19.32
N GLY C 262 -9.58 -18.40 19.55
CA GLY C 262 -9.05 -19.46 20.37
C GLY C 262 -9.53 -20.83 19.93
N TRP C 263 -8.97 -21.87 20.54
CA TRP C 263 -9.37 -23.23 20.22
C TRP C 263 -10.65 -23.58 20.96
N PHE C 264 -11.40 -24.55 20.45
CA PHE C 264 -12.67 -24.93 21.06
C PHE C 264 -12.48 -25.40 22.50
N ASP C 265 -13.10 -24.69 23.44
CA ASP C 265 -13.05 -25.05 24.86
C ASP C 265 -14.16 -26.04 25.19
N PHE C 266 -13.78 -27.30 25.38
CA PHE C 266 -14.77 -28.35 25.60
C PHE C 266 -15.34 -28.30 27.01
N GLU C 267 -14.51 -27.99 27.99
CA GLU C 267 -14.97 -27.94 29.38
C GLU C 267 -15.98 -26.83 29.58
N MET C 268 -15.71 -25.67 28.98
CA MET C 268 -16.61 -24.53 29.06
C MET C 268 -17.90 -24.79 28.29
N ALA C 269 -17.79 -25.51 27.19
CA ALA C 269 -18.93 -25.83 26.35
C ALA C 269 -19.95 -26.68 27.11
N ARG C 270 -19.47 -27.67 27.86
CA ARG C 270 -20.36 -28.54 28.61
C ARG C 270 -21.06 -27.75 29.70
N TYR C 271 -20.30 -26.91 30.39
CA TYR C 271 -20.84 -26.07 31.46
C TYR C 271 -21.86 -25.09 30.91
N SER C 272 -21.49 -24.39 29.85
CA SER C 272 -22.36 -23.41 29.21
C SER C 272 -23.67 -24.05 28.75
N ALA C 273 -23.56 -25.23 28.15
CA ALA C 273 -24.72 -25.94 27.63
C ALA C 273 -25.63 -26.42 28.76
N ARG C 274 -25.02 -26.86 29.86
CA ARG C 274 -25.80 -27.48 30.93
C ARG C 274 -26.59 -26.47 31.75
N ILE C 275 -25.96 -25.34 32.09
CA ILE C 275 -26.64 -24.28 32.82
C ILE C 275 -27.74 -23.67 31.95
N ASN C 276 -27.52 -23.62 30.64
CA ASN C 276 -28.53 -23.16 29.71
C ASN C 276 -29.71 -24.12 29.59
N GLY C 277 -29.52 -25.36 30.04
CA GLY C 277 -30.54 -26.38 29.90
C GLY C 277 -30.72 -26.74 28.44
N ALA C 278 -29.60 -26.84 27.73
CA ALA C 278 -29.60 -27.08 26.30
C ALA C 278 -30.23 -28.41 25.91
N THR C 279 -31.13 -28.36 24.93
CA THR C 279 -31.73 -29.57 24.37
C THR C 279 -31.04 -29.91 23.06
N MET C 280 -30.55 -28.88 22.40
CA MET C 280 -29.92 -29.02 21.08
C MET C 280 -28.73 -28.10 20.93
N LEU C 281 -27.67 -28.60 20.30
CA LEU C 281 -26.51 -27.78 19.99
C LEU C 281 -26.52 -27.35 18.54
N ALA C 282 -25.91 -26.22 18.25
CA ALA C 282 -25.73 -25.76 16.88
C ALA C 282 -24.30 -25.29 16.67
N VAL C 283 -23.62 -25.88 15.69
CA VAL C 283 -22.22 -25.55 15.45
C VAL C 283 -22.04 -24.82 14.13
N THR C 284 -21.30 -23.72 14.17
CA THR C 284 -21.10 -22.92 12.97
C THR C 284 -19.64 -22.90 12.55
N MET C 285 -19.41 -22.45 11.32
CA MET C 285 -18.06 -22.28 10.76
C MET C 285 -17.24 -23.57 10.78
N LEU C 286 -17.88 -24.69 10.43
CA LEU C 286 -17.17 -25.95 10.35
C LEU C 286 -16.23 -25.92 9.16
N ASP C 287 -16.57 -25.08 8.19
CA ASP C 287 -15.74 -24.88 7.01
C ASP C 287 -14.42 -24.23 7.40
N LYS C 288 -14.42 -23.53 8.53
CA LYS C 288 -13.20 -22.90 8.98
C LYS C 288 -12.34 -23.87 9.78
N TYR C 289 -12.98 -24.90 10.34
CA TYR C 289 -12.25 -25.97 11.01
C TYR C 289 -11.67 -26.94 10.01
N ASP C 290 -12.45 -27.26 8.99
CA ASP C 290 -11.96 -28.11 7.91
C ASP C 290 -12.51 -27.61 6.58
N LYS C 291 -11.60 -27.22 5.70
CA LYS C 291 -11.95 -26.53 4.47
C LYS C 291 -12.67 -27.42 3.51
N GLU C 292 -12.59 -28.70 3.78
CA GLU C 292 -13.27 -29.69 2.96
C GLU C 292 -14.76 -29.78 3.27
N ALA C 293 -15.16 -29.14 4.36
CA ALA C 293 -16.56 -29.21 4.80
C ALA C 293 -17.42 -28.09 4.24
N PHE C 294 -16.83 -27.22 3.42
CA PHE C 294 -17.54 -26.05 2.94
C PHE C 294 -18.73 -26.39 2.04
N GLY C 295 -19.89 -25.82 2.35
CA GLY C 295 -21.05 -25.92 1.48
C GLY C 295 -21.87 -27.18 1.68
N VAL C 296 -21.31 -28.13 2.42
CA VAL C 296 -21.95 -29.41 2.66
C VAL C 296 -23.30 -29.26 3.35
N THR C 297 -24.31 -29.96 2.84
CA THR C 297 -25.66 -29.86 3.39
C THR C 297 -26.16 -31.19 3.91
N ASP C 298 -25.37 -32.25 3.71
CA ASP C 298 -25.73 -33.56 4.24
C ASP C 298 -24.66 -34.01 5.21
N TYR C 299 -25.07 -34.61 6.32
CA TYR C 299 -24.11 -34.98 7.35
C TYR C 299 -23.21 -36.09 6.84
N ASP C 300 -23.72 -36.82 5.85
CA ASP C 300 -23.09 -38.04 5.38
C ASP C 300 -21.91 -37.78 4.46
N LYS C 301 -21.83 -36.56 3.95
CA LYS C 301 -20.76 -36.18 3.04
C LYS C 301 -19.67 -35.31 3.68
N LEU C 302 -19.75 -35.09 4.99
CA LEU C 302 -18.67 -34.41 5.68
C LEU C 302 -17.39 -35.24 5.67
N PRO C 303 -16.23 -34.56 5.55
CA PRO C 303 -14.91 -35.18 5.71
C PRO C 303 -14.77 -35.76 7.11
N ARG C 304 -13.88 -36.73 7.32
CA ARG C 304 -13.83 -37.40 8.61
C ARG C 304 -13.40 -36.43 9.72
N LYS C 305 -12.45 -35.55 9.43
CA LYS C 305 -11.93 -34.65 10.47
C LYS C 305 -13.01 -33.68 10.92
N ALA C 306 -13.94 -33.38 10.02
CA ALA C 306 -15.11 -32.57 10.35
C ALA C 306 -16.08 -33.36 11.23
N LYS C 307 -16.25 -34.64 10.90
CA LYS C 307 -17.22 -35.47 11.62
C LYS C 307 -16.74 -35.81 13.02
N GLU C 308 -15.44 -36.04 13.18
CA GLU C 308 -14.89 -36.33 14.49
C GLU C 308 -14.83 -35.10 15.39
N PHE C 309 -15.07 -33.92 14.82
CA PHE C 309 -15.16 -32.73 15.63
C PHE C 309 -16.56 -32.67 16.23
N ILE C 310 -17.56 -32.85 15.38
CA ILE C 310 -18.95 -32.86 15.81
C ILE C 310 -19.21 -33.99 16.82
N GLU C 311 -18.56 -35.13 16.63
CA GLU C 311 -18.75 -36.27 17.52
C GLU C 311 -18.04 -36.03 18.84
N GLU C 312 -16.89 -35.38 18.78
CA GLU C 312 -16.13 -35.05 19.99
C GLU C 312 -16.90 -34.03 20.82
N ILE C 313 -17.51 -33.06 20.15
CA ILE C 313 -18.35 -32.08 20.81
C ILE C 313 -19.54 -32.77 21.47
N GLU C 314 -20.24 -33.59 20.69
CA GLU C 314 -21.45 -34.26 21.14
C GLU C 314 -21.27 -35.10 22.42
N GLU C 315 -20.06 -35.61 22.66
CA GLU C 315 -19.86 -36.42 23.88
C GLU C 315 -19.33 -35.65 25.08
N ARG C 316 -18.48 -34.67 24.85
CA ARG C 316 -17.87 -33.96 25.96
C ARG C 316 -18.77 -32.86 26.48
N VAL C 317 -19.83 -32.59 25.73
CA VAL C 317 -20.85 -31.63 26.15
C VAL C 317 -22.11 -32.38 26.56
N GLY C 318 -22.34 -33.54 25.94
CA GLY C 318 -23.47 -34.39 26.26
C GLY C 318 -24.79 -33.90 25.66
N VAL C 319 -24.69 -33.13 24.59
CA VAL C 319 -25.87 -32.59 23.92
C VAL C 319 -25.73 -32.78 22.41
N PRO C 320 -26.79 -33.32 21.78
CA PRO C 320 -26.81 -33.54 20.33
C PRO C 320 -26.69 -32.27 19.50
N VAL C 321 -25.96 -32.35 18.39
CA VAL C 321 -25.84 -31.23 17.48
C VAL C 321 -26.79 -31.41 16.31
N GLY C 322 -27.87 -30.63 16.29
CA GLY C 322 -28.90 -30.78 15.28
C GLY C 322 -28.84 -29.73 14.18
N LEU C 323 -27.86 -28.83 14.28
CA LEU C 323 -27.67 -27.79 13.28
C LEU C 323 -26.19 -27.51 13.08
N ILE C 324 -25.70 -27.74 11.87
CA ILE C 324 -24.29 -27.48 11.55
C ILE C 324 -24.17 -26.60 10.32
N LYS C 325 -23.67 -25.37 10.52
CA LYS C 325 -23.50 -24.44 9.43
C LYS C 325 -22.12 -24.61 8.80
N THR C 326 -22.08 -24.69 7.48
CA THR C 326 -20.85 -24.96 6.74
C THR C 326 -20.43 -23.79 5.88
N GLY C 327 -21.00 -22.61 6.15
CA GLY C 327 -20.67 -21.41 5.40
C GLY C 327 -21.59 -20.26 5.74
N PRO C 328 -21.24 -19.05 5.27
CA PRO C 328 -21.97 -17.81 5.54
C PRO C 328 -23.39 -17.79 4.97
N GLU C 329 -23.61 -18.51 3.87
CA GLU C 329 -24.88 -18.46 3.17
C GLU C 329 -25.97 -19.25 3.90
N LEU C 330 -27.22 -18.96 3.56
CA LEU C 330 -28.37 -19.63 4.16
C LEU C 330 -28.34 -21.12 3.88
N GLU C 331 -28.02 -21.47 2.64
CA GLU C 331 -28.04 -22.85 2.17
C GLU C 331 -26.92 -23.68 2.77
N HIS C 332 -25.90 -23.00 3.30
CA HIS C 332 -24.75 -23.67 3.89
C HIS C 332 -25.07 -24.22 5.28
N ILE C 333 -25.99 -25.17 5.34
CA ILE C 333 -26.46 -25.68 6.63
C ILE C 333 -26.82 -27.16 6.57
N ILE C 334 -26.45 -27.88 7.62
CA ILE C 334 -26.85 -29.27 7.79
C ILE C 334 -27.91 -29.35 8.88
N ASP C 335 -29.07 -29.91 8.54
CA ASP C 335 -30.18 -29.94 9.48
C ASP C 335 -30.47 -31.37 9.95
N ARG C 336 -29.89 -31.79 11.04
CA ARG C 336 -30.22 -33.09 11.52
C ARG C 336 -31.22 -33.01 12.63
N ARG C 337 -32.11 -32.04 12.58
CA ARG C 337 -32.99 -31.88 13.69
C ARG C 337 -33.82 -33.13 13.87
N ASP C 338 -33.61 -34.11 13.01
CA ASP C 338 -34.36 -35.34 13.06
C ASP C 338 -33.43 -36.41 13.55
N THR C 339 -32.97 -36.24 14.78
CA THR C 339 -32.01 -37.14 15.38
C THR C 339 -31.42 -36.50 16.63
N PRO D 3 -37.93 -34.09 41.10
CA PRO D 3 -38.55 -33.07 40.26
C PRO D 3 -37.90 -31.71 40.46
N SER D 4 -38.52 -30.68 39.92
CA SER D 4 -38.08 -29.30 40.11
C SER D 4 -39.28 -28.40 40.41
N VAL D 5 -39.21 -27.63 41.49
CA VAL D 5 -40.30 -26.71 41.82
C VAL D 5 -39.79 -25.30 42.10
N ILE D 6 -40.38 -24.31 41.45
CA ILE D 6 -40.03 -22.91 41.68
C ILE D 6 -41.21 -22.15 42.28
N VAL D 7 -40.97 -21.45 43.38
CA VAL D 7 -42.01 -20.68 44.04
C VAL D 7 -41.79 -19.19 43.83
N VAL D 8 -42.79 -18.54 43.25
CA VAL D 8 -42.70 -17.10 42.99
C VAL D 8 -43.96 -16.38 43.44
N GLY D 9 -43.87 -15.06 43.57
CA GLY D 9 -45.01 -14.26 43.99
C GLY D 9 -45.85 -13.81 42.81
N GLY D 10 -47.16 -13.71 43.02
CA GLY D 10 -48.06 -13.38 41.95
C GLY D 10 -48.58 -11.96 42.02
N GLN D 11 -48.25 -11.28 43.11
CA GLN D 11 -48.70 -9.91 43.32
C GLN D 11 -47.55 -8.94 43.54
N TRP D 12 -47.61 -8.22 44.66
CA TRP D 12 -46.57 -7.26 45.01
C TRP D 12 -45.77 -7.73 46.22
N GLY D 13 -45.48 -9.02 46.27
CA GLY D 13 -44.72 -9.59 47.38
C GLY D 13 -45.56 -9.85 48.61
N ASP D 14 -44.93 -10.45 49.61
CA ASP D 14 -45.56 -10.74 50.90
C ASP D 14 -46.79 -11.63 50.77
N GLU D 15 -46.80 -12.50 49.76
CA GLU D 15 -47.94 -13.38 49.51
C GLU D 15 -47.95 -14.60 50.42
N GLY D 16 -46.86 -14.82 51.15
CA GLY D 16 -46.75 -15.97 52.02
C GLY D 16 -45.86 -17.01 51.39
N LYS D 17 -44.94 -16.56 50.55
CA LYS D 17 -44.02 -17.46 49.85
C LYS D 17 -43.18 -18.28 50.82
N GLY D 18 -42.69 -17.61 51.87
CA GLY D 18 -41.88 -18.27 52.87
C GLY D 18 -42.61 -19.41 53.54
N SER D 19 -43.86 -19.13 53.94
CA SER D 19 -44.66 -20.11 54.65
C SER D 19 -44.98 -21.35 53.81
N ILE D 20 -44.92 -21.20 52.49
CA ILE D 20 -45.22 -22.30 51.58
C ILE D 20 -43.97 -23.11 51.27
N VAL D 21 -42.86 -22.42 50.99
CA VAL D 21 -41.57 -23.07 50.83
C VAL D 21 -41.24 -23.80 52.12
N ALA D 22 -41.67 -23.21 53.24
CA ALA D 22 -41.56 -23.84 54.54
C ALA D 22 -42.19 -25.23 54.53
N TYR D 23 -43.48 -25.23 54.24
CA TYR D 23 -44.31 -26.43 54.20
C TYR D 23 -43.77 -27.49 53.24
N LEU D 24 -43.46 -27.09 52.02
CA LEU D 24 -42.97 -28.01 50.99
C LEU D 24 -41.65 -28.65 51.40
N SER D 25 -40.83 -27.89 52.12
CA SER D 25 -39.55 -28.38 52.60
C SER D 25 -39.75 -29.57 53.51
N LEU D 26 -40.53 -29.37 54.56
CA LEU D 26 -40.81 -30.40 55.54
C LEU D 26 -41.61 -31.56 54.92
N HIS D 27 -42.59 -31.20 54.10
CA HIS D 27 -43.54 -32.17 53.57
C HIS D 27 -42.93 -33.08 52.50
N ASP D 28 -42.24 -32.49 51.53
CA ASP D 28 -41.74 -33.25 50.37
C ASP D 28 -40.29 -33.68 50.53
N GLU D 29 -39.60 -33.10 51.51
CA GLU D 29 -38.19 -33.41 51.79
C GLU D 29 -37.28 -33.29 50.57
N PRO D 30 -37.01 -32.06 50.11
CA PRO D 30 -36.06 -31.88 49.01
C PRO D 30 -34.62 -31.94 49.51
N GLU D 31 -33.70 -32.41 48.67
CA GLU D 31 -32.29 -32.44 49.04
C GLU D 31 -31.74 -31.03 49.13
N ILE D 32 -32.16 -30.16 48.22
CA ILE D 32 -31.68 -28.81 48.13
C ILE D 32 -32.79 -27.80 48.18
N ILE D 33 -32.58 -26.75 48.97
CA ILE D 33 -33.58 -25.69 49.10
C ILE D 33 -32.98 -24.32 48.80
N ALA D 34 -32.60 -24.11 47.55
CA ALA D 34 -32.00 -22.85 47.13
C ALA D 34 -32.81 -21.60 46.79
N ARG D 35 -32.52 -20.50 47.48
CA ARG D 35 -33.21 -19.22 47.32
C ARG D 35 -32.75 -18.31 46.19
N GLY D 36 -33.73 -17.74 45.48
CA GLY D 36 -33.45 -16.86 44.37
C GLY D 36 -33.98 -15.45 44.60
N GLY D 37 -34.49 -14.84 43.55
CA GLY D 37 -35.03 -13.49 43.64
C GLY D 37 -33.98 -12.43 43.43
N VAL D 38 -34.23 -11.24 43.96
CA VAL D 38 -33.29 -10.12 43.82
C VAL D 38 -32.09 -10.05 44.75
N GLY D 39 -32.34 -9.79 46.03
CA GLY D 39 -31.29 -9.70 47.02
C GLY D 39 -31.83 -10.16 48.36
N THR D 40 -31.92 -9.24 49.31
CA THR D 40 -32.43 -9.55 50.63
C THR D 40 -33.45 -8.52 51.10
N ASN D 41 -33.77 -7.57 50.22
CA ASN D 41 -34.72 -6.55 50.52
C ASN D 41 -35.92 -7.33 51.03
N ALA D 42 -35.77 -8.63 51.09
CA ALA D 42 -36.88 -9.55 51.27
C ALA D 42 -37.11 -9.89 52.70
N GLY D 43 -38.36 -10.07 53.08
CA GLY D 43 -38.64 -10.55 54.42
C GLY D 43 -39.61 -11.70 54.37
N HIS D 44 -39.11 -12.90 54.62
CA HIS D 44 -39.93 -14.11 54.54
C HIS D 44 -40.17 -14.69 55.93
N SER D 45 -41.43 -14.77 56.33
CA SER D 45 -41.76 -15.24 57.67
C SER D 45 -42.44 -16.61 57.68
N VAL D 46 -42.19 -17.36 58.74
CA VAL D 46 -42.78 -18.68 58.93
C VAL D 46 -43.05 -18.89 60.42
N VAL D 47 -44.16 -19.54 60.75
CA VAL D 47 -44.44 -19.85 62.15
C VAL D 47 -44.26 -21.35 62.39
N ILE D 48 -43.34 -21.70 63.27
CA ILE D 48 -43.07 -23.10 63.60
C ILE D 48 -43.49 -23.47 65.02
N ASN D 49 -44.62 -24.17 65.13
CA ASN D 49 -45.18 -24.58 66.42
C ASN D 49 -45.28 -23.44 67.42
N GLY D 50 -45.80 -22.31 66.96
CA GLY D 50 -46.03 -21.17 67.81
C GLY D 50 -44.90 -20.15 67.83
N LYS D 51 -43.79 -20.48 67.17
CA LYS D 51 -42.66 -19.56 67.13
C LYS D 51 -42.44 -19.00 65.73
N LYS D 52 -42.70 -17.71 65.55
CA LYS D 52 -42.56 -17.09 64.23
C LYS D 52 -41.12 -16.66 63.95
N TYR D 53 -40.60 -17.11 62.81
CA TYR D 53 -39.27 -16.74 62.36
C TYR D 53 -39.35 -15.78 61.18
N ALA D 54 -38.23 -15.14 60.85
CA ALA D 54 -38.18 -14.21 59.73
C ALA D 54 -36.77 -14.13 59.16
N VAL D 55 -36.63 -14.53 57.90
CA VAL D 55 -35.32 -14.55 57.25
C VAL D 55 -35.27 -13.64 56.03
N ARG D 56 -34.07 -13.23 55.65
CA ARG D 56 -33.88 -12.31 54.51
C ARG D 56 -32.89 -12.87 53.51
N GLN D 57 -31.88 -13.57 54.01
CA GLN D 57 -30.81 -14.11 53.16
C GLN D 57 -30.94 -15.63 53.02
N ILE D 58 -31.01 -16.32 54.16
CA ILE D 58 -31.16 -17.77 54.18
C ILE D 58 -32.56 -18.15 53.68
N PRO D 59 -32.62 -19.14 52.78
CA PRO D 59 -33.91 -19.59 52.23
C PRO D 59 -34.83 -20.10 53.32
N THR D 60 -36.11 -19.77 53.24
CA THR D 60 -37.11 -20.40 54.10
C THR D 60 -37.11 -21.89 53.80
N GLY D 61 -37.07 -22.71 54.83
CA GLY D 61 -36.90 -24.13 54.63
C GLY D 61 -35.72 -24.64 55.43
N PHE D 62 -35.13 -23.75 56.22
CA PHE D 62 -34.06 -24.12 57.13
C PHE D 62 -34.54 -25.11 58.17
N MET D 63 -35.83 -25.10 58.44
CA MET D 63 -36.39 -26.06 59.32
C MET D 63 -36.12 -27.47 58.84
N GLN D 64 -36.16 -27.71 57.56
CA GLN D 64 -35.82 -29.04 57.07
C GLN D 64 -34.31 -29.22 57.19
N THR D 65 -33.91 -29.99 58.20
CA THR D 65 -32.51 -30.18 58.53
C THR D 65 -31.77 -31.17 57.62
N LYS D 66 -32.49 -32.08 56.97
CA LYS D 66 -31.81 -33.02 56.06
C LYS D 66 -31.31 -32.34 54.79
N ALA D 67 -31.84 -31.15 54.49
CA ALA D 67 -31.50 -30.48 53.24
C ALA D 67 -30.36 -29.48 53.19
N ARG D 68 -29.74 -29.36 52.02
CA ARG D 68 -28.70 -28.36 51.79
C ARG D 68 -29.32 -27.05 51.33
N LEU D 69 -28.90 -25.95 51.95
CA LEU D 69 -29.45 -24.62 51.67
C LEU D 69 -28.51 -23.80 50.78
N LEU D 70 -29.01 -23.36 49.64
CA LEU D 70 -28.16 -22.67 48.66
C LEU D 70 -28.67 -21.26 48.30
N ILE D 71 -27.75 -20.41 47.85
CA ILE D 71 -28.08 -19.07 47.40
C ILE D 71 -27.52 -18.81 46.01
N GLY D 72 -28.42 -18.63 45.04
CA GLY D 72 -28.04 -18.50 43.65
C GLY D 72 -27.13 -17.33 43.31
N ALA D 73 -26.39 -17.46 42.22
CA ALA D 73 -25.41 -16.46 41.82
C ALA D 73 -26.05 -15.11 41.49
N GLY D 74 -27.31 -15.13 41.06
CA GLY D 74 -28.01 -13.91 40.72
C GLY D 74 -28.47 -13.11 41.91
N VAL D 75 -28.26 -13.66 43.12
CA VAL D 75 -28.72 -13.03 44.35
C VAL D 75 -27.63 -12.16 44.98
N LEU D 76 -28.05 -11.04 45.58
CA LEU D 76 -27.14 -10.20 46.34
C LEU D 76 -26.96 -10.75 47.74
N VAL D 77 -25.73 -10.66 48.25
CA VAL D 77 -25.44 -11.18 49.58
C VAL D 77 -24.94 -10.09 50.50
N ASP D 78 -25.63 -9.92 51.62
CA ASP D 78 -25.20 -9.00 52.67
C ASP D 78 -24.54 -9.78 53.80
N PRO D 79 -23.20 -9.75 53.88
CA PRO D 79 -22.42 -10.49 54.87
C PRO D 79 -22.94 -10.26 56.28
N GLU D 80 -23.30 -9.02 56.60
CA GLU D 80 -23.81 -8.68 57.91
C GLU D 80 -25.05 -9.50 58.26
N VAL D 81 -26.01 -9.48 57.33
CA VAL D 81 -27.26 -10.18 57.50
C VAL D 81 -27.09 -11.69 57.51
N PHE D 82 -26.23 -12.17 56.61
CA PHE D 82 -25.98 -13.59 56.46
C PHE D 82 -25.49 -14.21 57.76
N PHE D 83 -24.54 -13.55 58.42
CA PHE D 83 -23.99 -14.05 59.67
C PHE D 83 -24.97 -13.90 60.82
N HIS D 84 -25.75 -12.82 60.81
CA HIS D 84 -26.76 -12.59 61.82
C HIS D 84 -27.79 -13.70 61.81
N GLU D 85 -28.13 -14.19 60.62
CA GLU D 85 -29.13 -15.24 60.47
C GLU D 85 -28.54 -16.62 60.72
N LEU D 86 -27.22 -16.75 60.62
CA LEU D 86 -26.54 -17.97 61.03
C LEU D 86 -26.63 -18.16 62.53
N GLU D 87 -26.47 -17.07 63.28
CA GLU D 87 -26.54 -17.11 64.73
C GLU D 87 -27.95 -17.33 65.28
N GLN D 88 -28.91 -16.56 64.77
CA GLN D 88 -30.29 -16.62 65.24
C GLN D 88 -30.96 -17.94 64.92
N LEU D 89 -30.41 -18.64 63.93
CA LEU D 89 -30.96 -19.92 63.51
C LEU D 89 -29.96 -21.03 63.77
N LYS D 90 -29.10 -20.82 64.77
CA LYS D 90 -28.04 -21.78 65.11
C LYS D 90 -28.60 -23.16 65.49
N ASP D 91 -29.80 -23.17 66.06
CA ASP D 91 -30.39 -24.41 66.56
C ASP D 91 -30.75 -25.38 65.44
N PHE D 92 -30.78 -24.88 64.21
CA PHE D 92 -31.10 -25.71 63.06
C PHE D 92 -29.84 -26.15 62.34
N ASN D 93 -28.69 -25.80 62.91
CA ASN D 93 -27.39 -26.04 62.28
C ASN D 93 -27.42 -25.61 60.81
N VAL D 94 -27.66 -24.33 60.57
CA VAL D 94 -27.74 -23.80 59.22
C VAL D 94 -26.35 -23.61 58.62
N LYS D 95 -25.39 -23.27 59.49
CA LYS D 95 -24.03 -22.93 59.08
C LYS D 95 -23.32 -24.03 58.30
N ASP D 96 -23.61 -25.28 58.63
CA ASP D 96 -22.92 -26.40 57.99
C ASP D 96 -23.63 -26.85 56.73
N ARG D 97 -24.93 -26.54 56.64
CA ARG D 97 -25.72 -26.96 55.50
C ARG D 97 -25.87 -25.87 54.45
N VAL D 98 -25.26 -24.71 54.69
CA VAL D 98 -25.48 -23.56 53.82
C VAL D 98 -24.34 -23.39 52.80
N GLY D 99 -24.67 -22.81 51.65
CA GLY D 99 -23.71 -22.59 50.59
C GLY D 99 -24.03 -21.34 49.77
N ILE D 100 -23.07 -20.42 49.69
CA ILE D 100 -23.22 -19.22 48.88
C ILE D 100 -22.48 -19.38 47.57
N ASP D 101 -23.14 -19.10 46.46
CA ASP D 101 -22.48 -19.14 45.16
C ASP D 101 -21.36 -18.11 45.12
N TYR D 102 -20.17 -18.53 44.69
CA TYR D 102 -18.99 -17.67 44.74
C TYR D 102 -19.08 -16.49 43.77
N ARG D 103 -20.13 -16.47 42.96
CA ARG D 103 -20.31 -15.43 41.96
C ARG D 103 -21.36 -14.41 42.38
N CYS D 104 -21.91 -14.56 43.58
CA CYS D 104 -22.88 -13.60 44.12
C CYS D 104 -22.25 -12.22 44.30
N ALA D 105 -23.02 -11.17 44.02
CA ALA D 105 -22.53 -9.82 44.22
C ALA D 105 -22.73 -9.41 45.68
N ILE D 106 -21.89 -8.51 46.17
CA ILE D 106 -21.86 -8.17 47.59
C ILE D 106 -22.45 -6.79 47.90
N ILE D 107 -23.36 -6.76 48.87
CA ILE D 107 -23.88 -5.49 49.37
C ILE D 107 -22.94 -4.88 50.40
N GLU D 108 -22.37 -3.73 50.05
CA GLU D 108 -21.47 -3.02 50.95
C GLU D 108 -22.25 -1.90 51.63
N GLU D 109 -21.67 -1.29 52.67
CA GLU D 109 -22.44 -0.29 53.43
C GLU D 109 -22.63 1.00 52.65
N LYS D 110 -21.77 1.24 51.66
CA LYS D 110 -21.95 2.36 50.75
C LYS D 110 -23.28 2.21 50.02
N HIS D 111 -23.63 0.97 49.69
CA HIS D 111 -24.86 0.69 48.96
C HIS D 111 -26.06 0.88 49.85
N LYS D 112 -25.99 0.35 51.07
CA LYS D 112 -27.11 0.52 51.96
C LYS D 112 -27.34 2.00 52.21
N GLN D 113 -26.27 2.68 52.57
CA GLN D 113 -26.36 4.08 52.99
C GLN D 113 -26.96 4.95 51.90
N LEU D 114 -26.57 4.73 50.65
CA LEU D 114 -27.17 5.49 49.55
C LEU D 114 -28.67 5.17 49.44
N ASP D 115 -29.03 3.92 49.71
CA ASP D 115 -30.42 3.48 49.60
C ASP D 115 -31.28 4.10 50.71
N ARG D 116 -30.67 4.42 51.85
CA ARG D 116 -31.45 4.94 52.97
C ARG D 116 -31.47 6.48 52.93
N THR D 117 -30.64 7.09 52.11
CA THR D 117 -30.49 8.55 52.16
C THR D 117 -31.07 9.35 50.98
N ASN D 118 -30.74 8.94 49.75
CA ASN D 118 -31.09 9.75 48.58
C ASN D 118 -32.58 9.87 48.34
N GLY D 119 -32.98 11.04 47.89
CA GLY D 119 -34.36 11.39 47.76
C GLY D 119 -35.15 10.61 46.74
N TYR D 120 -34.57 10.38 45.57
CA TYR D 120 -35.27 9.59 44.58
C TYR D 120 -35.64 8.27 45.17
N LEU D 121 -34.64 7.43 45.36
CA LEU D 121 -34.88 6.06 45.77
C LEU D 121 -35.48 5.94 47.15
N HIS D 122 -35.13 6.87 48.03
CA HIS D 122 -35.68 6.80 49.38
C HIS D 122 -37.12 7.22 49.46
N GLY D 123 -37.35 8.51 49.24
CA GLY D 123 -38.66 9.10 49.38
C GLY D 123 -39.65 8.67 48.33
N LYS D 124 -39.22 8.64 47.08
CA LYS D 124 -40.14 8.48 45.97
C LYS D 124 -40.57 7.07 45.67
N ILE D 125 -39.66 6.10 45.70
CA ILE D 125 -39.99 4.79 45.13
C ILE D 125 -41.12 4.00 45.78
N GLY D 126 -41.03 3.69 47.05
CA GLY D 126 -39.87 3.94 47.86
C GLY D 126 -39.49 2.59 48.45
N THR D 127 -38.23 2.47 48.73
CA THR D 127 -37.61 1.18 49.06
C THR D 127 -37.51 0.74 50.52
N THR D 128 -36.73 -0.35 50.63
CA THR D 128 -36.48 -1.15 51.82
C THR D 128 -35.32 -0.62 52.64
N GLY D 129 -34.28 -0.20 51.94
CA GLY D 129 -33.08 0.31 52.56
C GLY D 129 -32.00 -0.75 52.67
N SER D 130 -32.24 -1.91 52.06
CA SER D 130 -31.28 -3.01 52.12
C SER D 130 -30.04 -2.69 51.30
N GLY D 131 -30.17 -1.75 50.38
CA GLY D 131 -29.06 -1.37 49.52
C GLY D 131 -28.99 -2.26 48.30
N CYS D 132 -30.05 -3.04 48.11
CA CYS D 132 -30.13 -3.97 46.98
C CYS D 132 -30.12 -3.22 45.65
N GLY D 133 -30.81 -2.09 45.61
CA GLY D 133 -30.83 -1.25 44.42
C GLY D 133 -29.45 -0.83 43.96
N PRO D 134 -28.77 -0.01 44.76
CA PRO D 134 -27.41 0.47 44.44
C PRO D 134 -26.40 -0.65 44.22
N ALA D 135 -26.58 -1.78 44.88
CA ALA D 135 -25.69 -2.93 44.71
C ALA D 135 -25.81 -3.50 43.31
N ASN D 136 -27.04 -3.73 42.86
CA ASN D 136 -27.28 -4.23 41.51
C ASN D 136 -26.80 -3.24 40.47
N ALA D 137 -26.93 -1.95 40.77
CA ALA D 137 -26.41 -0.91 39.87
C ALA D 137 -24.90 -1.04 39.74
N ASP D 138 -24.24 -1.31 40.86
CA ASP D 138 -22.79 -1.50 40.86
C ASP D 138 -22.41 -2.80 40.15
N ARG D 139 -23.30 -3.78 40.21
CA ARG D 139 -23.07 -5.05 39.54
C ARG D 139 -23.23 -4.88 38.04
N VAL D 140 -24.25 -4.14 37.62
CA VAL D 140 -24.47 -3.84 36.21
C VAL D 140 -23.30 -3.04 35.64
N MET D 141 -22.79 -2.10 36.44
CA MET D 141 -21.61 -1.35 36.05
C MET D 141 -20.34 -2.18 36.21
N ARG D 142 -20.52 -3.41 36.69
CA ARG D 142 -19.42 -4.38 36.84
C ARG D 142 -18.29 -3.86 37.72
N LYS D 143 -18.66 -3.17 38.79
CA LYS D 143 -17.69 -2.67 39.77
C LYS D 143 -17.92 -3.31 41.13
N ALA D 144 -19.05 -4.00 41.26
CA ALA D 144 -19.40 -4.65 42.52
C ALA D 144 -18.43 -5.80 42.84
N LYS D 145 -18.32 -6.12 44.12
CA LYS D 145 -17.47 -7.22 44.56
C LYS D 145 -18.26 -8.51 44.52
N GLN D 146 -17.58 -9.63 44.29
CA GLN D 146 -18.24 -10.93 44.34
C GLN D 146 -17.93 -11.64 45.64
N ALA D 147 -18.74 -12.64 45.98
CA ALA D 147 -18.57 -13.42 47.20
C ALA D 147 -17.20 -14.08 47.23
N LYS D 148 -16.67 -14.34 46.04
CA LYS D 148 -15.32 -14.87 45.84
C LYS D 148 -14.27 -14.01 46.53
N ASP D 149 -14.55 -12.71 46.61
CA ASP D 149 -13.56 -11.73 47.09
C ASP D 149 -13.69 -11.40 48.58
N VAL D 150 -14.71 -11.94 49.22
CA VAL D 150 -14.94 -11.72 50.65
C VAL D 150 -14.42 -12.88 51.51
N LYS D 151 -13.43 -12.59 52.37
CA LYS D 151 -12.73 -13.63 53.12
C LYS D 151 -13.56 -14.34 54.17
N GLU D 152 -14.54 -13.65 54.75
CA GLU D 152 -15.37 -14.26 55.78
C GLU D 152 -16.36 -15.24 55.19
N LEU D 153 -16.51 -15.20 53.87
CA LEU D 153 -17.51 -16.01 53.20
C LEU D 153 -16.90 -17.26 52.56
N GLU D 154 -15.57 -17.36 52.63
CA GLU D 154 -14.85 -18.47 51.98
C GLU D 154 -15.26 -19.88 52.43
N PRO D 155 -15.52 -20.09 53.74
CA PRO D 155 -15.93 -21.45 54.10
C PRO D 155 -17.27 -21.90 53.50
N TYR D 156 -18.06 -20.94 53.01
CA TYR D 156 -19.40 -21.24 52.54
C TYR D 156 -19.53 -21.15 51.02
N LEU D 157 -18.44 -20.79 50.36
CA LEU D 157 -18.45 -20.63 48.90
C LEU D 157 -18.66 -21.96 48.18
N THR D 158 -19.50 -21.94 47.15
CA THR D 158 -19.75 -23.12 46.33
C THR D 158 -20.27 -22.74 44.94
N ASP D 159 -20.58 -23.74 44.14
CA ASP D 159 -21.19 -23.53 42.83
C ASP D 159 -22.62 -24.00 42.89
N VAL D 160 -23.54 -23.07 43.13
CA VAL D 160 -24.94 -23.40 43.30
C VAL D 160 -25.52 -23.97 42.00
N ALA D 161 -25.10 -23.41 40.88
CA ALA D 161 -25.54 -23.90 39.58
C ALA D 161 -25.14 -25.37 39.39
N GLN D 162 -23.91 -25.68 39.76
CA GLN D 162 -23.40 -27.05 39.63
C GLN D 162 -24.11 -28.00 40.58
N GLU D 163 -24.19 -27.63 41.85
CA GLU D 163 -24.82 -28.44 42.88
C GLU D 163 -26.26 -28.80 42.53
N ILE D 164 -27.02 -27.81 42.08
CA ILE D 164 -28.42 -28.00 41.75
C ILE D 164 -28.58 -28.91 40.53
N ASN D 165 -27.80 -28.67 39.50
CA ASN D 165 -27.85 -29.48 38.30
C ASN D 165 -27.35 -30.89 38.57
N ASP D 166 -26.33 -31.01 39.41
CA ASP D 166 -25.84 -32.32 39.82
C ASP D 166 -26.94 -33.07 40.57
N ALA D 167 -27.73 -32.34 41.32
CA ALA D 167 -28.84 -32.91 42.08
C ALA D 167 -29.97 -33.36 41.15
N LEU D 168 -30.26 -32.54 40.15
CA LEU D 168 -31.33 -32.83 39.20
C LEU D 168 -31.05 -34.03 38.31
N ASP D 169 -29.77 -34.39 38.16
CA ASP D 169 -29.41 -35.54 37.34
C ASP D 169 -29.68 -36.85 38.07
N GLU D 170 -29.46 -36.86 39.38
CA GLU D 170 -29.69 -38.05 40.19
C GLU D 170 -31.16 -38.23 40.52
N GLY D 171 -32.00 -37.31 40.04
CA GLY D 171 -33.43 -37.43 40.21
C GLY D 171 -33.94 -36.74 41.46
N SER D 172 -33.03 -36.22 42.27
CA SER D 172 -33.38 -35.56 43.52
C SER D 172 -34.31 -34.37 43.31
N LEU D 173 -35.02 -33.98 44.37
CA LEU D 173 -35.94 -32.85 44.31
C LEU D 173 -35.25 -31.55 44.70
N VAL D 174 -35.44 -30.52 43.90
CA VAL D 174 -34.86 -29.21 44.17
C VAL D 174 -35.94 -28.15 44.27
N LEU D 175 -36.01 -27.50 45.43
CA LEU D 175 -36.99 -26.46 45.66
C LEU D 175 -36.31 -25.10 45.56
N VAL D 176 -36.90 -24.21 44.78
CA VAL D 176 -36.29 -22.90 44.53
C VAL D 176 -37.21 -21.78 45.02
N GLU D 177 -36.67 -20.90 45.84
CA GLU D 177 -37.44 -19.79 46.42
C GLU D 177 -37.09 -18.47 45.76
N GLY D 178 -38.10 -17.78 45.26
CA GLY D 178 -37.92 -16.45 44.69
C GLY D 178 -38.38 -15.40 45.69
N THR D 179 -38.10 -14.13 45.38
CA THR D 179 -38.50 -13.04 46.26
C THR D 179 -39.48 -12.10 45.56
N GLN D 180 -40.24 -11.37 46.35
CA GLN D 180 -41.26 -10.44 45.85
C GLN D 180 -42.52 -10.99 45.20
N GLY D 181 -42.94 -10.36 44.11
CA GLY D 181 -44.13 -10.77 43.39
C GLY D 181 -44.03 -10.15 42.01
N PHE D 182 -44.87 -10.64 41.11
CA PHE D 182 -44.88 -10.19 39.71
C PHE D 182 -45.02 -8.68 39.56
N GLY D 183 -45.81 -8.07 40.44
CA GLY D 183 -46.07 -6.64 40.36
C GLY D 183 -44.86 -5.77 40.61
N LEU D 184 -43.82 -6.34 41.20
CA LEU D 184 -42.61 -5.58 41.50
C LEU D 184 -41.49 -5.86 40.51
N SER D 185 -41.81 -6.58 39.44
CA SER D 185 -40.82 -6.91 38.41
C SER D 185 -40.31 -5.65 37.71
N LEU D 186 -38.99 -5.55 37.57
CA LEU D 186 -38.38 -4.41 36.89
C LEU D 186 -38.88 -4.26 35.46
N TYR D 187 -39.21 -5.40 34.84
CA TYR D 187 -39.66 -5.41 33.46
C TYR D 187 -41.19 -5.26 33.35
N TYR D 188 -41.91 -6.15 34.01
CA TYR D 188 -43.35 -6.28 33.80
C TYR D 188 -44.20 -5.70 34.93
N GLY D 189 -43.54 -5.23 36.00
CA GLY D 189 -44.24 -4.65 37.13
C GLY D 189 -44.68 -3.22 36.91
N THR D 190 -44.92 -2.51 38.00
CA THR D 190 -45.39 -1.13 37.93
C THR D 190 -44.21 -0.16 37.98
N TYR D 191 -43.39 -0.19 36.93
CA TYR D 191 -42.25 0.71 36.81
C TYR D 191 -42.68 2.17 36.89
N PRO D 192 -41.93 3.00 37.65
CA PRO D 192 -40.68 2.67 38.33
C PRO D 192 -40.86 2.18 39.76
N TYR D 193 -42.11 2.01 40.18
CA TYR D 193 -42.39 1.53 41.53
C TYR D 193 -42.21 0.03 41.60
N VAL D 194 -40.98 -0.42 41.38
CA VAL D 194 -40.65 -1.84 41.36
C VAL D 194 -39.32 -2.09 42.07
N THR D 195 -38.88 -3.35 42.06
CA THR D 195 -37.58 -3.69 42.60
C THR D 195 -36.54 -3.60 41.49
N SER D 196 -35.28 -3.89 41.80
CA SER D 196 -34.18 -3.63 40.87
C SER D 196 -33.92 -4.78 39.90
N LYS D 197 -34.91 -5.64 39.69
CA LYS D 197 -34.70 -6.86 38.94
C LYS D 197 -36.02 -7.56 38.62
N ASP D 198 -36.07 -8.29 37.50
CA ASP D 198 -37.24 -9.09 37.18
C ASP D 198 -37.40 -10.20 38.21
N VAL D 199 -38.64 -10.61 38.45
CA VAL D 199 -38.95 -11.46 39.58
C VAL D 199 -39.67 -12.74 39.13
N THR D 200 -40.06 -12.77 37.87
CA THR D 200 -40.75 -13.93 37.29
C THR D 200 -39.95 -15.23 37.43
N ALA D 201 -40.64 -16.35 37.23
CA ALA D 201 -40.06 -17.66 37.46
C ALA D 201 -38.83 -17.90 36.60
N SER D 202 -38.84 -17.34 35.38
CA SER D 202 -37.70 -17.51 34.47
C SER D 202 -36.45 -16.84 35.03
N SER D 203 -36.63 -15.65 35.61
CA SER D 203 -35.53 -14.92 36.23
C SER D 203 -34.97 -15.67 37.43
N VAL D 204 -35.88 -16.18 38.26
CA VAL D 204 -35.49 -16.95 39.43
C VAL D 204 -34.70 -18.18 39.03
N ALA D 205 -35.10 -18.79 37.91
CA ALA D 205 -34.41 -19.94 37.36
C ALA D 205 -32.98 -19.57 36.96
N ALA D 206 -32.83 -18.40 36.37
CA ALA D 206 -31.52 -17.90 35.96
C ALA D 206 -30.65 -17.55 37.16
N ASP D 207 -31.30 -17.20 38.28
CA ASP D 207 -30.59 -16.82 39.49
C ASP D 207 -29.84 -17.98 40.11
N VAL D 208 -30.44 -19.16 40.09
CA VAL D 208 -29.85 -20.34 40.71
C VAL D 208 -29.00 -21.14 39.71
N GLY D 209 -29.27 -20.96 38.43
CA GLY D 209 -28.51 -21.61 37.39
C GLY D 209 -29.21 -22.80 36.76
N ILE D 210 -30.48 -22.61 36.41
CA ILE D 210 -31.29 -23.68 35.85
C ILE D 210 -31.88 -23.28 34.51
N GLY D 211 -31.60 -24.09 33.48
CA GLY D 211 -32.20 -23.87 32.18
C GLY D 211 -33.70 -24.04 32.28
N PRO D 212 -34.46 -23.30 31.45
CA PRO D 212 -35.92 -23.30 31.54
C PRO D 212 -36.54 -24.67 31.33
N THR D 213 -35.84 -25.52 30.58
CA THR D 213 -36.33 -26.86 30.28
C THR D 213 -36.30 -27.77 31.51
N ARG D 214 -35.43 -27.44 32.46
CA ARG D 214 -35.24 -28.25 33.66
C ARG D 214 -36.27 -27.95 34.75
N VAL D 215 -37.12 -26.96 34.51
CA VAL D 215 -38.14 -26.56 35.48
C VAL D 215 -39.43 -27.33 35.26
N ASP D 216 -39.74 -28.26 36.16
CA ASP D 216 -40.94 -29.08 36.03
C ASP D 216 -42.21 -28.33 36.44
N GLU D 217 -42.21 -27.78 37.65
CA GLU D 217 -43.39 -27.09 38.16
C GLU D 217 -43.08 -25.68 38.63
N VAL D 218 -44.05 -24.79 38.45
CA VAL D 218 -43.95 -23.41 38.89
C VAL D 218 -45.16 -23.03 39.72
N ILE D 219 -44.95 -22.87 41.02
CA ILE D 219 -46.02 -22.48 41.91
C ILE D 219 -46.03 -20.97 42.08
N VAL D 220 -47.14 -20.34 41.73
CA VAL D 220 -47.29 -18.90 41.90
C VAL D 220 -48.22 -18.63 43.07
N VAL D 221 -47.69 -17.95 44.08
CA VAL D 221 -48.40 -17.76 45.34
C VAL D 221 -49.27 -16.51 45.33
N PHE D 222 -50.54 -16.69 45.71
CA PHE D 222 -51.46 -15.59 45.90
C PHE D 222 -52.06 -15.63 47.30
N LYS D 223 -52.30 -14.46 47.89
CA LYS D 223 -53.06 -14.39 49.13
C LYS D 223 -54.40 -13.73 48.86
N SER D 224 -55.37 -13.98 49.73
CA SER D 224 -56.73 -13.49 49.56
C SER D 224 -56.83 -11.98 49.33
N PHE D 225 -55.99 -11.22 50.02
CA PHE D 225 -55.95 -9.77 49.84
C PHE D 225 -54.55 -9.22 49.55
N PRO D 226 -54.35 -8.71 48.33
CA PRO D 226 -53.07 -8.16 47.90
C PRO D 226 -52.56 -7.02 48.77
N THR D 227 -51.23 -6.95 48.91
CA THR D 227 -50.63 -5.91 49.72
C THR D 227 -49.52 -5.20 48.99
N ARG D 228 -49.31 -3.94 49.30
CA ARG D 228 -48.21 -3.17 48.75
C ARG D 228 -47.47 -2.42 49.85
N VAL D 229 -46.17 -2.63 49.92
CA VAL D 229 -45.34 -1.83 50.80
C VAL D 229 -44.68 -0.76 49.95
N GLY D 230 -44.78 0.49 50.38
CA GLY D 230 -44.22 1.59 49.61
C GLY D 230 -45.21 2.16 48.61
N ALA D 231 -44.73 3.09 47.78
CA ALA D 231 -45.60 3.79 46.83
C ALA D 231 -45.85 2.98 45.55
N GLY D 232 -46.70 3.51 44.68
CA GLY D 232 -47.01 2.88 43.40
C GLY D 232 -48.49 2.58 43.21
N PRO D 233 -48.94 2.56 41.96
CA PRO D 233 -50.34 2.25 41.61
C PRO D 233 -50.84 0.91 42.16
N PHE D 234 -52.07 0.91 42.66
CA PHE D 234 -52.72 -0.30 43.18
C PHE D 234 -54.21 -0.22 42.86
N PRO D 235 -54.62 -0.86 41.76
CA PRO D 235 -55.97 -0.77 41.19
C PRO D 235 -57.07 -1.12 42.19
N THR D 236 -56.89 -2.21 42.93
CA THR D 236 -57.95 -2.66 43.83
C THR D 236 -57.70 -2.25 45.28
N GLU D 237 -56.98 -1.14 45.48
CA GLU D 237 -56.68 -0.68 46.83
C GLU D 237 -57.92 -0.16 47.53
N MET D 238 -58.11 -0.59 48.78
CA MET D 238 -59.25 -0.17 49.57
C MET D 238 -58.82 0.75 50.70
N PRO D 239 -59.76 1.75 51.06
CA PRO D 239 -59.29 2.60 52.17
C PRO D 239 -58.89 1.79 53.39
N MET D 240 -57.70 2.06 53.92
CA MET D 240 -57.21 1.35 55.10
C MET D 240 -58.30 1.21 56.16
N GLU D 241 -59.31 2.08 56.08
CA GLU D 241 -60.41 2.06 57.03
C GLU D 241 -61.07 0.68 57.08
N GLU D 242 -61.09 0.00 55.94
CA GLU D 242 -61.69 -1.32 55.86
C GLU D 242 -60.77 -2.39 56.45
N ALA D 243 -59.49 -2.32 56.10
CA ALA D 243 -58.51 -3.28 56.61
C ALA D 243 -58.60 -3.41 58.12
N ASP D 244 -58.91 -2.30 58.78
CA ASP D 244 -59.01 -2.30 60.24
C ASP D 244 -60.29 -2.99 60.70
N ARG D 245 -61.22 -3.20 59.76
CA ARG D 245 -62.48 -3.85 60.07
C ARG D 245 -62.40 -5.35 59.83
N LEU D 246 -61.65 -5.75 58.80
CA LEU D 246 -61.48 -7.16 58.47
C LEU D 246 -60.26 -7.75 59.17
N GLY D 247 -59.46 -6.89 59.79
CA GLY D 247 -58.27 -7.32 60.49
C GLY D 247 -57.14 -7.69 59.55
N LEU D 248 -56.94 -6.87 58.52
CA LEU D 248 -55.89 -7.10 57.54
C LEU D 248 -54.68 -6.22 57.81
N VAL D 249 -54.35 -6.04 59.09
CA VAL D 249 -53.21 -5.20 59.49
C VAL D 249 -51.91 -6.05 59.54
N GLU D 250 -50.95 -5.66 58.71
CA GLU D 250 -49.70 -6.39 58.60
C GLU D 250 -48.59 -5.36 58.55
N TYR D 251 -47.46 -5.65 59.18
CA TYR D 251 -46.34 -4.73 59.15
C TYR D 251 -45.15 -5.38 58.46
N GLY D 252 -44.37 -4.56 57.77
CA GLY D 252 -43.22 -5.03 57.01
C GLY D 252 -42.25 -5.84 57.84
N THR D 253 -41.80 -6.96 57.27
CA THR D 253 -40.87 -7.85 57.94
C THR D 253 -39.51 -7.18 58.11
N VAL D 254 -39.18 -6.26 57.20
CA VAL D 254 -37.86 -5.64 57.17
C VAL D 254 -37.88 -4.20 57.68
N THR D 255 -38.85 -3.42 57.23
CA THR D 255 -38.89 -1.99 57.53
C THR D 255 -39.93 -1.65 58.59
N GLY D 256 -40.81 -2.60 58.87
CA GLY D 256 -41.86 -2.41 59.86
C GLY D 256 -42.94 -1.44 59.41
N ARG D 257 -42.97 -1.14 58.12
CA ARG D 257 -44.00 -0.29 57.54
C ARG D 257 -45.29 -1.06 57.35
N ARG D 258 -46.42 -0.38 57.51
CA ARG D 258 -47.70 -1.04 57.31
C ARG D 258 -48.01 -1.22 55.83
N ARG D 259 -48.54 -2.40 55.51
CA ARG D 259 -48.84 -2.80 54.15
C ARG D 259 -50.14 -2.21 53.59
N ARG D 260 -50.10 -1.65 52.38
CA ARG D 260 -51.33 -1.32 51.67
C ARG D 260 -52.12 -2.61 51.46
N VAL D 261 -53.43 -2.60 51.72
CA VAL D 261 -54.29 -3.75 51.39
C VAL D 261 -55.39 -3.40 50.38
N GLY D 262 -55.75 -4.38 49.56
CA GLY D 262 -56.79 -4.23 48.56
C GLY D 262 -57.48 -5.56 48.31
N TRP D 263 -58.54 -5.55 47.51
CA TRP D 263 -59.25 -6.79 47.15
C TRP D 263 -58.51 -7.54 46.07
N PHE D 264 -58.79 -8.85 45.98
CA PHE D 264 -58.13 -9.72 45.02
C PHE D 264 -58.31 -9.25 43.59
N ASP D 265 -57.20 -8.92 42.94
CA ASP D 265 -57.22 -8.46 41.56
C ASP D 265 -57.15 -9.66 40.62
N PHE D 266 -58.28 -9.97 40.01
CA PHE D 266 -58.41 -11.16 39.16
C PHE D 266 -57.72 -10.92 37.82
N GLU D 267 -57.83 -9.70 37.31
CA GLU D 267 -57.24 -9.33 36.03
C GLU D 267 -55.73 -9.43 36.05
N MET D 268 -55.13 -8.95 37.13
CA MET D 268 -53.68 -9.06 37.33
C MET D 268 -53.25 -10.49 37.62
N ALA D 269 -54.10 -11.22 38.33
CA ALA D 269 -53.76 -12.59 38.74
C ALA D 269 -53.55 -13.53 37.57
N ARG D 270 -54.41 -13.48 36.56
CA ARG D 270 -54.26 -14.32 35.39
C ARG D 270 -53.03 -13.89 34.58
N TYR D 271 -52.83 -12.58 34.50
CA TYR D 271 -51.69 -12.02 33.78
C TYR D 271 -50.41 -12.45 34.47
N SER D 272 -50.36 -12.22 35.77
CA SER D 272 -49.22 -12.60 36.59
C SER D 272 -48.93 -14.09 36.53
N ALA D 273 -49.99 -14.90 36.56
CA ALA D 273 -49.81 -16.34 36.68
C ALA D 273 -49.14 -17.05 35.51
N ARG D 274 -49.56 -16.76 34.28
CA ARG D 274 -49.03 -17.53 33.13
C ARG D 274 -47.80 -16.87 32.45
N ILE D 275 -47.57 -15.56 32.67
CA ILE D 275 -46.31 -14.96 32.22
C ILE D 275 -45.23 -15.69 33.02
N ASN D 276 -45.57 -16.04 34.27
CA ASN D 276 -44.72 -16.86 35.10
C ASN D 276 -44.69 -18.31 34.61
N GLY D 277 -45.63 -18.67 33.75
CA GLY D 277 -45.75 -20.03 33.29
C GLY D 277 -46.22 -20.95 34.39
N ALA D 278 -47.21 -20.48 35.16
CA ALA D 278 -47.71 -21.23 36.32
C ALA D 278 -48.34 -22.55 35.94
N THR D 279 -47.96 -23.60 36.65
CA THR D 279 -48.58 -24.90 36.49
C THR D 279 -49.56 -25.12 37.64
N MET D 280 -49.26 -24.50 38.78
CA MET D 280 -50.06 -24.67 39.98
C MET D 280 -50.16 -23.36 40.76
N LEU D 281 -51.33 -23.08 41.31
CA LEU D 281 -51.50 -21.92 42.17
C LEU D 281 -51.47 -22.31 43.64
N ALA D 282 -51.08 -21.36 44.48
CA ALA D 282 -51.11 -21.55 45.92
C ALA D 282 -51.72 -20.33 46.60
N VAL D 283 -52.76 -20.56 47.41
CA VAL D 283 -53.47 -19.45 48.04
C VAL D 283 -53.30 -19.43 49.56
N THR D 284 -52.93 -18.27 50.09
CA THR D 284 -52.71 -18.12 51.52
C THR D 284 -53.69 -17.14 52.16
N MET D 285 -53.75 -17.17 53.49
CA MET D 285 -54.58 -16.26 54.28
C MET D 285 -56.06 -16.35 53.92
N LEU D 286 -56.55 -17.57 53.69
CA LEU D 286 -57.96 -17.77 53.44
C LEU D 286 -58.77 -17.60 54.72
N ASP D 287 -58.12 -17.77 55.86
CA ASP D 287 -58.79 -17.63 57.16
C ASP D 287 -59.26 -16.21 57.47
N LYS D 288 -58.56 -15.20 56.94
CA LYS D 288 -59.01 -13.81 57.07
C LYS D 288 -59.94 -13.42 55.93
N TYR D 289 -59.96 -14.22 54.86
CA TYR D 289 -60.96 -14.05 53.82
C TYR D 289 -62.29 -14.53 54.37
N ASP D 290 -62.23 -15.66 55.07
CA ASP D 290 -63.38 -16.18 55.76
C ASP D 290 -62.94 -16.85 57.07
N LYS D 291 -63.40 -16.31 58.20
CA LYS D 291 -62.96 -16.76 59.51
C LYS D 291 -63.39 -18.19 59.76
N GLU D 292 -64.38 -18.64 58.99
CA GLU D 292 -64.95 -19.96 59.16
C GLU D 292 -64.05 -21.05 58.59
N ALA D 293 -63.05 -20.65 57.82
CA ALA D 293 -62.13 -21.57 57.16
C ALA D 293 -60.83 -21.84 57.95
N PHE D 294 -60.69 -21.24 59.13
CA PHE D 294 -59.43 -21.31 59.86
C PHE D 294 -59.05 -22.74 60.26
N GLY D 295 -57.82 -23.14 59.94
CA GLY D 295 -57.29 -24.40 60.44
C GLY D 295 -57.64 -25.62 59.60
N VAL D 296 -58.58 -25.44 58.67
CA VAL D 296 -59.06 -26.54 57.84
C VAL D 296 -57.94 -27.14 56.99
N THR D 297 -57.90 -28.48 56.94
CA THR D 297 -56.88 -29.18 56.16
C THR D 297 -57.51 -29.99 55.03
N ASP D 298 -58.84 -30.05 55.02
CA ASP D 298 -59.56 -30.79 53.99
C ASP D 298 -60.30 -29.85 53.04
N TYR D 299 -60.32 -30.18 51.77
CA TYR D 299 -60.97 -29.28 50.85
C TYR D 299 -62.47 -29.36 51.02
N ASP D 300 -62.95 -30.55 51.34
CA ASP D 300 -64.37 -30.75 51.30
C ASP D 300 -64.99 -30.16 52.55
N LYS D 301 -64.20 -30.02 53.59
CA LYS D 301 -64.69 -29.51 54.84
C LYS D 301 -64.61 -28.00 54.94
N LEU D 302 -64.61 -27.31 53.82
CA LEU D 302 -64.35 -25.88 53.83
C LEU D 302 -65.63 -25.18 53.79
N PRO D 303 -65.77 -23.98 54.37
CA PRO D 303 -67.07 -23.38 54.07
C PRO D 303 -67.15 -23.07 52.58
N ARG D 304 -68.36 -23.00 52.05
CA ARG D 304 -68.57 -22.77 50.63
C ARG D 304 -68.14 -21.35 50.22
N LYS D 305 -68.24 -20.40 51.15
CA LYS D 305 -67.81 -19.03 50.86
C LYS D 305 -66.32 -19.00 50.54
N ALA D 306 -65.59 -19.95 51.14
CA ALA D 306 -64.18 -20.14 50.86
C ALA D 306 -63.92 -20.74 49.48
N LYS D 307 -64.73 -21.70 49.08
CA LYS D 307 -64.47 -22.36 47.81
C LYS D 307 -64.85 -21.62 46.55
N GLU D 308 -65.92 -20.84 46.58
CA GLU D 308 -66.23 -20.07 45.39
C GLU D 308 -65.20 -18.97 45.24
N PHE D 309 -64.35 -18.83 46.24
CA PHE D 309 -63.18 -17.99 46.14
C PHE D 309 -62.10 -18.75 45.38
N ILE D 310 -61.83 -19.97 45.86
CA ILE D 310 -60.87 -20.88 45.25
C ILE D 310 -61.30 -21.27 43.83
N GLU D 311 -62.60 -21.48 43.67
CA GLU D 311 -63.13 -21.84 42.36
C GLU D 311 -63.26 -20.67 41.39
N GLU D 312 -63.56 -19.48 41.89
CA GLU D 312 -63.64 -18.31 41.02
C GLU D 312 -62.28 -17.97 40.43
N ILE D 313 -61.25 -18.01 41.26
CA ILE D 313 -59.89 -17.78 40.78
C ILE D 313 -59.48 -18.87 39.79
N GLU D 314 -59.72 -20.14 40.14
CA GLU D 314 -59.25 -21.26 39.33
C GLU D 314 -59.65 -21.20 37.85
N GLU D 315 -60.81 -20.63 37.54
CA GLU D 315 -61.21 -20.44 36.15
C GLU D 315 -60.90 -19.04 35.62
N ARG D 316 -60.94 -18.05 36.49
CA ARG D 316 -60.68 -16.69 36.05
C ARG D 316 -59.17 -16.43 35.98
N VAL D 317 -58.39 -17.37 36.53
CA VAL D 317 -56.95 -17.35 36.40
C VAL D 317 -56.55 -18.48 35.44
N GLY D 318 -57.34 -19.55 35.45
CA GLY D 318 -57.13 -20.68 34.57
C GLY D 318 -56.05 -21.63 35.03
N VAL D 319 -55.76 -21.61 36.33
CA VAL D 319 -54.71 -22.46 36.90
C VAL D 319 -55.21 -23.14 38.18
N PRO D 320 -55.02 -24.47 38.28
CA PRO D 320 -55.45 -25.21 39.47
C PRO D 320 -54.73 -24.75 40.74
N VAL D 321 -55.47 -24.68 41.84
CA VAL D 321 -54.89 -24.35 43.14
C VAL D 321 -54.67 -25.62 43.96
N GLY D 322 -53.42 -26.04 44.09
CA GLY D 322 -53.10 -27.28 44.77
C GLY D 322 -52.59 -27.09 46.19
N LEU D 323 -52.52 -25.84 46.63
CA LEU D 323 -52.05 -25.51 47.98
C LEU D 323 -52.84 -24.32 48.54
N ILE D 324 -53.56 -24.53 49.64
CA ILE D 324 -54.36 -23.45 50.24
C ILE D 324 -54.07 -23.27 51.74
N LYS D 325 -53.46 -22.16 52.13
CA LYS D 325 -53.13 -21.99 53.55
C LYS D 325 -54.25 -21.29 54.32
N THR D 326 -54.58 -21.87 55.48
CA THR D 326 -55.71 -21.44 56.31
C THR D 326 -55.28 -20.90 57.66
N GLY D 327 -53.98 -20.57 57.79
CA GLY D 327 -53.46 -20.03 59.03
C GLY D 327 -51.95 -19.92 59.05
N PRO D 328 -51.41 -19.22 60.06
CA PRO D 328 -49.97 -18.97 60.14
C PRO D 328 -49.10 -20.22 60.34
N GLU D 329 -49.61 -21.22 61.06
CA GLU D 329 -48.82 -22.41 61.40
C GLU D 329 -48.71 -23.36 60.22
N LEU D 330 -47.75 -24.29 60.31
CA LEU D 330 -47.45 -25.26 59.26
C LEU D 330 -48.65 -26.14 58.91
N GLU D 331 -49.34 -26.63 59.93
CA GLU D 331 -50.43 -27.58 59.75
C GLU D 331 -51.66 -26.93 59.12
N HIS D 332 -51.72 -25.60 59.16
CA HIS D 332 -52.86 -24.83 58.63
C HIS D 332 -52.82 -24.72 57.09
N ILE D 333 -52.88 -25.86 56.39
CA ILE D 333 -52.68 -25.95 54.94
C ILE D 333 -53.54 -27.05 54.29
N ILE D 334 -54.11 -26.77 53.12
CA ILE D 334 -54.81 -27.81 52.35
C ILE D 334 -54.03 -28.21 51.11
N ASP D 335 -53.77 -29.51 50.96
CA ASP D 335 -53.03 -30.01 49.82
C ASP D 335 -53.95 -30.77 48.86
N ARG D 336 -53.72 -30.60 47.57
CA ARG D 336 -54.53 -31.27 46.55
C ARG D 336 -53.67 -31.65 45.34
N ARG D 337 -52.37 -31.57 45.51
CA ARG D 337 -51.47 -31.93 44.46
C ARG D 337 -51.80 -33.30 43.89
N ASP D 338 -51.73 -34.32 44.72
CA ASP D 338 -52.09 -35.68 44.35
C ASP D 338 -53.33 -35.69 43.46
N THR D 339 -54.15 -34.65 43.53
CA THR D 339 -55.31 -34.56 42.68
C THR D 339 -55.92 -33.18 42.69
N PRO E 3 30.17 -13.85 -9.68
CA PRO E 3 30.41 -12.66 -10.49
C PRO E 3 31.75 -11.99 -10.21
N SER E 4 31.93 -10.79 -10.75
CA SER E 4 33.15 -10.00 -10.57
C SER E 4 32.82 -8.57 -10.17
N VAL E 5 33.47 -8.10 -9.11
CA VAL E 5 33.27 -6.71 -8.67
C VAL E 5 34.60 -5.99 -8.49
N ILE E 6 34.71 -4.81 -9.10
CA ILE E 6 35.89 -3.98 -8.97
C ILE E 6 35.57 -2.67 -8.26
N VAL E 7 36.35 -2.36 -7.23
CA VAL E 7 36.15 -1.15 -6.44
C VAL E 7 37.19 -0.10 -6.73
N VAL E 8 36.75 1.09 -7.14
CA VAL E 8 37.65 2.20 -7.46
C VAL E 8 37.15 3.51 -6.83
N GLY E 9 38.05 4.49 -6.74
CA GLY E 9 37.72 5.78 -6.17
C GLY E 9 37.22 6.76 -7.22
N GLY E 10 36.31 7.65 -6.80
CA GLY E 10 35.69 8.59 -7.73
C GLY E 10 36.22 10.01 -7.60
N GLN E 11 37.05 10.25 -6.59
CA GLN E 11 37.61 11.57 -6.38
C GLN E 11 39.14 11.56 -6.37
N TRP E 12 39.74 12.09 -5.32
CA TRP E 12 41.19 12.14 -5.23
C TRP E 12 41.72 11.17 -4.18
N GLY E 13 41.12 9.99 -4.13
CA GLY E 13 41.51 8.98 -3.18
C GLY E 13 40.91 9.20 -1.83
N ASP E 14 41.16 8.27 -0.91
CA ASP E 14 40.69 8.34 0.48
C ASP E 14 39.18 8.46 0.59
N GLU E 15 38.45 7.92 -0.38
CA GLU E 15 37.00 8.01 -0.39
C GLU E 15 36.34 6.98 0.53
N GLY E 16 37.14 6.05 1.05
CA GLY E 16 36.62 5.00 1.90
C GLY E 16 36.56 3.65 1.20
N LYS E 17 37.42 3.47 0.21
CA LYS E 17 37.47 2.24 -0.56
C LYS E 17 37.75 1.04 0.33
N GLY E 18 38.67 1.21 1.26
CA GLY E 18 39.04 0.14 2.18
C GLY E 18 37.86 -0.32 3.01
N SER E 19 37.12 0.62 3.58
CA SER E 19 35.98 0.31 4.44
C SER E 19 34.87 -0.40 3.68
N ILE E 20 34.85 -0.23 2.37
CA ILE E 20 33.81 -0.83 1.54
C ILE E 20 34.21 -2.22 1.07
N VAL E 21 35.46 -2.36 0.63
CA VAL E 21 36.00 -3.67 0.34
C VAL E 21 35.95 -4.52 1.61
N ALA E 22 36.10 -3.85 2.74
CA ALA E 22 35.93 -4.47 4.05
C ALA E 22 34.58 -5.16 4.18
N TYR E 23 33.52 -4.36 4.09
CA TYR E 23 32.16 -4.86 4.22
C TYR E 23 31.85 -5.94 3.20
N LEU E 24 32.17 -5.66 1.94
CA LEU E 24 31.87 -6.57 0.84
C LEU E 24 32.57 -7.92 1.03
N SER E 25 33.76 -7.87 1.62
CA SER E 25 34.50 -9.09 1.94
C SER E 25 33.73 -9.94 2.95
N LEU E 26 33.41 -9.33 4.08
CA LEU E 26 32.70 -10.01 5.17
C LEU E 26 31.30 -10.43 4.78
N HIS E 27 30.58 -9.55 4.11
CA HIS E 27 29.18 -9.79 3.80
C HIS E 27 28.97 -10.81 2.68
N ASP E 28 29.69 -10.62 1.56
CA ASP E 28 29.43 -11.43 0.37
C ASP E 28 30.36 -12.63 0.28
N GLU E 29 31.44 -12.60 1.07
CA GLU E 29 32.45 -13.66 1.13
C GLU E 29 32.94 -14.07 -0.28
N PRO E 30 33.85 -13.26 -0.87
CA PRO E 30 34.43 -13.71 -2.15
C PRO E 30 35.53 -14.74 -1.88
N GLU E 31 35.77 -15.66 -2.80
CA GLU E 31 36.84 -16.64 -2.63
C GLU E 31 38.20 -15.94 -2.70
N ILE E 32 38.32 -15.01 -3.64
CA ILE E 32 39.58 -14.30 -3.85
C ILE E 32 39.39 -12.80 -3.72
N ILE E 33 40.23 -12.16 -2.92
CA ILE E 33 40.28 -10.72 -2.90
C ILE E 33 41.62 -10.19 -3.41
N ALA E 34 41.59 -9.38 -4.46
CA ALA E 34 42.82 -8.91 -5.10
C ALA E 34 42.96 -7.42 -5.23
N ARG E 35 44.19 -6.94 -5.16
CA ARG E 35 44.44 -5.53 -5.23
C ARG E 35 45.11 -5.15 -6.51
N GLY E 36 44.77 -4.00 -7.04
CA GLY E 36 45.48 -3.45 -8.16
C GLY E 36 45.92 -2.08 -7.75
N GLY E 37 45.95 -1.16 -8.69
CA GLY E 37 46.28 0.20 -8.36
C GLY E 37 47.76 0.32 -8.35
N VAL E 38 48.24 1.47 -7.95
CA VAL E 38 49.64 1.80 -8.00
C VAL E 38 50.49 0.86 -7.19
N GLY E 39 50.43 0.96 -5.88
CA GLY E 39 51.22 0.08 -5.04
C GLY E 39 51.14 0.38 -3.57
N THR E 40 52.23 0.85 -3.02
CA THR E 40 52.37 1.06 -1.59
C THR E 40 52.01 2.49 -1.19
N ASN E 41 51.69 3.33 -2.14
CA ASN E 41 51.47 4.74 -1.84
C ASN E 41 50.11 4.99 -1.26
N ALA E 42 49.30 3.95 -1.30
CA ALA E 42 47.93 4.00 -0.83
C ALA E 42 47.84 3.63 0.66
N GLY E 43 46.95 4.33 1.36
CA GLY E 43 46.68 4.02 2.75
C GLY E 43 45.20 3.73 2.95
N HIS E 44 44.88 2.46 3.16
CA HIS E 44 43.50 2.04 3.29
C HIS E 44 43.20 1.67 4.75
N SER E 45 42.27 2.39 5.36
CA SER E 45 41.95 2.15 6.77
C SER E 45 40.57 1.54 6.96
N VAL E 46 40.45 0.73 8.01
CA VAL E 46 39.19 0.10 8.36
C VAL E 46 39.08 -0.05 9.87
N VAL E 47 37.89 0.12 10.41
CA VAL E 47 37.67 -0.09 11.84
C VAL E 47 36.92 -1.40 12.06
N ILE E 48 37.56 -2.32 12.78
CA ILE E 48 36.95 -3.62 13.06
C ILE E 48 36.57 -3.73 14.53
N ASN E 49 35.28 -3.55 14.80
CA ASN E 49 34.74 -3.62 16.14
C ASN E 49 35.48 -2.74 17.13
N GLY E 50 35.74 -1.50 16.73
CA GLY E 50 36.38 -0.53 17.61
C GLY E 50 37.89 -0.49 17.45
N LYS E 51 38.44 -1.39 16.64
CA LYS E 51 39.88 -1.43 16.41
C LYS E 51 40.20 -1.06 14.96
N LYS E 52 40.83 0.10 14.77
CA LYS E 52 41.14 0.59 13.44
C LYS E 52 42.46 0.05 12.88
N TYR E 53 42.37 -0.52 11.68
CA TYR E 53 43.54 -1.03 10.98
C TYR E 53 43.89 -0.13 9.80
N ALA E 54 45.10 -0.31 9.25
CA ALA E 54 45.54 0.50 8.12
C ALA E 54 46.54 -0.29 7.29
N VAL E 55 46.19 -0.57 6.04
CA VAL E 55 47.04 -1.36 5.17
C VAL E 55 47.49 -0.59 3.93
N ARG E 56 48.61 -1.02 3.36
CA ARG E 56 49.17 -0.37 2.18
C ARG E 56 49.44 -1.39 1.07
N GLN E 57 49.84 -2.60 1.46
CA GLN E 57 50.20 -3.63 0.49
C GLN E 57 49.14 -4.73 0.41
N ILE E 58 48.85 -5.34 1.56
CA ILE E 58 47.83 -6.37 1.64
C ILE E 58 46.45 -5.76 1.44
N PRO E 59 45.63 -6.40 0.59
CA PRO E 59 44.28 -5.89 0.30
C PRO E 59 43.42 -5.79 1.54
N THR E 60 42.64 -4.72 1.66
CA THR E 60 41.64 -4.64 2.71
C THR E 60 40.67 -5.79 2.51
N GLY E 61 40.38 -6.52 3.58
CA GLY E 61 39.60 -7.74 3.46
C GLY E 61 40.33 -8.93 4.06
N PHE E 62 41.48 -8.65 4.67
CA PHE E 62 42.26 -9.65 5.39
C PHE E 62 41.45 -10.22 6.55
N MET E 63 40.54 -9.40 7.05
CA MET E 63 39.46 -9.78 7.96
C MET E 63 38.93 -11.19 7.71
N GLN E 64 38.66 -11.41 6.43
CA GLN E 64 38.09 -12.62 5.86
C GLN E 64 39.22 -13.69 5.82
N THR E 65 39.18 -14.65 6.73
CA THR E 65 40.18 -15.70 6.79
C THR E 65 39.88 -16.81 5.79
N LYS E 66 38.66 -16.80 5.26
CA LYS E 66 38.24 -17.81 4.30
C LYS E 66 38.91 -17.53 2.95
N ALA E 67 38.94 -16.24 2.57
CA ALA E 67 39.55 -15.84 1.31
C ALA E 67 41.04 -15.79 0.97
N ARG E 68 41.34 -15.87 -0.32
CA ARG E 68 42.72 -15.84 -0.77
C ARG E 68 43.13 -14.44 -1.23
N LEU E 69 44.08 -13.85 -0.50
CA LEU E 69 44.55 -12.51 -0.83
C LEU E 69 45.59 -12.53 -1.94
N LEU E 70 45.38 -11.73 -2.97
CA LEU E 70 46.30 -11.66 -4.09
C LEU E 70 46.71 -10.24 -4.42
N ILE E 71 47.87 -10.10 -5.05
CA ILE E 71 48.37 -8.81 -5.50
C ILE E 71 48.68 -8.90 -6.98
N GLY E 72 47.90 -8.18 -7.79
CA GLY E 72 48.02 -8.24 -9.24
C GLY E 72 49.37 -7.82 -9.77
N ALA E 73 49.72 -8.32 -10.96
CA ALA E 73 51.02 -8.07 -11.56
C ALA E 73 51.28 -6.59 -11.83
N GLY E 74 50.22 -5.82 -12.04
CA GLY E 74 50.35 -4.41 -12.33
C GLY E 74 50.70 -3.56 -11.14
N VAL E 75 50.73 -4.19 -9.96
CA VAL E 75 51.01 -3.50 -8.71
C VAL E 75 52.48 -3.55 -8.32
N LEU E 76 52.96 -2.48 -7.70
CA LEU E 76 54.31 -2.44 -7.16
C LEU E 76 54.35 -3.10 -5.78
N VAL E 77 55.45 -3.80 -5.49
CA VAL E 77 55.60 -4.48 -4.20
C VAL E 77 56.80 -3.96 -3.41
N ASP E 78 56.54 -3.49 -2.19
CA ASP E 78 57.60 -3.09 -1.28
C ASP E 78 57.78 -4.18 -0.23
N PRO E 79 58.84 -4.99 -0.38
CA PRO E 79 59.12 -6.13 0.50
C PRO E 79 59.09 -5.79 1.98
N GLU E 80 59.69 -4.66 2.35
CA GLU E 80 59.70 -4.21 3.74
C GLU E 80 58.29 -4.01 4.26
N VAL E 81 57.47 -3.31 3.47
CA VAL E 81 56.09 -3.04 3.85
C VAL E 81 55.26 -4.32 3.90
N PHE E 82 55.46 -5.18 2.91
CA PHE E 82 54.73 -6.43 2.81
C PHE E 82 54.93 -7.33 4.03
N PHE E 83 56.17 -7.43 4.48
CA PHE E 83 56.51 -8.26 5.64
C PHE E 83 56.02 -7.61 6.92
N HIS E 84 56.08 -6.28 6.99
CA HIS E 84 55.60 -5.54 8.15
C HIS E 84 54.11 -5.76 8.36
N GLU E 85 53.37 -5.86 7.25
CA GLU E 85 51.93 -6.04 7.33
C GLU E 85 51.54 -7.49 7.59
N LEU E 86 52.46 -8.42 7.29
CA LEU E 86 52.26 -9.80 7.68
C LEU E 86 52.31 -9.88 9.20
N GLU E 87 53.25 -9.14 9.79
CA GLU E 87 53.42 -9.05 11.24
C GLU E 87 52.36 -8.20 11.92
N GLN E 88 51.94 -7.12 11.27
CA GLN E 88 50.90 -6.31 11.87
C GLN E 88 49.56 -7.05 11.94
N LEU E 89 49.40 -8.02 11.05
CA LEU E 89 48.16 -8.77 10.92
C LEU E 89 48.29 -10.27 11.22
N LYS E 90 49.19 -10.65 12.14
CA LYS E 90 49.45 -12.07 12.44
C LYS E 90 48.21 -12.81 12.86
N ASP E 91 47.34 -12.12 13.58
CA ASP E 91 46.18 -12.77 14.18
C ASP E 91 45.18 -13.22 13.13
N PHE E 92 45.31 -12.70 11.91
CA PHE E 92 44.39 -13.08 10.85
C PHE E 92 44.99 -14.14 9.92
N ASN E 93 46.21 -14.56 10.23
CA ASN E 93 46.97 -15.49 9.38
C ASN E 93 46.92 -15.16 7.91
N VAL E 94 47.47 -13.99 7.59
CA VAL E 94 47.53 -13.48 6.23
C VAL E 94 48.65 -14.17 5.48
N LYS E 95 49.71 -14.53 6.21
CA LYS E 95 50.94 -15.08 5.62
C LYS E 95 50.69 -16.35 4.81
N ASP E 96 49.70 -17.15 5.19
CA ASP E 96 49.42 -18.41 4.49
C ASP E 96 48.41 -18.23 3.36
N ARG E 97 47.57 -17.21 3.48
CA ARG E 97 46.52 -16.97 2.50
C ARG E 97 46.89 -15.92 1.46
N VAL E 98 48.12 -15.42 1.53
CA VAL E 98 48.52 -14.32 0.65
C VAL E 98 49.30 -14.85 -0.56
N GLY E 99 49.20 -14.12 -1.67
CA GLY E 99 49.90 -14.49 -2.89
C GLY E 99 50.31 -13.28 -3.70
N ILE E 100 51.60 -13.18 -3.99
CA ILE E 100 52.13 -12.11 -4.82
C ILE E 100 52.40 -12.60 -6.23
N ASP E 101 51.89 -11.88 -7.23
CA ASP E 101 52.16 -12.21 -8.62
C ASP E 101 53.65 -12.11 -8.89
N TYR E 102 54.21 -13.14 -9.51
CA TYR E 102 55.66 -13.23 -9.70
C TYR E 102 56.17 -12.19 -10.69
N ARG E 103 55.25 -11.47 -11.32
CA ARG E 103 55.61 -10.46 -12.32
C ARG E 103 55.48 -9.03 -11.79
N CYS E 104 55.14 -8.90 -10.51
CA CYS E 104 55.07 -7.59 -9.86
C CYS E 104 56.44 -6.92 -9.82
N ALA E 105 56.48 -5.61 -10.00
CA ALA E 105 57.72 -4.86 -9.92
C ALA E 105 58.03 -4.49 -8.46
N ILE E 106 59.32 -4.33 -8.16
CA ILE E 106 59.76 -4.14 -6.79
C ILE E 106 60.20 -2.71 -6.48
N ILE E 107 59.66 -2.15 -5.40
CA ILE E 107 60.10 -0.86 -4.88
C ILE E 107 61.32 -1.00 -3.99
N GLU E 108 62.44 -0.43 -4.41
CA GLU E 108 63.67 -0.48 -3.63
C GLU E 108 63.94 0.83 -2.89
N GLU E 109 64.97 0.84 -2.08
CA GLU E 109 65.26 2.00 -1.29
C GLU E 109 65.67 3.11 -2.19
N LYS E 110 66.33 2.75 -3.27
CA LYS E 110 66.74 3.76 -4.22
C LYS E 110 65.56 4.50 -4.78
N HIS E 111 64.43 3.86 -4.90
CA HIS E 111 63.23 4.56 -5.35
C HIS E 111 62.68 5.49 -4.27
N LYS E 112 62.61 4.95 -3.06
CA LYS E 112 62.10 5.68 -1.92
C LYS E 112 62.88 6.97 -1.66
N GLN E 113 64.21 6.88 -1.71
CA GLN E 113 65.05 8.05 -1.45
C GLN E 113 64.77 9.19 -2.42
N LEU E 114 64.72 8.86 -3.71
CA LEU E 114 64.45 9.86 -4.75
C LEU E 114 63.05 10.46 -4.64
N ASP E 115 62.07 9.64 -4.26
CA ASP E 115 60.69 10.11 -4.17
C ASP E 115 60.49 11.03 -2.98
N ARG E 116 61.33 10.84 -1.96
CA ARG E 116 61.20 11.59 -0.71
C ARG E 116 62.04 12.86 -0.66
N THR E 117 63.02 12.96 -1.55
CA THR E 117 64.00 14.05 -1.50
C THR E 117 63.90 15.01 -2.69
N ASN E 118 63.57 14.49 -3.87
CA ASN E 118 63.61 15.27 -5.11
C ASN E 118 62.61 16.42 -5.09
N GLY E 119 63.10 17.62 -5.44
CA GLY E 119 62.32 18.84 -5.37
C GLY E 119 61.02 18.87 -6.16
N TYR E 120 61.00 18.17 -7.29
CA TYR E 120 59.81 18.12 -8.13
C TYR E 120 58.74 17.24 -7.51
N LEU E 121 59.14 16.01 -7.19
CA LEU E 121 58.20 15.03 -6.65
C LEU E 121 57.78 15.36 -5.22
N HIS E 122 58.72 15.81 -4.40
CA HIS E 122 58.46 16.14 -2.99
C HIS E 122 57.85 17.52 -2.77
N GLY E 123 58.41 18.52 -3.45
CA GLY E 123 58.01 19.91 -3.23
C GLY E 123 56.82 20.35 -4.06
N LYS E 124 56.82 19.97 -5.34
CA LYS E 124 55.81 20.44 -6.28
C LYS E 124 54.50 19.65 -6.31
N ILE E 125 54.59 18.32 -6.28
CA ILE E 125 53.40 17.51 -6.57
C ILE E 125 52.36 17.48 -5.43
N GLY E 126 52.70 17.14 -4.18
CA GLY E 126 53.97 16.57 -3.76
C GLY E 126 53.67 15.14 -3.34
N THR E 127 54.55 14.22 -3.72
CA THR E 127 54.23 12.79 -3.61
C THR E 127 54.17 12.26 -2.18
N THR E 128 54.02 10.94 -2.10
CA THR E 128 53.85 10.25 -0.83
C THR E 128 55.20 9.89 -0.21
N GLY E 129 56.16 9.51 -1.05
CA GLY E 129 57.46 9.10 -0.57
C GLY E 129 57.58 7.58 -0.51
N SER E 130 56.58 6.89 -1.03
CA SER E 130 56.57 5.43 -1.06
C SER E 130 57.57 4.92 -2.09
N GLY E 131 57.93 5.78 -3.03
CA GLY E 131 58.85 5.42 -4.09
C GLY E 131 58.11 4.81 -5.26
N CYS E 132 56.78 4.89 -5.24
CA CYS E 132 55.95 4.33 -6.30
C CYS E 132 56.19 5.02 -7.63
N GLY E 133 56.38 6.33 -7.58
CA GLY E 133 56.69 7.10 -8.77
C GLY E 133 57.95 6.61 -9.48
N PRO E 134 59.11 6.76 -8.82
CA PRO E 134 60.39 6.32 -9.39
C PRO E 134 60.44 4.83 -9.74
N ALA E 135 59.70 4.02 -8.99
CA ALA E 135 59.68 2.58 -9.25
C ALA E 135 59.04 2.26 -10.61
N ASN E 136 57.88 2.85 -10.86
CA ASN E 136 57.20 2.66 -12.14
C ASN E 136 58.02 3.19 -13.31
N ALA E 137 58.77 4.26 -13.06
CA ALA E 137 59.66 4.81 -14.07
C ALA E 137 60.72 3.80 -14.46
N ASP E 138 61.27 3.12 -13.46
CA ASP E 138 62.28 2.08 -13.70
C ASP E 138 61.65 0.88 -14.39
N ARG E 139 60.36 0.65 -14.11
CA ARG E 139 59.63 -0.45 -14.72
C ARG E 139 59.32 -0.17 -16.18
N VAL E 140 58.90 1.06 -16.46
CA VAL E 140 58.65 1.49 -17.83
C VAL E 140 59.94 1.42 -18.64
N MET E 141 61.05 1.79 -18.00
CA MET E 141 62.37 1.68 -18.62
C MET E 141 62.86 0.24 -18.65
N ARG E 142 62.07 -0.66 -18.06
CA ARG E 142 62.37 -2.09 -18.05
C ARG E 142 63.70 -2.44 -17.40
N LYS E 143 64.03 -1.75 -16.31
CA LYS E 143 65.26 -2.04 -15.57
C LYS E 143 64.94 -2.49 -14.15
N ALA E 144 63.69 -2.31 -13.75
CA ALA E 144 63.23 -2.69 -12.42
C ALA E 144 63.23 -4.20 -12.23
N LYS E 145 63.28 -4.63 -10.97
CA LYS E 145 63.26 -6.03 -10.62
C LYS E 145 61.82 -6.53 -10.49
N GLN E 146 61.60 -7.81 -10.77
CA GLN E 146 60.29 -8.41 -10.56
C GLN E 146 60.32 -9.22 -9.26
N ALA E 147 59.12 -9.53 -8.73
CA ALA E 147 59.01 -10.29 -7.49
C ALA E 147 59.69 -11.66 -7.62
N LYS E 148 59.71 -12.16 -8.85
CA LYS E 148 60.38 -13.40 -9.19
C LYS E 148 61.85 -13.43 -8.78
N ASP E 149 62.47 -12.25 -8.77
CA ASP E 149 63.91 -12.13 -8.53
C ASP E 149 64.26 -11.87 -7.07
N VAL E 150 63.23 -11.69 -6.24
CA VAL E 150 63.46 -11.44 -4.81
C VAL E 150 63.35 -12.74 -4.03
N LYS E 151 64.47 -13.15 -3.44
CA LYS E 151 64.57 -14.47 -2.85
C LYS E 151 63.69 -14.60 -1.59
N GLU E 152 63.44 -13.48 -0.93
CA GLU E 152 62.63 -13.46 0.28
C GLU E 152 61.15 -13.64 -0.01
N LEU E 153 60.77 -13.49 -1.27
CA LEU E 153 59.37 -13.49 -1.67
C LEU E 153 58.92 -14.80 -2.29
N GLU E 154 59.86 -15.75 -2.42
CA GLU E 154 59.58 -17.01 -3.09
C GLU E 154 58.41 -17.82 -2.53
N PRO E 155 58.25 -17.90 -1.18
CA PRO E 155 57.11 -18.66 -0.68
C PRO E 155 55.74 -18.08 -1.03
N TYR E 156 55.69 -16.83 -1.46
CA TYR E 156 54.42 -16.16 -1.71
C TYR E 156 54.15 -15.96 -3.19
N LEU E 157 55.11 -16.36 -4.04
CA LEU E 157 54.97 -16.19 -5.48
C LEU E 157 53.84 -17.05 -6.04
N THR E 158 53.03 -16.47 -6.91
CA THR E 158 51.95 -17.20 -7.57
C THR E 158 51.54 -16.50 -8.87
N ASP E 159 50.53 -17.05 -9.54
CA ASP E 159 49.99 -16.43 -10.75
C ASP E 159 48.62 -15.87 -10.49
N VAL E 160 48.56 -14.57 -10.19
CA VAL E 160 47.30 -13.93 -9.84
C VAL E 160 46.33 -13.93 -11.02
N ALA E 161 46.87 -13.74 -12.22
CA ALA E 161 46.06 -13.72 -13.43
C ALA E 161 45.32 -15.04 -13.63
N GLN E 162 46.03 -16.16 -13.49
CA GLN E 162 45.44 -17.48 -13.67
C GLN E 162 44.49 -17.84 -12.52
N GLU E 163 44.93 -17.61 -11.29
CA GLU E 163 44.13 -17.91 -10.11
C GLU E 163 42.76 -17.26 -10.17
N ILE E 164 42.75 -15.98 -10.54
CA ILE E 164 41.50 -15.22 -10.62
C ILE E 164 40.61 -15.76 -11.73
N ASN E 165 41.20 -16.04 -12.89
CA ASN E 165 40.44 -16.54 -14.02
C ASN E 165 39.91 -17.96 -13.77
N ASP E 166 40.71 -18.79 -13.12
CA ASP E 166 40.26 -20.14 -12.74
C ASP E 166 39.11 -20.07 -11.76
N ALA E 167 39.13 -19.06 -10.90
CA ALA E 167 38.06 -18.89 -9.92
C ALA E 167 36.78 -18.45 -10.61
N LEU E 168 36.90 -17.55 -11.58
CA LEU E 168 35.75 -17.04 -12.31
C LEU E 168 35.10 -18.11 -13.17
N ASP E 169 35.85 -19.17 -13.49
CA ASP E 169 35.32 -20.24 -14.31
C ASP E 169 34.37 -21.15 -13.53
N GLU E 170 34.69 -21.42 -12.27
CA GLU E 170 33.82 -22.25 -11.45
C GLU E 170 32.68 -21.45 -10.85
N GLY E 171 32.59 -20.18 -11.20
CA GLY E 171 31.48 -19.35 -10.76
C GLY E 171 31.73 -18.57 -9.48
N SER E 172 32.91 -18.76 -8.89
CA SER E 172 33.25 -18.11 -7.62
C SER E 172 33.23 -16.58 -7.73
N LEU E 173 33.10 -15.93 -6.57
CA LEU E 173 33.11 -14.47 -6.50
C LEU E 173 34.53 -13.94 -6.28
N VAL E 174 34.91 -12.95 -7.08
CA VAL E 174 36.23 -12.34 -6.96
C VAL E 174 36.11 -10.84 -6.73
N LEU E 175 36.67 -10.37 -5.62
CA LEU E 175 36.63 -8.96 -5.29
C LEU E 175 37.96 -8.27 -5.58
N VAL E 176 37.91 -7.16 -6.30
CA VAL E 176 39.13 -6.45 -6.70
C VAL E 176 39.18 -5.02 -6.15
N GLU E 177 40.29 -4.70 -5.49
CA GLU E 177 40.47 -3.40 -4.86
C GLU E 177 41.45 -2.53 -5.64
N GLY E 178 41.02 -1.33 -6.01
CA GLY E 178 41.90 -0.38 -6.67
C GLY E 178 42.41 0.64 -5.68
N THR E 179 43.37 1.46 -6.10
CA THR E 179 43.93 2.49 -5.23
C THR E 179 43.68 3.87 -5.79
N GLN E 180 43.70 4.88 -4.92
CA GLN E 180 43.46 6.27 -5.29
C GLN E 180 42.05 6.71 -5.67
N GLY E 181 41.94 7.50 -6.74
CA GLY E 181 40.67 7.98 -7.19
C GLY E 181 40.88 8.49 -8.60
N PHE E 182 39.78 8.70 -9.32
CA PHE E 182 39.81 9.16 -10.71
C PHE E 182 40.62 10.44 -10.90
N GLY E 183 40.54 11.33 -9.93
CA GLY E 183 41.22 12.62 -10.03
C GLY E 183 42.73 12.50 -10.02
N LEU E 184 43.23 11.35 -9.58
CA LEU E 184 44.66 11.13 -9.51
C LEU E 184 45.17 10.26 -10.66
N SER E 185 44.29 10.00 -11.62
CA SER E 185 44.66 9.18 -12.77
C SER E 185 45.71 9.89 -13.60
N LEU E 186 46.75 9.16 -13.97
CA LEU E 186 47.83 9.70 -14.79
C LEU E 186 47.30 10.24 -16.12
N TYR E 187 46.25 9.60 -16.62
CA TYR E 187 45.66 9.97 -17.91
C TYR E 187 44.60 11.06 -17.77
N TYR E 188 43.59 10.78 -16.95
CA TYR E 188 42.38 11.59 -16.92
C TYR E 188 42.28 12.52 -15.72
N GLY E 189 43.25 12.43 -14.81
CA GLY E 189 43.24 13.27 -13.62
C GLY E 189 43.80 14.66 -13.88
N THR E 190 44.21 15.33 -12.82
CA THR E 190 44.74 16.69 -12.91
C THR E 190 46.25 16.70 -13.06
N TYR E 191 46.73 16.20 -14.20
CA TYR E 191 48.16 16.18 -14.51
C TYR E 191 48.77 17.57 -14.40
N PRO E 192 49.97 17.68 -13.79
CA PRO E 192 50.80 16.57 -13.31
C PRO E 192 50.53 16.19 -11.85
N TYR E 193 49.53 16.81 -11.24
CA TYR E 193 49.18 16.52 -9.85
C TYR E 193 48.37 15.24 -9.75
N VAL E 194 49.00 14.13 -10.14
CA VAL E 194 48.35 12.82 -10.15
C VAL E 194 49.32 11.77 -9.62
N THR E 195 48.90 10.52 -9.66
CA THR E 195 49.80 9.43 -9.31
C THR E 195 50.50 8.92 -10.58
N SER E 196 51.33 7.91 -10.43
CA SER E 196 52.21 7.48 -11.53
C SER E 196 51.56 6.47 -12.47
N LYS E 197 50.23 6.45 -12.49
CA LYS E 197 49.51 5.39 -13.21
C LYS E 197 48.02 5.72 -13.34
N ASP E 198 47.38 5.24 -14.40
CA ASP E 198 45.94 5.36 -14.51
C ASP E 198 45.27 4.50 -13.43
N VAL E 199 44.12 4.93 -12.95
CA VAL E 199 43.54 4.34 -11.75
C VAL E 199 42.11 3.86 -11.99
N THR E 200 41.53 4.21 -13.14
CA THR E 200 40.18 3.77 -13.51
C THR E 200 40.03 2.26 -13.48
N ALA E 201 38.78 1.80 -13.51
CA ALA E 201 38.46 0.39 -13.36
C ALA E 201 39.13 -0.50 -14.41
N SER E 202 39.26 0.02 -15.63
CA SER E 202 39.89 -0.74 -16.71
C SER E 202 41.35 -1.03 -16.41
N SER E 203 42.05 -0.02 -15.88
CA SER E 203 43.43 -0.19 -15.48
C SER E 203 43.53 -1.19 -14.34
N VAL E 204 42.63 -1.06 -13.38
CA VAL E 204 42.58 -1.96 -12.23
C VAL E 204 42.34 -3.40 -12.69
N ALA E 205 41.49 -3.56 -13.70
CA ALA E 205 41.21 -4.87 -14.26
C ALA E 205 42.46 -5.46 -14.89
N ALA E 206 43.23 -4.62 -15.57
CA ALA E 206 44.48 -5.04 -16.21
C ALA E 206 45.53 -5.36 -15.17
N ASP E 207 45.42 -4.73 -14.01
CA ASP E 207 46.39 -4.91 -12.93
C ASP E 207 46.34 -6.32 -12.35
N VAL E 208 45.13 -6.86 -12.22
CA VAL E 208 44.94 -8.17 -11.62
C VAL E 208 44.93 -9.29 -12.66
N GLY E 209 44.67 -8.93 -13.91
CA GLY E 209 44.68 -9.89 -15.00
C GLY E 209 43.31 -10.32 -15.46
N ILE E 210 42.43 -9.35 -15.64
CA ILE E 210 41.06 -9.63 -16.04
C ILE E 210 40.66 -8.86 -17.30
N GLY E 211 40.23 -9.59 -18.33
CA GLY E 211 39.72 -8.97 -19.54
C GLY E 211 38.46 -8.18 -19.22
N PRO E 212 38.21 -7.10 -19.97
CA PRO E 212 37.09 -6.20 -19.67
C PRO E 212 35.73 -6.90 -19.73
N THR E 213 35.63 -7.95 -20.52
CA THR E 213 34.39 -8.69 -20.68
C THR E 213 34.03 -9.49 -19.43
N ARG E 214 35.05 -9.82 -18.64
CA ARG E 214 34.88 -10.65 -17.45
C ARG E 214 34.43 -9.83 -16.24
N VAL E 215 34.35 -8.51 -16.40
CA VAL E 215 33.96 -7.62 -15.31
C VAL E 215 32.46 -7.37 -15.26
N ASP E 216 31.81 -7.96 -14.26
CA ASP E 216 30.36 -7.81 -14.10
C ASP E 216 29.98 -6.50 -13.44
N GLU E 217 30.56 -6.20 -12.29
CA GLU E 217 30.15 -5.00 -11.58
C GLU E 217 31.35 -4.10 -11.25
N VAL E 218 31.13 -2.79 -11.29
CA VAL E 218 32.15 -1.80 -10.96
C VAL E 218 31.62 -0.78 -9.96
N ILE E 219 32.12 -0.84 -8.74
CA ILE E 219 31.73 0.09 -7.70
C ILE E 219 32.68 1.28 -7.61
N VAL E 220 32.14 2.49 -7.78
CA VAL E 220 32.93 3.70 -7.68
C VAL E 220 32.60 4.45 -6.38
N VAL E 221 33.61 4.62 -5.54
CA VAL E 221 33.43 5.16 -4.20
C VAL E 221 33.50 6.68 -4.12
N PHE E 222 32.50 7.29 -3.49
CA PHE E 222 32.52 8.73 -3.24
C PHE E 222 32.30 8.99 -1.76
N LYS E 223 32.91 10.04 -1.25
CA LYS E 223 32.61 10.46 0.11
C LYS E 223 31.88 11.80 0.08
N SER E 224 31.13 12.10 1.14
CA SER E 224 30.31 13.30 1.18
C SER E 224 31.08 14.61 0.90
N PHE E 225 32.31 14.72 1.40
CA PHE E 225 33.14 15.89 1.11
C PHE E 225 34.48 15.45 0.56
N PRO E 226 34.74 15.63 -0.73
CA PRO E 226 36.00 15.17 -1.33
C PRO E 226 37.27 15.79 -0.69
N THR E 227 38.36 15.04 -0.65
CA THR E 227 39.62 15.52 -0.08
C THR E 227 40.80 15.35 -1.03
N ARG E 228 41.80 16.19 -0.84
CA ARG E 228 43.04 16.12 -1.59
C ARG E 228 44.25 16.16 -0.67
N VAL E 229 45.13 15.18 -0.81
CA VAL E 229 46.42 15.22 -0.14
C VAL E 229 47.45 15.73 -1.13
N GLY E 230 48.22 16.74 -0.73
CA GLY E 230 49.21 17.31 -1.61
C GLY E 230 48.65 18.44 -2.45
N ALA E 231 49.46 18.94 -3.38
CA ALA E 231 49.07 20.08 -4.19
C ALA E 231 48.20 19.68 -5.37
N GLY E 232 47.73 20.67 -6.14
CA GLY E 232 46.89 20.43 -7.29
C GLY E 232 45.56 21.15 -7.21
N PRO E 233 44.97 21.46 -8.38
CA PRO E 233 43.68 22.13 -8.50
C PRO E 233 42.57 21.43 -7.74
N PHE E 234 41.72 22.19 -7.06
CA PHE E 234 40.59 21.65 -6.33
C PHE E 234 39.45 22.64 -6.41
N PRO E 235 38.56 22.46 -7.39
CA PRO E 235 37.48 23.39 -7.73
C PRO E 235 36.56 23.73 -6.57
N THR E 236 36.09 22.71 -5.85
CA THR E 236 35.12 22.92 -4.77
C THR E 236 35.78 22.95 -3.41
N GLU E 237 37.04 23.38 -3.36
CA GLU E 237 37.80 23.42 -2.12
C GLU E 237 37.25 24.46 -1.15
N MET E 238 37.13 24.06 0.11
CA MET E 238 36.71 25.00 1.14
C MET E 238 37.93 25.44 1.94
N PRO E 239 37.86 26.65 2.54
CA PRO E 239 38.91 27.10 3.47
C PRO E 239 39.07 26.11 4.62
N MET E 240 40.26 26.03 5.18
CA MET E 240 40.51 25.01 6.20
C MET E 240 39.79 25.35 7.49
N GLU E 241 39.38 26.60 7.66
CA GLU E 241 38.63 26.91 8.88
C GLU E 241 37.29 26.22 8.91
N GLU E 242 36.58 26.20 7.78
CA GLU E 242 35.29 25.50 7.71
C GLU E 242 35.44 23.99 7.86
N ALA E 243 36.51 23.45 7.29
CA ALA E 243 36.79 22.03 7.43
C ALA E 243 36.89 21.67 8.91
N ASP E 244 37.49 22.56 9.69
CA ASP E 244 37.53 22.38 11.13
C ASP E 244 36.15 22.49 11.79
N ARG E 245 35.38 23.52 11.41
CA ARG E 245 34.06 23.77 12.01
C ARG E 245 33.09 22.61 11.77
N LEU E 246 33.13 22.05 10.57
CA LEU E 246 32.25 20.95 10.21
C LEU E 246 32.87 19.65 10.68
N GLY E 247 34.00 19.77 11.39
CA GLY E 247 34.71 18.62 11.92
C GLY E 247 35.12 17.66 10.83
N LEU E 248 35.74 18.24 9.82
CA LEU E 248 36.15 17.58 8.59
C LEU E 248 37.64 17.37 8.55
N VAL E 249 38.27 17.28 9.72
CA VAL E 249 39.73 17.14 9.82
C VAL E 249 40.20 15.70 9.72
N GLU E 250 41.02 15.42 8.71
CA GLU E 250 41.55 14.07 8.49
C GLU E 250 43.05 14.11 8.18
N TYR E 251 43.79 13.10 8.63
CA TYR E 251 45.22 13.05 8.35
C TYR E 251 45.61 11.83 7.52
N GLY E 252 46.63 12.00 6.69
CA GLY E 252 47.09 10.95 5.79
C GLY E 252 47.44 9.66 6.50
N THR E 253 47.01 8.54 5.92
CA THR E 253 47.28 7.23 6.50
C THR E 253 48.76 6.90 6.45
N VAL E 254 49.44 7.45 5.44
CA VAL E 254 50.84 7.12 5.20
C VAL E 254 51.78 8.25 5.61
N THR E 255 51.40 9.49 5.27
CA THR E 255 52.27 10.63 5.51
C THR E 255 51.83 11.48 6.70
N GLY E 256 50.60 11.26 7.14
CA GLY E 256 50.06 11.99 8.28
C GLY E 256 49.81 13.46 8.02
N ARG E 257 49.80 13.85 6.75
CA ARG E 257 49.52 15.23 6.38
C ARG E 257 48.01 15.48 6.42
N ARG E 258 47.61 16.70 6.74
CA ARG E 258 46.19 17.02 6.83
C ARG E 258 45.55 17.11 5.45
N ARG E 259 44.37 16.50 5.33
CA ARG E 259 43.65 16.46 4.07
C ARG E 259 42.92 17.78 3.78
N ARG E 260 43.17 18.32 2.60
CA ARG E 260 42.39 19.43 2.06
C ARG E 260 40.94 18.98 1.90
N VAL E 261 39.99 19.78 2.35
CA VAL E 261 38.59 19.37 2.26
C VAL E 261 37.80 20.31 1.33
N GLY E 262 36.78 19.76 0.67
CA GLY E 262 35.93 20.53 -0.20
C GLY E 262 34.51 20.00 -0.31
N TRP E 263 33.64 20.74 -0.98
CA TRP E 263 32.26 20.30 -1.18
C TRP E 263 32.18 19.29 -2.31
N PHE E 264 31.12 18.49 -2.30
CA PHE E 264 30.94 17.45 -3.30
C PHE E 264 30.90 18.05 -4.70
N ASP E 265 31.86 17.67 -5.54
CA ASP E 265 31.93 18.17 -6.91
C ASP E 265 31.06 17.27 -7.79
N PHE E 266 29.90 17.78 -8.20
CA PHE E 266 28.92 16.97 -8.88
C PHE E 266 29.26 16.64 -10.34
N GLU E 267 29.77 17.64 -11.07
CA GLU E 267 30.10 17.50 -12.49
C GLU E 267 31.26 16.52 -12.65
N MET E 268 32.22 16.61 -11.74
CA MET E 268 33.35 15.69 -11.72
C MET E 268 32.88 14.29 -11.37
N ALA E 269 31.88 14.21 -10.50
CA ALA E 269 31.34 12.92 -10.07
C ALA E 269 30.74 12.17 -11.25
N ARG E 270 30.01 12.89 -12.11
CA ARG E 270 29.40 12.27 -13.28
C ARG E 270 30.45 11.81 -14.27
N TYR E 271 31.47 12.65 -14.45
CA TYR E 271 32.55 12.35 -15.38
C TYR E 271 33.34 11.15 -14.90
N SER E 272 33.74 11.18 -13.63
CA SER E 272 34.49 10.10 -13.01
C SER E 272 33.76 8.77 -13.10
N ALA E 273 32.45 8.82 -12.82
CA ALA E 273 31.62 7.62 -12.83
C ALA E 273 31.47 7.06 -14.23
N ARG E 274 31.39 7.96 -15.22
CA ARG E 274 31.11 7.58 -16.60
C ARG E 274 32.28 6.91 -17.32
N ILE E 275 33.48 7.48 -17.16
CA ILE E 275 34.68 6.89 -17.74
C ILE E 275 35.01 5.55 -17.10
N ASN E 276 34.71 5.42 -15.81
CA ASN E 276 34.91 4.16 -15.11
C ASN E 276 33.94 3.06 -15.54
N GLY E 277 32.86 3.44 -16.19
CA GLY E 277 31.84 2.48 -16.58
C GLY E 277 31.12 1.97 -15.35
N ALA E 278 30.81 2.89 -14.44
CA ALA E 278 30.20 2.56 -13.15
C ALA E 278 28.83 1.90 -13.29
N THR E 279 28.65 0.80 -12.58
CA THR E 279 27.37 0.14 -12.49
C THR E 279 26.69 0.48 -11.18
N MET E 280 27.50 0.73 -10.16
CA MET E 280 26.99 1.01 -8.82
C MET E 280 27.85 2.05 -8.10
N LEU E 281 27.20 2.94 -7.36
CA LEU E 281 27.92 3.88 -6.51
C LEU E 281 27.93 3.47 -5.06
N ALA E 282 28.95 3.92 -4.35
CA ALA E 282 29.02 3.73 -2.91
C ALA E 282 29.43 5.05 -2.26
N VAL E 283 28.60 5.52 -1.33
CA VAL E 283 28.85 6.81 -0.70
C VAL E 283 29.20 6.64 0.77
N THR E 284 30.28 7.28 1.19
CA THR E 284 30.76 7.17 2.55
C THR E 284 30.67 8.49 3.30
N MET E 285 30.79 8.42 4.61
CA MET E 285 30.81 9.59 5.49
C MET E 285 29.57 10.46 5.35
N LEU E 286 28.40 9.82 5.25
CA LEU E 286 27.14 10.55 5.19
C LEU E 286 26.80 11.16 6.55
N ASP E 287 27.34 10.54 7.60
CA ASP E 287 27.13 10.98 8.98
C ASP E 287 27.75 12.35 9.25
N LYS E 288 28.76 12.66 8.44
CA LYS E 288 29.46 13.93 8.58
C LYS E 288 28.85 15.07 7.76
N TYR E 289 28.10 14.70 6.75
CA TYR E 289 27.29 15.63 5.97
C TYR E 289 26.07 15.99 6.81
N ASP E 290 25.56 14.98 7.48
CA ASP E 290 24.45 15.15 8.41
C ASP E 290 24.66 14.26 9.64
N LYS E 291 24.79 14.89 10.80
CA LYS E 291 25.17 14.19 12.02
C LYS E 291 24.13 13.19 12.50
N GLU E 292 22.88 13.42 12.11
CA GLU E 292 21.75 12.60 12.54
C GLU E 292 21.66 11.31 11.75
N ALA E 293 22.44 11.21 10.68
CA ALA E 293 22.33 10.08 9.76
C ALA E 293 23.20 8.91 10.19
N PHE E 294 23.90 9.10 11.30
CA PHE E 294 24.81 8.10 11.83
C PHE E 294 24.17 6.78 12.32
N GLY E 295 24.77 5.66 11.92
CA GLY E 295 24.45 4.35 12.44
C GLY E 295 23.31 3.66 11.72
N VAL E 296 22.61 4.43 10.90
CA VAL E 296 21.46 3.97 10.15
C VAL E 296 21.80 2.80 9.23
N THR E 297 21.01 1.74 9.27
CA THR E 297 21.27 0.53 8.47
C THR E 297 20.10 0.21 7.54
N ASP E 298 19.02 0.96 7.68
CA ASP E 298 17.86 0.90 6.80
C ASP E 298 17.69 2.21 6.09
N TYR E 299 17.00 2.18 4.96
CA TYR E 299 17.20 3.26 4.02
C TYR E 299 16.78 4.62 4.50
N ASP E 300 15.58 4.81 5.01
CA ASP E 300 15.25 6.13 5.52
C ASP E 300 14.65 5.93 6.91
N LYS E 301 15.55 5.51 7.79
CA LYS E 301 15.48 5.93 9.17
C LYS E 301 16.51 7.05 9.17
N LEU E 302 17.03 7.29 7.98
CA LEU E 302 17.84 8.45 7.66
C LEU E 302 17.01 9.70 7.71
N PRO E 303 17.60 10.79 8.21
CA PRO E 303 17.07 12.16 8.18
C PRO E 303 16.86 12.58 6.73
N ARG E 304 15.99 13.56 6.50
CA ARG E 304 15.66 13.95 5.14
C ARG E 304 16.78 14.64 4.34
N LYS E 305 17.48 15.61 4.91
CA LYS E 305 18.50 16.35 4.14
C LYS E 305 19.72 15.51 3.80
N ALA E 306 20.01 14.50 4.62
CA ALA E 306 21.12 13.60 4.37
C ALA E 306 20.82 12.79 3.13
N LYS E 307 19.57 12.37 3.09
CA LYS E 307 18.96 11.53 2.08
C LYS E 307 18.68 12.26 0.76
N GLU E 308 18.38 13.56 0.81
CA GLU E 308 18.15 14.35 -0.41
C GLU E 308 19.46 14.49 -1.14
N PHE E 309 20.54 14.15 -0.45
CA PHE E 309 21.87 14.16 -0.99
C PHE E 309 22.14 12.87 -1.77
N ILE E 310 21.82 11.73 -1.17
CA ILE E 310 21.99 10.44 -1.84
C ILE E 310 21.17 10.34 -3.14
N GLU E 311 19.93 10.86 -3.11
CA GLU E 311 19.14 10.88 -4.35
C GLU E 311 19.51 12.02 -5.30
N GLU E 312 20.01 13.15 -4.78
CA GLU E 312 20.43 14.21 -5.68
C GLU E 312 21.59 13.79 -6.58
N ILE E 313 22.58 13.10 -5.99
CA ILE E 313 23.70 12.59 -6.77
C ILE E 313 23.19 11.53 -7.76
N GLU E 314 22.36 10.60 -7.30
CA GLU E 314 21.80 9.54 -8.14
C GLU E 314 21.13 10.14 -9.38
N GLU E 315 20.70 11.40 -9.25
CA GLU E 315 20.05 12.12 -10.34
C GLU E 315 21.04 12.92 -11.17
N ARG E 316 22.05 13.48 -10.51
CA ARG E 316 23.05 14.27 -11.21
C ARG E 316 24.27 13.46 -11.70
N VAL E 317 24.40 12.21 -11.24
CA VAL E 317 25.50 11.38 -11.69
C VAL E 317 24.96 10.28 -12.61
N GLY E 318 23.70 9.90 -12.41
CA GLY E 318 23.04 8.93 -13.27
C GLY E 318 23.35 7.47 -12.99
N VAL E 319 23.78 7.20 -11.77
CA VAL E 319 24.10 5.84 -11.37
C VAL E 319 23.59 5.55 -9.95
N PRO E 320 22.88 4.41 -9.78
CA PRO E 320 22.32 4.02 -8.47
C PRO E 320 23.37 3.86 -7.37
N VAL E 321 23.02 4.31 -6.16
CA VAL E 321 23.87 4.14 -4.99
C VAL E 321 23.41 2.94 -4.17
N GLY E 322 24.17 1.85 -4.24
CA GLY E 322 23.79 0.61 -3.58
C GLY E 322 24.53 0.33 -2.29
N LEU E 323 25.40 1.25 -1.88
CA LEU E 323 26.14 1.10 -0.63
C LEU E 323 26.34 2.46 0.03
N ILE E 324 25.79 2.63 1.22
CA ILE E 324 25.93 3.89 1.94
C ILE E 324 26.50 3.67 3.34
N LYS E 325 27.71 4.15 3.56
CA LYS E 325 28.36 4.00 4.86
C LYS E 325 28.03 5.21 5.73
N THR E 326 27.61 4.95 6.96
CA THR E 326 27.17 6.02 7.85
C THR E 326 28.06 6.15 9.08
N GLY E 327 29.25 5.57 9.03
CA GLY E 327 30.18 5.63 10.13
C GLY E 327 31.39 4.72 9.94
N PRO E 328 32.40 4.87 10.81
CA PRO E 328 33.67 4.14 10.73
C PRO E 328 33.55 2.62 10.90
N GLU E 329 32.56 2.16 11.66
CA GLU E 329 32.45 0.73 11.95
C GLU E 329 31.86 -0.05 10.77
N LEU E 330 32.04 -1.37 10.80
CA LEU E 330 31.59 -2.25 9.74
C LEU E 330 30.07 -2.21 9.51
N GLU E 331 29.32 -2.28 10.62
CA GLU E 331 27.85 -2.32 10.54
C GLU E 331 27.23 -0.99 10.14
N HIS E 332 28.02 0.09 10.20
CA HIS E 332 27.51 1.42 9.87
C HIS E 332 27.33 1.55 8.36
N ILE E 333 26.44 0.74 7.79
CA ILE E 333 26.30 0.69 6.34
C ILE E 333 24.86 0.37 5.91
N ILE E 334 24.43 1.02 4.84
CA ILE E 334 23.13 0.72 4.23
C ILE E 334 23.34 -0.06 2.95
N ASP E 335 22.73 -1.23 2.86
CA ASP E 335 22.95 -2.12 1.71
C ASP E 335 21.73 -2.22 0.80
N ARG E 336 21.69 -1.42 -0.25
CA ARG E 336 20.65 -1.56 -1.22
C ARG E 336 21.12 -2.35 -2.42
N ARG E 337 22.10 -3.20 -2.22
CA ARG E 337 22.76 -3.82 -3.34
C ARG E 337 21.87 -4.76 -4.10
N ASP E 338 20.68 -5.02 -3.59
CA ASP E 338 19.79 -5.98 -4.23
C ASP E 338 18.54 -5.31 -4.74
N THR E 339 18.73 -4.24 -5.48
CA THR E 339 17.62 -3.41 -5.89
C THR E 339 17.97 -2.69 -7.17
N PRO F 3 27.47 -1.30 -30.86
CA PRO F 3 28.22 -2.05 -29.85
C PRO F 3 29.65 -1.54 -29.68
N SER F 4 30.46 -2.29 -28.95
CA SER F 4 31.87 -1.94 -28.76
C SER F 4 32.76 -3.14 -29.03
N VAL F 5 33.76 -2.95 -29.88
CA VAL F 5 34.72 -4.00 -30.20
C VAL F 5 36.15 -3.47 -30.05
N ILE F 6 36.97 -4.21 -29.32
CA ILE F 6 38.38 -3.87 -29.16
C ILE F 6 39.27 -4.93 -29.81
N VAL F 7 40.22 -4.48 -30.62
CA VAL F 7 41.13 -5.38 -31.31
C VAL F 7 42.53 -5.31 -30.70
N VAL F 8 43.02 -6.46 -30.24
CA VAL F 8 44.35 -6.55 -29.64
C VAL F 8 45.14 -7.73 -30.19
N GLY F 9 46.46 -7.71 -29.98
CA GLY F 9 47.33 -8.76 -30.46
C GLY F 9 47.49 -9.89 -29.46
N GLY F 10 47.66 -11.11 -29.96
CA GLY F 10 47.75 -12.28 -29.12
C GLY F 10 49.15 -12.85 -28.98
N GLN F 11 50.08 -12.31 -29.75
CA GLN F 11 51.47 -12.76 -29.73
C GLN F 11 52.44 -11.61 -29.41
N TRP F 12 53.43 -11.39 -30.26
CA TRP F 12 54.41 -10.32 -30.02
C TRP F 12 54.25 -9.17 -30.99
N GLY F 13 53.02 -8.80 -31.29
CA GLY F 13 52.75 -7.74 -32.25
C GLY F 13 52.83 -8.24 -33.67
N ASP F 14 52.51 -7.35 -34.61
CA ASP F 14 52.57 -7.62 -36.05
C ASP F 14 51.69 -8.79 -36.46
N GLU F 15 50.62 -9.04 -35.72
CA GLU F 15 49.76 -10.19 -36.02
C GLU F 15 48.78 -9.90 -37.15
N GLY F 16 48.73 -8.64 -37.58
CA GLY F 16 47.80 -8.25 -38.63
C GLY F 16 46.62 -7.46 -38.08
N LYS F 17 46.84 -6.79 -36.96
CA LYS F 17 45.80 -5.99 -36.33
C LYS F 17 45.27 -4.89 -37.25
N GLY F 18 46.19 -4.22 -37.95
CA GLY F 18 45.82 -3.15 -38.86
C GLY F 18 44.90 -3.61 -39.97
N SER F 19 45.25 -4.73 -40.61
CA SER F 19 44.47 -5.26 -41.72
C SER F 19 43.08 -5.70 -41.30
N ILE F 20 42.90 -5.97 -40.01
CA ILE F 20 41.61 -6.42 -39.49
C ILE F 20 40.74 -5.24 -39.09
N VAL F 21 41.34 -4.27 -38.40
CA VAL F 21 40.65 -3.02 -38.12
C VAL F 21 40.26 -2.38 -39.45
N ALA F 22 41.12 -2.60 -40.45
CA ALA F 22 40.86 -2.19 -41.83
C ALA F 22 39.53 -2.71 -42.35
N TYR F 23 39.41 -4.03 -42.40
CA TYR F 23 38.21 -4.69 -42.89
C TYR F 23 36.96 -4.28 -42.10
N LEU F 24 37.06 -4.34 -40.78
CA LEU F 24 35.93 -4.02 -39.90
C LEU F 24 35.46 -2.58 -40.07
N SER F 25 36.38 -1.68 -40.37
CA SER F 25 36.03 -0.29 -40.61
C SER F 25 35.10 -0.19 -41.81
N LEU F 26 35.57 -0.69 -42.95
CA LEU F 26 34.80 -0.64 -44.18
C LEU F 26 33.51 -1.45 -44.12
N HIS F 27 33.59 -2.66 -43.55
CA HIS F 27 32.48 -3.60 -43.57
C HIS F 27 31.34 -3.20 -42.62
N ASP F 28 31.66 -2.87 -41.38
CA ASP F 28 30.65 -2.63 -40.36
C ASP F 28 30.30 -1.15 -40.20
N GLU F 29 31.13 -0.30 -40.80
CA GLU F 29 30.97 1.16 -40.74
C GLU F 29 30.80 1.68 -39.33
N PRO F 30 31.88 1.69 -38.54
CA PRO F 30 31.80 2.32 -37.22
C PRO F 30 31.93 3.83 -37.35
N GLU F 31 31.28 4.55 -36.44
CA GLU F 31 31.35 6.01 -36.36
C GLU F 31 32.70 6.52 -35.92
N ILE F 32 33.23 5.88 -34.88
CA ILE F 32 34.49 6.29 -34.29
C ILE F 32 35.45 5.13 -34.32
N ILE F 33 36.60 5.37 -34.92
CA ILE F 33 37.68 4.42 -34.90
C ILE F 33 38.76 5.06 -34.06
N ALA F 34 38.93 4.55 -32.85
CA ALA F 34 39.87 5.14 -31.93
C ALA F 34 41.04 4.20 -31.72
N ARG F 35 42.20 4.77 -31.40
CA ARG F 35 43.40 3.99 -31.18
C ARG F 35 43.97 4.22 -29.78
N GLY F 36 44.74 3.26 -29.30
CA GLY F 36 45.35 3.36 -27.98
C GLY F 36 46.78 2.87 -27.96
N GLY F 37 46.97 1.59 -27.67
CA GLY F 37 48.29 1.00 -27.62
C GLY F 37 49.29 1.88 -26.90
N VAL F 38 50.53 1.88 -27.38
CA VAL F 38 51.59 2.68 -26.78
C VAL F 38 51.65 4.07 -27.41
N GLY F 39 52.09 4.13 -28.66
CA GLY F 39 52.21 5.38 -29.37
C GLY F 39 52.52 5.19 -30.84
N THR F 40 53.71 5.64 -31.26
CA THR F 40 54.12 5.52 -32.61
C THR F 40 55.17 4.48 -32.74
N ASN F 41 55.26 3.58 -31.79
CA ASN F 41 56.21 2.50 -31.89
C ASN F 41 55.70 1.35 -32.69
N ALA F 42 54.45 1.45 -33.03
CA ALA F 42 53.78 0.44 -33.74
C ALA F 42 53.67 0.86 -35.15
N GLY F 43 53.67 -0.14 -35.98
CA GLY F 43 53.54 0.00 -37.42
C GLY F 43 52.43 -0.89 -37.94
N HIS F 44 51.31 -0.29 -38.30
CA HIS F 44 50.15 -1.04 -38.76
C HIS F 44 49.97 -0.85 -40.26
N SER F 45 50.04 -1.96 -40.99
CA SER F 45 49.97 -1.89 -42.46
C SER F 45 48.68 -2.46 -43.01
N VAL F 46 48.25 -1.89 -44.14
CA VAL F 46 47.05 -2.33 -44.83
C VAL F 46 47.23 -2.21 -46.34
N VAL F 47 46.68 -3.16 -47.09
CA VAL F 47 46.70 -3.04 -48.54
C VAL F 47 45.30 -2.71 -49.07
N ILE F 48 45.19 -1.56 -49.73
CA ILE F 48 43.93 -1.09 -50.29
C ILE F 48 43.95 -1.14 -51.81
N ASN F 49 43.32 -2.17 -52.37
CA ASN F 49 43.28 -2.38 -53.81
C ASN F 49 44.66 -2.31 -54.47
N GLY F 50 45.62 -2.99 -53.87
CA GLY F 50 46.96 -3.06 -54.44
C GLY F 50 47.93 -2.01 -53.94
N LYS F 51 47.45 -1.09 -53.12
CA LYS F 51 48.33 -0.06 -52.57
C LYS F 51 48.48 -0.24 -51.06
N LYS F 52 49.68 -0.61 -50.63
CA LYS F 52 49.94 -0.85 -49.21
C LYS F 52 50.25 0.44 -48.46
N TYR F 53 49.49 0.69 -47.40
CA TYR F 53 49.71 1.84 -46.54
C TYR F 53 50.31 1.40 -45.23
N ALA F 54 50.84 2.35 -44.46
CA ALA F 54 51.44 2.05 -43.17
C ALA F 54 51.33 3.25 -42.23
N VAL F 55 50.61 3.07 -41.13
CA VAL F 55 50.39 4.16 -40.19
C VAL F 55 50.97 3.86 -38.81
N ARG F 56 51.25 4.91 -38.04
CA ARG F 56 51.83 4.77 -36.72
C ARG F 56 51.02 5.52 -35.67
N GLN F 57 50.46 6.67 -36.05
CA GLN F 57 49.73 7.52 -35.13
C GLN F 57 48.23 7.46 -35.40
N ILE F 58 47.85 7.72 -36.65
CA ILE F 58 46.45 7.66 -37.06
C ILE F 58 45.99 6.21 -37.09
N PRO F 59 44.81 5.94 -36.52
CA PRO F 59 44.28 4.57 -36.47
C PRO F 59 44.09 3.98 -37.86
N THR F 60 44.43 2.70 -38.02
CA THR F 60 44.09 1.98 -39.24
C THR F 60 42.56 2.01 -39.35
N GLY F 61 42.04 2.38 -40.50
CA GLY F 61 40.60 2.59 -40.62
C GLY F 61 40.29 3.97 -41.16
N PHE F 62 41.34 4.70 -41.52
CA PHE F 62 41.21 6.00 -42.16
C PHE F 62 40.47 5.88 -43.48
N MET F 63 40.61 4.69 -44.09
CA MET F 63 39.79 4.19 -45.18
C MET F 63 38.35 4.65 -45.08
N GLN F 64 37.78 4.45 -43.90
CA GLN F 64 36.40 4.79 -43.64
C GLN F 64 36.31 6.31 -43.52
N THR F 65 35.83 6.95 -44.58
CA THR F 65 35.68 8.40 -44.60
C THR F 65 34.61 9.10 -43.77
N LYS F 66 33.51 8.41 -43.54
CA LYS F 66 32.40 8.95 -42.77
C LYS F 66 32.61 8.29 -41.41
N ALA F 67 33.82 8.45 -40.86
CA ALA F 67 34.15 7.87 -39.57
C ALA F 67 35.13 8.76 -38.80
N ARG F 68 34.76 9.09 -37.57
CA ARG F 68 35.60 9.93 -36.72
C ARG F 68 36.81 9.16 -36.22
N LEU F 69 38.00 9.73 -36.39
CA LEU F 69 39.23 9.05 -36.00
C LEU F 69 39.82 9.65 -34.72
N LEU F 70 39.97 8.82 -33.69
CA LEU F 70 40.39 9.32 -32.39
C LEU F 70 41.67 8.67 -31.84
N ILE F 71 42.36 9.41 -30.99
CA ILE F 71 43.54 8.93 -30.31
C ILE F 71 43.39 9.14 -28.80
N GLY F 72 43.28 8.02 -28.07
CA GLY F 72 43.03 8.06 -26.63
C GLY F 72 44.10 8.76 -25.81
N ALA F 73 43.69 9.26 -24.65
CA ALA F 73 44.58 10.02 -23.76
C ALA F 73 45.78 9.20 -23.28
N GLY F 74 45.60 7.88 -23.20
CA GLY F 74 46.66 7.00 -22.74
C GLY F 74 47.74 6.77 -23.78
N VAL F 75 47.53 7.29 -24.99
CA VAL F 75 48.46 7.10 -26.09
C VAL F 75 49.45 8.25 -26.18
N LEU F 76 50.69 7.93 -26.54
CA LEU F 76 51.71 8.95 -26.77
C LEU F 76 51.55 9.54 -28.16
N VAL F 77 51.80 10.83 -28.29
CA VAL F 77 51.68 11.50 -29.57
C VAL F 77 52.99 12.12 -30.01
N ASP F 78 53.45 11.71 -31.19
CA ASP F 78 54.63 12.31 -31.81
C ASP F 78 54.16 13.28 -32.89
N PRO F 79 54.22 14.58 -32.61
CA PRO F 79 53.74 15.64 -33.51
C PRO F 79 54.26 15.47 -34.94
N GLU F 80 55.55 15.17 -35.07
CA GLU F 80 56.16 14.98 -36.39
C GLU F 80 55.48 13.87 -37.18
N VAL F 81 55.29 12.73 -36.54
CA VAL F 81 54.68 11.57 -37.18
C VAL F 81 53.21 11.85 -37.51
N PHE F 82 52.52 12.48 -36.59
CA PHE F 82 51.11 12.79 -36.76
C PHE F 82 50.89 13.68 -37.97
N PHE F 83 51.73 14.70 -38.13
CA PHE F 83 51.58 15.62 -39.26
C PHE F 83 52.01 14.98 -40.57
N HIS F 84 53.04 14.15 -40.52
CA HIS F 84 53.49 13.43 -41.71
C HIS F 84 52.41 12.52 -42.25
N GLU F 85 51.66 11.90 -41.35
CA GLU F 85 50.62 10.95 -41.74
C GLU F 85 49.34 11.66 -42.16
N LEU F 86 49.18 12.91 -41.73
CA LEU F 86 48.07 13.72 -42.22
C LEU F 86 48.20 14.01 -43.71
N GLU F 87 49.41 14.36 -44.13
CA GLU F 87 49.69 14.64 -45.53
C GLU F 87 49.73 13.35 -46.34
N GLN F 88 50.33 12.31 -45.74
CA GLN F 88 50.49 11.03 -46.40
C GLN F 88 49.12 10.43 -46.73
N LEU F 89 48.12 10.82 -45.96
CA LEU F 89 46.76 10.31 -46.18
C LEU F 89 45.78 11.43 -46.51
N LYS F 90 46.29 12.51 -47.09
CA LYS F 90 45.45 13.69 -47.36
C LYS F 90 44.24 13.37 -48.26
N ASP F 91 44.38 12.41 -49.17
CA ASP F 91 43.30 12.10 -50.10
C ASP F 91 42.10 11.46 -49.38
N PHE F 92 42.29 11.04 -48.14
CA PHE F 92 41.23 10.42 -47.35
C PHE F 92 40.54 11.39 -46.38
N ASN F 93 40.90 12.67 -46.45
CA ASN F 93 40.42 13.66 -45.50
C ASN F 93 40.61 13.17 -44.07
N VAL F 94 41.84 12.94 -43.66
CA VAL F 94 42.10 12.53 -42.28
C VAL F 94 42.16 13.77 -41.38
N LYS F 95 42.67 14.86 -41.91
CA LYS F 95 42.94 16.07 -41.14
C LYS F 95 41.69 16.67 -40.47
N ASP F 96 40.53 16.53 -41.11
CA ASP F 96 39.30 17.11 -40.55
C ASP F 96 38.54 16.14 -39.66
N ARG F 97 38.74 14.85 -39.87
CA ARG F 97 38.02 13.82 -39.14
C ARG F 97 38.81 13.28 -37.95
N VAL F 98 39.98 13.85 -37.70
CA VAL F 98 40.87 13.31 -36.67
C VAL F 98 40.71 14.09 -35.37
N GLY F 99 40.97 13.41 -34.26
CA GLY F 99 40.89 14.04 -32.95
C GLY F 99 41.89 13.44 -31.99
N ILE F 100 42.75 14.31 -31.44
CA ILE F 100 43.72 13.90 -30.44
C ILE F 100 43.21 14.33 -29.06
N ASP F 101 43.19 13.39 -28.12
CA ASP F 101 42.80 13.71 -26.76
C ASP F 101 43.79 14.72 -26.18
N TYR F 102 43.26 15.78 -25.58
CA TYR F 102 44.09 16.88 -25.11
C TYR F 102 44.98 16.47 -23.94
N ARG F 103 44.80 15.25 -23.44
CA ARG F 103 45.54 14.77 -22.29
C ARG F 103 46.65 13.77 -22.68
N CYS F 104 46.83 13.55 -23.99
CA CYS F 104 47.89 12.68 -24.48
C CYS F 104 49.27 13.24 -24.14
N ALA F 105 50.20 12.35 -23.80
CA ALA F 105 51.57 12.78 -23.51
C ALA F 105 52.36 12.87 -24.81
N ILE F 106 53.38 13.73 -24.80
CA ILE F 106 54.10 14.08 -26.02
C ILE F 106 55.50 13.49 -26.11
N ILE F 107 55.79 12.86 -27.26
CA ILE F 107 57.12 12.38 -27.55
C ILE F 107 57.98 13.52 -28.12
N GLU F 108 59.02 13.90 -27.37
CA GLU F 108 59.94 14.94 -27.80
C GLU F 108 61.21 14.30 -28.38
N GLU F 109 62.05 15.09 -29.02
CA GLU F 109 63.24 14.53 -29.67
C GLU F 109 64.31 14.09 -28.67
N LYS F 110 64.25 14.62 -27.44
CA LYS F 110 65.11 14.11 -26.39
C LYS F 110 64.79 12.64 -26.14
N HIS F 111 63.52 12.28 -26.26
CA HIS F 111 63.07 10.92 -26.02
C HIS F 111 63.51 9.98 -27.14
N LYS F 112 63.31 10.42 -28.38
CA LYS F 112 63.69 9.62 -29.54
C LYS F 112 65.19 9.36 -29.55
N GLN F 113 65.96 10.41 -29.27
CA GLN F 113 67.42 10.32 -29.30
C GLN F 113 67.92 9.28 -28.28
N LEU F 114 67.39 9.35 -27.07
CA LEU F 114 67.78 8.39 -26.03
C LEU F 114 67.37 6.96 -26.38
N ASP F 115 66.21 6.82 -27.02
CA ASP F 115 65.70 5.48 -27.34
C ASP F 115 66.53 4.83 -28.44
N ARG F 116 67.15 5.65 -29.28
CA ARG F 116 67.89 5.15 -30.43
C ARG F 116 69.38 4.94 -30.13
N THR F 117 69.85 5.53 -29.03
CA THR F 117 71.28 5.55 -28.73
C THR F 117 71.65 4.69 -27.51
N ASN F 118 70.77 4.65 -26.51
CA ASN F 118 71.09 3.99 -25.25
C ASN F 118 71.31 2.49 -25.43
N GLY F 119 72.43 2.00 -24.91
CA GLY F 119 72.84 0.63 -25.06
C GLY F 119 71.87 -0.42 -24.56
N TYR F 120 71.14 -0.10 -23.49
CA TYR F 120 70.16 -1.05 -22.93
C TYR F 120 68.90 -1.10 -23.78
N LEU F 121 68.32 0.07 -24.06
CA LEU F 121 67.08 0.12 -24.81
C LEU F 121 67.28 -0.26 -26.27
N HIS F 122 68.36 0.23 -26.89
CA HIS F 122 68.59 -0.05 -28.30
C HIS F 122 69.23 -1.42 -28.53
N GLY F 123 70.26 -1.72 -27.76
CA GLY F 123 71.05 -2.93 -27.99
C GLY F 123 70.54 -4.19 -27.33
N LYS F 124 70.15 -4.08 -26.06
CA LYS F 124 69.83 -5.26 -25.28
C LYS F 124 68.37 -5.72 -25.49
N ILE F 125 67.44 -4.77 -25.57
CA ILE F 125 66.01 -5.12 -25.57
C ILE F 125 65.50 -5.75 -26.89
N GLY F 126 65.69 -5.14 -28.07
CA GLY F 126 66.15 -3.78 -28.30
C GLY F 126 64.98 -3.02 -28.88
N THR F 127 64.78 -1.78 -28.44
CA THR F 127 63.54 -1.06 -28.73
C THR F 127 63.36 -0.64 -30.19
N THR F 128 62.31 0.14 -30.42
CA THR F 128 61.93 0.59 -31.75
C THR F 128 62.70 1.85 -32.14
N GLY F 129 62.92 2.72 -31.16
CA GLY F 129 63.60 3.97 -31.41
C GLY F 129 62.61 5.11 -31.57
N SER F 130 61.35 4.80 -31.33
CA SER F 130 60.28 5.80 -31.42
C SER F 130 60.33 6.78 -30.27
N GLY F 131 60.98 6.38 -29.17
CA GLY F 131 61.07 7.21 -28.00
C GLY F 131 59.87 7.02 -27.07
N CYS F 132 59.05 5.99 -27.37
CA CYS F 132 57.87 5.71 -26.56
C CYS F 132 58.23 5.32 -25.14
N GLY F 133 59.30 4.55 -25.00
CA GLY F 133 59.79 4.16 -23.69
C GLY F 133 60.12 5.34 -22.79
N PRO F 134 61.15 6.13 -23.16
CA PRO F 134 61.55 7.29 -22.36
C PRO F 134 60.43 8.32 -22.17
N ALA F 135 59.51 8.42 -23.12
CA ALA F 135 58.41 9.36 -23.01
C ALA F 135 57.49 8.95 -21.86
N ASN F 136 57.13 7.68 -21.85
CA ASN F 136 56.30 7.13 -20.78
C ASN F 136 56.99 7.20 -19.43
N ALA F 137 58.30 7.04 -19.42
CA ALA F 137 59.06 7.18 -18.18
C ALA F 137 58.93 8.60 -17.65
N ASP F 138 59.03 9.58 -18.54
CA ASP F 138 58.86 10.97 -18.17
C ASP F 138 57.41 11.29 -17.82
N ARG F 139 56.48 10.56 -18.42
CA ARG F 139 55.07 10.77 -18.11
C ARG F 139 54.76 10.27 -16.71
N VAL F 140 55.32 9.10 -16.38
CA VAL F 140 55.18 8.52 -15.06
C VAL F 140 55.79 9.45 -14.01
N MET F 141 56.92 10.06 -14.36
CA MET F 141 57.56 11.03 -13.49
C MET F 141 56.81 12.34 -13.50
N ARG F 142 55.75 12.39 -14.30
CA ARG F 142 54.87 13.55 -14.40
C ARG F 142 55.58 14.83 -14.82
N LYS F 143 56.54 14.71 -15.74
CA LYS F 143 57.24 15.89 -16.25
C LYS F 143 56.98 16.08 -17.74
N ALA F 144 56.39 15.07 -18.37
CA ALA F 144 56.12 15.12 -19.80
C ALA F 144 55.06 16.18 -20.12
N LYS F 145 55.07 16.65 -21.36
CA LYS F 145 54.10 17.62 -21.82
C LYS F 145 52.86 16.91 -22.36
N GLN F 146 51.71 17.57 -22.25
CA GLN F 146 50.48 17.03 -22.79
C GLN F 146 50.14 17.71 -24.10
N ALA F 147 49.27 17.08 -24.89
CA ALA F 147 48.86 17.60 -26.18
C ALA F 147 48.24 18.99 -26.03
N LYS F 148 47.68 19.22 -24.85
CA LYS F 148 47.13 20.52 -24.45
C LYS F 148 48.15 21.65 -24.58
N ASP F 149 49.43 21.32 -24.39
CA ASP F 149 50.49 22.32 -24.33
C ASP F 149 51.22 22.55 -25.64
N VAL F 150 50.86 21.75 -26.65
CA VAL F 150 51.47 21.89 -27.98
C VAL F 150 50.57 22.72 -28.88
N LYS F 151 51.05 23.90 -29.25
CA LYS F 151 50.23 24.89 -29.93
C LYS F 151 49.83 24.45 -31.33
N GLU F 152 50.67 23.62 -31.95
CA GLU F 152 50.40 23.12 -33.29
C GLU F 152 49.33 22.03 -33.31
N LEU F 153 48.96 21.55 -32.13
CA LEU F 153 48.00 20.45 -32.03
C LEU F 153 46.61 20.93 -31.64
N GLU F 154 46.48 22.24 -31.36
CA GLU F 154 45.23 22.80 -30.88
C GLU F 154 43.99 22.57 -31.77
N PRO F 155 44.15 22.67 -33.11
CA PRO F 155 42.95 22.43 -33.92
C PRO F 155 42.39 21.01 -33.82
N TYR F 156 43.19 20.08 -33.31
CA TYR F 156 42.78 18.68 -33.29
C TYR F 156 42.46 18.19 -31.88
N LEU F 157 42.63 19.05 -30.90
CA LEU F 157 42.38 18.69 -29.50
C LEU F 157 40.90 18.42 -29.24
N THR F 158 40.62 17.34 -28.52
CA THR F 158 39.25 16.99 -28.14
C THR F 158 39.26 16.08 -26.92
N ASP F 159 38.07 15.62 -26.52
CA ASP F 159 37.94 14.68 -25.43
C ASP F 159 37.50 13.32 -25.96
N VAL F 160 38.47 12.43 -26.19
CA VAL F 160 38.20 11.12 -26.76
C VAL F 160 37.35 10.28 -25.82
N ALA F 161 37.62 10.41 -24.52
CA ALA F 161 36.86 9.70 -23.51
C ALA F 161 35.38 10.08 -23.58
N GLN F 162 35.11 11.37 -23.69
CA GLN F 162 33.75 11.86 -23.78
C GLN F 162 33.08 11.48 -25.11
N GLU F 163 33.78 11.76 -26.21
CA GLU F 163 33.27 11.47 -27.55
C GLU F 163 32.87 10.01 -27.71
N ILE F 164 33.72 9.10 -27.25
CA ILE F 164 33.45 7.67 -27.38
C ILE F 164 32.24 7.25 -26.55
N ASN F 165 32.19 7.73 -25.32
CA ASN F 165 31.09 7.41 -24.42
C ASN F 165 29.78 8.01 -24.91
N ASP F 166 29.85 9.22 -25.46
CA ASP F 166 28.68 9.86 -26.03
C ASP F 166 28.12 9.06 -27.19
N ALA F 167 29.03 8.42 -27.94
CA ALA F 167 28.64 7.60 -29.07
C ALA F 167 27.97 6.30 -28.63
N LEU F 168 28.50 5.69 -27.57
CA LEU F 168 27.95 4.44 -27.07
C LEU F 168 26.56 4.63 -26.48
N ASP F 169 26.22 5.86 -26.12
CA ASP F 169 24.91 6.19 -25.58
C ASP F 169 23.86 6.21 -26.69
N GLU F 170 24.30 6.61 -27.89
CA GLU F 170 23.44 6.70 -29.07
C GLU F 170 23.21 5.31 -29.69
N GLY F 171 23.78 4.28 -29.07
CA GLY F 171 23.58 2.90 -29.48
C GLY F 171 24.60 2.49 -30.52
N SER F 172 25.41 3.47 -30.90
CA SER F 172 26.41 3.38 -31.95
C SER F 172 27.53 2.36 -31.76
N LEU F 173 28.18 2.04 -32.87
CA LEU F 173 29.34 1.15 -32.90
C LEU F 173 30.66 1.91 -32.78
N VAL F 174 31.52 1.48 -31.87
CA VAL F 174 32.84 2.11 -31.66
C VAL F 174 33.96 1.10 -31.79
N LEU F 175 34.88 1.33 -32.72
CA LEU F 175 36.00 0.42 -32.92
C LEU F 175 37.29 0.97 -32.32
N VAL F 176 37.96 0.14 -31.52
CA VAL F 176 39.17 0.57 -30.81
C VAL F 176 40.38 -0.28 -31.22
N GLU F 177 41.45 0.39 -31.62
CA GLU F 177 42.65 -0.31 -32.07
C GLU F 177 43.76 -0.24 -31.03
N GLY F 178 44.27 -1.40 -30.63
CA GLY F 178 45.39 -1.46 -29.71
C GLY F 178 46.69 -1.71 -30.44
N THR F 179 47.80 -1.61 -29.74
CA THR F 179 49.11 -1.82 -30.34
C THR F 179 49.83 -3.01 -29.73
N GLN F 180 50.76 -3.58 -30.49
CA GLN F 180 51.53 -4.75 -30.08
C GLN F 180 50.84 -6.11 -29.97
N GLY F 181 51.18 -6.85 -28.92
CA GLY F 181 50.61 -8.16 -28.71
C GLY F 181 50.83 -8.48 -27.23
N PHE F 182 50.13 -9.51 -26.77
CA PHE F 182 50.19 -9.91 -25.37
C PHE F 182 51.62 -10.18 -24.88
N GLY F 183 52.44 -10.77 -25.74
CA GLY F 183 53.79 -11.13 -25.35
C GLY F 183 54.69 -9.95 -25.07
N LEU F 184 54.27 -8.77 -25.50
CA LEU F 184 55.06 -7.56 -25.30
C LEU F 184 54.50 -6.71 -24.15
N SER F 185 53.55 -7.26 -23.43
CA SER F 185 52.93 -6.55 -22.32
C SER F 185 53.95 -6.29 -21.22
N LEU F 186 53.96 -5.06 -20.72
CA LEU F 186 54.85 -4.68 -19.63
C LEU F 186 54.62 -5.56 -18.40
N TYR F 187 53.38 -5.98 -18.20
CA TYR F 187 53.01 -6.80 -17.05
C TYR F 187 53.17 -8.29 -17.32
N TYR F 188 52.50 -8.79 -18.36
CA TYR F 188 52.34 -10.23 -18.55
C TYR F 188 53.23 -10.81 -19.65
N GLY F 189 53.96 -9.95 -20.34
CA GLY F 189 54.84 -10.40 -21.41
C GLY F 189 56.17 -10.94 -20.92
N THR F 190 57.15 -10.97 -21.81
CA THR F 190 58.46 -11.50 -21.49
C THR F 190 59.41 -10.40 -20.98
N TYR F 191 59.10 -9.87 -19.80
CA TYR F 191 59.91 -8.83 -19.18
C TYR F 191 61.36 -9.28 -19.00
N PRO F 192 62.31 -8.38 -19.30
CA PRO F 192 62.13 -6.99 -19.68
C PRO F 192 62.01 -6.78 -21.20
N TYR F 193 61.99 -7.87 -21.95
CA TYR F 193 61.89 -7.77 -23.40
C TYR F 193 60.44 -7.51 -23.82
N VAL F 194 59.94 -6.35 -23.42
CA VAL F 194 58.55 -5.96 -23.67
C VAL F 194 58.48 -4.49 -24.06
N THR F 195 57.27 -3.99 -24.26
CA THR F 195 57.08 -2.57 -24.51
C THR F 195 56.86 -1.85 -23.17
N SER F 196 56.68 -0.54 -23.21
CA SER F 196 56.68 0.27 -21.99
C SER F 196 55.33 0.37 -21.28
N LYS F 197 54.42 -0.57 -21.56
CA LYS F 197 53.06 -0.44 -21.09
C LYS F 197 52.29 -1.75 -21.29
N ASP F 198 51.33 -2.04 -20.43
CA ASP F 198 50.48 -3.20 -20.65
C ASP F 198 49.63 -2.98 -21.89
N VAL F 199 49.33 -4.06 -22.59
CA VAL F 199 48.78 -3.97 -23.93
C VAL F 199 47.46 -4.75 -24.07
N THR F 200 47.13 -5.53 -23.05
CA THR F 200 45.89 -6.28 -23.02
C THR F 200 44.66 -5.39 -23.21
N ALA F 201 43.53 -6.02 -23.50
CA ALA F 201 42.29 -5.31 -23.85
C ALA F 201 41.83 -4.33 -22.78
N SER F 202 42.07 -4.67 -21.50
CA SER F 202 41.67 -3.80 -20.40
C SER F 202 42.47 -2.49 -20.42
N SER F 203 43.78 -2.60 -20.69
CA SER F 203 44.62 -1.42 -20.80
C SER F 203 44.19 -0.59 -22.01
N VAL F 204 43.92 -1.26 -23.11
CA VAL F 204 43.46 -0.60 -24.33
C VAL F 204 42.16 0.14 -24.05
N ALA F 205 41.30 -0.48 -23.24
CA ALA F 205 40.05 0.16 -22.82
C ALA F 205 40.31 1.41 -22.01
N ALA F 206 41.30 1.35 -21.12
CA ALA F 206 41.65 2.50 -20.28
C ALA F 206 42.28 3.62 -21.10
N ASP F 207 42.90 3.26 -22.22
CA ASP F 207 43.59 4.24 -23.06
C ASP F 207 42.62 5.21 -23.73
N VAL F 208 41.47 4.70 -24.14
CA VAL F 208 40.48 5.52 -24.85
C VAL F 208 39.45 6.14 -23.90
N GLY F 209 39.29 5.56 -22.72
CA GLY F 209 38.38 6.09 -21.72
C GLY F 209 37.08 5.32 -21.62
N ILE F 210 37.20 3.99 -21.58
CA ILE F 210 36.04 3.11 -21.55
C ILE F 210 36.09 2.16 -20.35
N GLY F 211 35.03 2.19 -19.54
CA GLY F 211 34.89 1.26 -18.44
C GLY F 211 34.79 -0.16 -18.99
N PRO F 212 35.26 -1.15 -18.21
CA PRO F 212 35.31 -2.54 -18.67
C PRO F 212 33.92 -3.09 -19.01
N THR F 213 32.91 -2.55 -18.37
CA THR F 213 31.53 -2.99 -18.58
C THR F 213 30.99 -2.59 -19.95
N ARG F 214 31.56 -1.53 -20.51
CA ARG F 214 31.10 -0.98 -21.79
C ARG F 214 31.72 -1.73 -22.97
N VAL F 215 32.59 -2.69 -22.68
CA VAL F 215 33.26 -3.47 -23.71
C VAL F 215 32.46 -4.74 -24.06
N ASP F 216 31.82 -4.72 -25.21
CA ASP F 216 30.99 -5.84 -25.66
C ASP F 216 31.83 -6.98 -26.23
N GLU F 217 32.70 -6.64 -27.17
CA GLU F 217 33.50 -7.65 -27.85
C GLU F 217 34.99 -7.35 -27.77
N VAL F 218 35.77 -8.43 -27.68
CA VAL F 218 37.22 -8.32 -27.67
C VAL F 218 37.79 -9.28 -28.70
N ILE F 219 38.31 -8.73 -29.79
CA ILE F 219 38.95 -9.53 -30.82
C ILE F 219 40.44 -9.60 -30.60
N VAL F 220 40.96 -10.83 -30.45
CA VAL F 220 42.39 -11.03 -30.28
C VAL F 220 42.99 -11.61 -31.55
N VAL F 221 43.93 -10.89 -32.14
CA VAL F 221 44.49 -11.25 -33.44
C VAL F 221 45.70 -12.17 -33.33
N PHE F 222 45.66 -13.26 -34.10
CA PHE F 222 46.78 -14.19 -34.22
C PHE F 222 47.18 -14.38 -35.68
N LYS F 223 48.47 -14.61 -35.90
CA LYS F 223 48.97 -14.97 -37.22
C LYS F 223 49.37 -16.44 -37.24
N SER F 224 49.34 -17.05 -38.42
CA SER F 224 49.67 -18.47 -38.55
C SER F 224 51.07 -18.79 -38.01
N PHE F 225 52.00 -17.87 -38.23
CA PHE F 225 53.36 -18.01 -37.70
C PHE F 225 53.75 -16.78 -36.91
N PRO F 226 53.78 -16.88 -35.58
CA PRO F 226 54.12 -15.73 -34.73
C PRO F 226 55.49 -15.16 -35.05
N THR F 227 55.65 -13.85 -34.88
CA THR F 227 56.91 -13.20 -35.17
C THR F 227 57.38 -12.33 -34.01
N ARG F 228 58.70 -12.15 -33.90
CA ARG F 228 59.28 -11.28 -32.89
C ARG F 228 60.29 -10.33 -33.50
N VAL F 229 60.10 -9.03 -33.27
CA VAL F 229 61.11 -8.04 -33.62
C VAL F 229 61.89 -7.68 -32.36
N GLY F 230 63.22 -7.72 -32.47
CA GLY F 230 64.06 -7.42 -31.32
C GLY F 230 64.38 -8.68 -30.52
N ALA F 231 65.03 -8.51 -29.38
CA ALA F 231 65.47 -9.64 -28.57
C ALA F 231 64.36 -10.17 -27.66
N GLY F 232 64.66 -11.25 -26.95
CA GLY F 232 63.71 -11.85 -26.04
C GLY F 232 63.41 -13.31 -26.34
N PRO F 233 63.04 -14.07 -25.30
CA PRO F 233 62.70 -15.50 -25.41
C PRO F 233 61.61 -15.78 -26.43
N PHE F 234 61.78 -16.85 -27.21
CA PHE F 234 60.78 -17.26 -28.19
C PHE F 234 60.78 -18.79 -28.29
N PRO F 235 59.87 -19.44 -27.54
CA PRO F 235 59.81 -20.90 -27.37
C PRO F 235 59.72 -21.67 -28.68
N THR F 236 58.85 -21.23 -29.58
CA THR F 236 58.63 -21.95 -30.83
C THR F 236 59.37 -21.33 -32.00
N GLU F 237 60.50 -20.69 -31.73
CA GLU F 237 61.26 -20.00 -32.77
C GLU F 237 61.91 -20.99 -33.74
N MET F 238 61.79 -20.71 -35.03
CA MET F 238 62.44 -21.54 -36.05
C MET F 238 63.71 -20.87 -36.55
N PRO F 239 64.66 -21.67 -37.06
CA PRO F 239 65.84 -21.11 -37.74
C PRO F 239 65.43 -20.24 -38.92
N MET F 240 66.27 -19.26 -39.24
CA MET F 240 65.92 -18.26 -40.24
C MET F 240 65.86 -18.81 -41.65
N GLU F 241 66.54 -19.93 -41.89
CA GLU F 241 66.52 -20.56 -43.21
C GLU F 241 65.14 -21.11 -43.50
N GLU F 242 64.51 -21.66 -42.47
CA GLU F 242 63.17 -22.23 -42.60
C GLU F 242 62.17 -21.12 -42.88
N ALA F 243 62.39 -19.98 -42.24
CA ALA F 243 61.57 -18.80 -42.48
C ALA F 243 61.68 -18.35 -43.94
N ASP F 244 62.89 -18.42 -44.50
CA ASP F 244 63.11 -18.10 -45.90
C ASP F 244 62.43 -19.12 -46.84
N ARG F 245 62.63 -20.40 -46.56
CA ARG F 245 62.06 -21.47 -47.36
C ARG F 245 60.55 -21.43 -47.40
N LEU F 246 59.94 -21.14 -46.25
CA LEU F 246 58.50 -21.11 -46.14
C LEU F 246 57.95 -19.77 -46.58
N GLY F 247 58.86 -18.91 -47.06
CA GLY F 247 58.50 -17.59 -47.54
C GLY F 247 57.80 -16.77 -46.48
N LEU F 248 58.39 -16.71 -45.29
CA LEU F 248 57.82 -15.98 -44.17
C LEU F 248 58.64 -14.74 -43.84
N VAL F 249 59.30 -14.21 -44.86
CA VAL F 249 60.18 -13.05 -44.66
C VAL F 249 59.41 -11.73 -44.63
N GLU F 250 59.49 -11.06 -43.50
CA GLU F 250 58.83 -9.77 -43.32
C GLU F 250 59.76 -8.81 -42.59
N TYR F 251 59.69 -7.53 -42.96
CA TYR F 251 60.53 -6.52 -42.33
C TYR F 251 59.70 -5.51 -41.57
N GLY F 252 60.27 -5.00 -40.48
CA GLY F 252 59.59 -4.07 -39.61
C GLY F 252 59.03 -2.84 -40.32
N THR F 253 57.81 -2.48 -39.96
CA THR F 253 57.12 -1.35 -40.56
C THR F 253 57.79 -0.03 -40.21
N VAL F 254 58.44 -0.01 -39.05
CA VAL F 254 59.03 1.22 -38.53
C VAL F 254 60.55 1.21 -38.65
N THR F 255 61.16 0.08 -38.31
CA THR F 255 62.61 -0.01 -38.26
C THR F 255 63.21 -0.77 -39.44
N GLY F 256 62.37 -1.49 -40.18
CA GLY F 256 62.83 -2.27 -41.31
C GLY F 256 63.66 -3.48 -40.90
N ARG F 257 63.55 -3.86 -39.63
CA ARG F 257 64.26 -5.02 -39.12
C ARG F 257 63.57 -6.31 -39.51
N ARG F 258 64.36 -7.36 -39.71
CA ARG F 258 63.82 -8.65 -40.10
C ARG F 258 63.12 -9.31 -38.93
N ARG F 259 61.92 -9.83 -39.18
CA ARG F 259 61.15 -10.47 -38.14
C ARG F 259 61.62 -11.90 -37.89
N ARG F 260 61.91 -12.20 -36.64
CA ARG F 260 62.13 -13.56 -36.19
C ARG F 260 60.82 -14.34 -36.41
N VAL F 261 60.90 -15.53 -36.98
CA VAL F 261 59.69 -16.30 -37.25
C VAL F 261 59.66 -17.58 -36.41
N GLY F 262 58.46 -18.02 -36.04
CA GLY F 262 58.30 -19.24 -35.27
C GLY F 262 57.00 -19.96 -35.54
N TRP F 263 56.86 -21.16 -34.98
CA TRP F 263 55.66 -21.96 -35.14
C TRP F 263 54.58 -21.48 -34.18
N PHE F 264 53.31 -21.75 -34.49
CA PHE F 264 52.20 -21.30 -33.66
C PHE F 264 52.29 -21.88 -32.25
N ASP F 265 52.42 -20.99 -31.26
CA ASP F 265 52.51 -21.38 -29.85
C ASP F 265 51.10 -21.51 -29.26
N PHE F 266 50.64 -22.74 -29.07
CA PHE F 266 49.26 -22.98 -28.64
C PHE F 266 48.97 -22.70 -27.17
N GLU F 267 49.87 -23.09 -26.27
CA GLU F 267 49.64 -22.82 -24.85
C GLU F 267 49.68 -21.33 -24.56
N MET F 268 50.60 -20.63 -25.23
CA MET F 268 50.67 -19.17 -25.09
C MET F 268 49.43 -18.54 -25.69
N ALA F 269 48.93 -19.14 -26.76
CA ALA F 269 47.74 -18.62 -27.43
C ALA F 269 46.54 -18.68 -26.49
N ARG F 270 46.40 -19.79 -25.77
CA ARG F 270 45.28 -19.96 -24.85
C ARG F 270 45.38 -19.00 -23.69
N TYR F 271 46.59 -18.84 -23.16
CA TYR F 271 46.84 -17.94 -22.05
C TYR F 271 46.58 -16.49 -22.46
N SER F 272 47.16 -16.10 -23.59
CA SER F 272 46.99 -14.74 -24.11
C SER F 272 45.53 -14.41 -24.35
N ALA F 273 44.79 -15.36 -24.93
CA ALA F 273 43.39 -15.14 -25.27
C ALA F 273 42.54 -14.99 -24.02
N ARG F 274 42.85 -15.78 -22.99
CA ARG F 274 42.02 -15.82 -21.79
C ARG F 274 42.18 -14.60 -20.90
N ILE F 275 43.41 -14.16 -20.69
CA ILE F 275 43.69 -12.97 -19.88
C ILE F 275 43.11 -11.72 -20.56
N ASN F 276 43.10 -11.72 -21.89
CA ASN F 276 42.50 -10.64 -22.64
C ASN F 276 40.98 -10.60 -22.54
N GLY F 277 40.38 -11.69 -22.08
CA GLY F 277 38.94 -11.78 -22.03
C GLY F 277 38.39 -11.85 -23.44
N ALA F 278 39.07 -12.63 -24.28
CA ALA F 278 38.71 -12.75 -25.68
C ALA F 278 37.33 -13.38 -25.86
N THR F 279 36.51 -12.76 -26.70
CA THR F 279 35.22 -13.34 -27.07
C THR F 279 35.32 -13.98 -28.44
N MET F 280 36.20 -13.43 -29.27
CA MET F 280 36.37 -13.90 -30.65
C MET F 280 37.85 -13.87 -31.04
N LEU F 281 38.27 -14.88 -31.80
CA LEU F 281 39.62 -14.92 -32.33
C LEU F 281 39.63 -14.49 -33.79
N ALA F 282 40.75 -13.92 -34.22
CA ALA F 282 40.94 -13.58 -35.62
C ALA F 282 42.32 -14.04 -36.09
N VAL F 283 42.34 -14.85 -37.13
CA VAL F 283 43.58 -15.44 -37.63
C VAL F 283 43.98 -14.90 -39.01
N THR F 284 45.23 -14.48 -39.14
CA THR F 284 45.73 -13.92 -40.39
C THR F 284 46.82 -14.78 -41.01
N MET F 285 47.10 -14.52 -42.28
CA MET F 285 48.17 -15.20 -43.02
C MET F 285 48.00 -16.72 -43.05
N LEU F 286 46.76 -17.17 -43.24
CA LEU F 286 46.51 -18.61 -43.36
C LEU F 286 47.05 -19.10 -44.69
N ASP F 287 47.16 -18.18 -45.65
CA ASP F 287 47.74 -18.47 -46.95
C ASP F 287 49.23 -18.78 -46.82
N LYS F 288 49.83 -18.29 -45.76
CA LYS F 288 51.24 -18.53 -45.55
C LYS F 288 51.45 -19.88 -44.86
N TYR F 289 50.39 -20.37 -44.20
CA TYR F 289 50.41 -21.70 -43.65
C TYR F 289 50.18 -22.72 -44.76
N ASP F 290 49.23 -22.42 -45.66
CA ASP F 290 49.06 -23.20 -46.87
C ASP F 290 48.65 -22.28 -48.01
N LYS F 291 49.45 -22.37 -49.05
CA LYS F 291 49.43 -21.57 -50.26
C LYS F 291 48.11 -21.72 -51.02
N GLU F 292 47.42 -22.82 -50.75
CA GLU F 292 46.12 -23.11 -51.37
C GLU F 292 44.93 -22.37 -50.76
N ALA F 293 45.14 -21.75 -49.61
CA ALA F 293 44.06 -21.07 -48.90
C ALA F 293 43.95 -19.62 -49.34
N PHE F 294 44.80 -19.24 -50.28
CA PHE F 294 44.91 -17.86 -50.74
C PHE F 294 43.62 -17.37 -51.38
N GLY F 295 43.11 -16.23 -50.91
CA GLY F 295 42.00 -15.57 -51.55
C GLY F 295 40.62 -16.08 -51.18
N VAL F 296 40.57 -17.24 -50.54
CA VAL F 296 39.30 -17.87 -50.19
C VAL F 296 38.45 -16.99 -49.26
N THR F 297 37.16 -16.86 -49.55
CA THR F 297 36.30 -15.99 -48.76
C THR F 297 35.13 -16.71 -48.08
N ASP F 298 34.99 -18.01 -48.35
CA ASP F 298 33.99 -18.82 -47.66
C ASP F 298 34.75 -19.91 -46.92
N TYR F 299 34.26 -20.29 -45.75
CA TYR F 299 35.02 -21.17 -44.89
C TYR F 299 35.19 -22.59 -45.45
N ASP F 300 34.13 -23.19 -45.99
CA ASP F 300 34.22 -24.59 -46.37
C ASP F 300 34.87 -24.87 -47.72
N LYS F 301 35.39 -23.83 -48.37
CA LYS F 301 36.12 -24.03 -49.61
C LYS F 301 37.62 -23.92 -49.33
N LEU F 302 37.95 -23.77 -48.06
CA LEU F 302 39.32 -23.85 -47.59
C LEU F 302 39.82 -25.28 -47.75
N PRO F 303 41.12 -25.44 -48.08
CA PRO F 303 41.75 -26.77 -48.07
C PRO F 303 41.65 -27.37 -46.67
N ARG F 304 41.73 -28.69 -46.56
CA ARG F 304 41.53 -29.35 -45.28
C ARG F 304 42.64 -29.01 -44.27
N LYS F 305 43.87 -28.86 -44.75
CA LYS F 305 45.01 -28.55 -43.88
C LYS F 305 44.86 -27.16 -43.27
N ALA F 306 44.15 -26.28 -43.98
CA ALA F 306 43.83 -24.96 -43.46
C ALA F 306 42.81 -25.08 -42.34
N LYS F 307 41.84 -25.94 -42.53
CA LYS F 307 40.75 -26.08 -41.58
C LYS F 307 41.14 -26.78 -40.30
N GLU F 308 42.03 -27.75 -40.40
CA GLU F 308 42.53 -28.44 -39.22
C GLU F 308 43.47 -27.56 -38.43
N PHE F 309 43.86 -26.43 -39.00
CA PHE F 309 44.64 -25.46 -38.25
C PHE F 309 43.69 -24.57 -37.44
N ILE F 310 42.68 -24.04 -38.13
CA ILE F 310 41.67 -23.18 -37.50
C ILE F 310 40.92 -23.92 -36.38
N GLU F 311 40.61 -25.19 -36.61
CA GLU F 311 39.87 -25.98 -35.64
C GLU F 311 40.76 -26.41 -34.47
N GLU F 312 42.03 -26.68 -34.75
CA GLU F 312 42.99 -27.00 -33.69
C GLU F 312 43.20 -25.79 -32.81
N ILE F 313 43.25 -24.62 -33.44
CA ILE F 313 43.31 -23.37 -32.69
C ILE F 313 42.07 -23.24 -31.85
N GLU F 314 40.91 -23.35 -32.49
CA GLU F 314 39.65 -23.12 -31.79
C GLU F 314 39.36 -23.90 -30.52
N GLU F 315 39.84 -25.14 -30.44
CA GLU F 315 39.60 -25.93 -29.25
C GLU F 315 40.79 -26.00 -28.28
N ARG F 316 42.02 -25.80 -28.77
CA ARG F 316 43.16 -25.74 -27.86
C ARG F 316 43.27 -24.32 -27.28
N VAL F 317 42.52 -23.38 -27.83
CA VAL F 317 42.46 -22.04 -27.28
C VAL F 317 41.10 -21.84 -26.60
N GLY F 318 40.09 -22.53 -27.12
CA GLY F 318 38.76 -22.49 -26.54
C GLY F 318 37.97 -21.25 -26.90
N VAL F 319 38.34 -20.61 -27.99
CA VAL F 319 37.66 -19.40 -28.46
C VAL F 319 37.40 -19.50 -29.96
N PRO F 320 36.16 -19.24 -30.39
CA PRO F 320 35.79 -19.30 -31.81
C PRO F 320 36.55 -18.29 -32.68
N VAL F 321 36.93 -18.72 -33.88
CA VAL F 321 37.60 -17.84 -34.85
C VAL F 321 36.57 -17.31 -35.86
N GLY F 322 36.22 -16.04 -35.73
CA GLY F 322 35.18 -15.46 -36.57
C GLY F 322 35.69 -14.59 -37.70
N LEU F 323 37.00 -14.47 -37.81
CA LEU F 323 37.62 -13.69 -38.88
C LEU F 323 38.91 -14.35 -39.34
N ILE F 324 38.96 -14.76 -40.60
CA ILE F 324 40.15 -15.40 -41.14
C ILE F 324 40.62 -14.69 -42.40
N LYS F 325 41.78 -14.05 -42.33
CA LYS F 325 42.34 -13.34 -43.46
C LYS F 325 43.22 -14.28 -44.28
N THR F 326 43.00 -14.27 -45.59
CA THR F 326 43.68 -15.21 -46.48
C THR F 326 44.63 -14.51 -47.46
N GLY F 327 44.97 -13.26 -47.17
CA GLY F 327 45.86 -12.50 -48.04
C GLY F 327 45.93 -11.04 -47.65
N PRO F 328 46.86 -10.29 -48.26
CA PRO F 328 47.12 -8.87 -47.96
C PRO F 328 45.94 -7.96 -48.26
N GLU F 329 45.13 -8.32 -49.26
CA GLU F 329 44.05 -7.44 -49.71
C GLU F 329 42.86 -7.47 -48.78
N LEU F 330 42.03 -6.44 -48.89
CA LEU F 330 40.82 -6.31 -48.06
C LEU F 330 39.87 -7.48 -48.27
N GLU F 331 39.68 -7.84 -49.54
CA GLU F 331 38.73 -8.88 -49.91
C GLU F 331 39.19 -10.26 -49.47
N HIS F 332 40.48 -10.39 -49.15
CA HIS F 332 41.06 -11.65 -48.72
C HIS F 332 40.69 -11.97 -47.28
N ILE F 333 39.40 -12.17 -47.04
CA ILE F 333 38.91 -12.36 -45.68
C ILE F 333 37.70 -13.30 -45.63
N ILE F 334 37.70 -14.17 -44.62
CA ILE F 334 36.56 -15.03 -44.34
C ILE F 334 35.89 -14.47 -43.09
N ASP F 335 34.60 -14.17 -43.19
CA ASP F 335 33.85 -13.63 -42.07
C ASP F 335 32.93 -14.69 -41.47
N ARG F 336 33.53 -15.66 -40.77
CA ARG F 336 32.76 -16.73 -40.14
C ARG F 336 32.28 -16.04 -38.87
N ARG F 337 31.44 -15.02 -39.03
CA ARG F 337 30.91 -14.28 -37.90
C ARG F 337 29.47 -14.69 -37.61
N ASP F 338 29.00 -15.75 -38.27
CA ASP F 338 27.64 -16.23 -38.09
C ASP F 338 27.49 -16.99 -36.78
N THR F 339 28.36 -17.98 -36.57
CA THR F 339 28.32 -18.79 -35.36
C THR F 339 29.08 -18.11 -34.23
PG GTP G . -14.17 28.07 -28.58
O1G GTP G . -15.62 28.24 -28.22
O2G GTP G . -13.99 26.73 -29.24
O3G GTP G . -13.35 28.14 -27.32
O3B GTP G . -13.73 29.24 -29.61
PB GTP G . -12.21 29.48 -30.12
O1B GTP G . -11.47 30.36 -29.14
O2B GTP G . -11.47 28.18 -30.33
O3A GTP G . -12.36 30.22 -31.55
PA GTP G . -13.31 31.50 -31.76
O1A GTP G . -13.92 31.40 -33.13
O2A GTP G . -14.39 31.60 -30.72
O5' GTP G . -12.32 32.79 -31.68
C5' GTP G . -12.83 34.08 -31.98
C4' GTP G . -12.37 34.65 -33.33
O4' GTP G . -11.29 35.55 -33.15
C3' GTP G . -11.91 33.61 -34.34
O3' GTP G . -12.77 33.72 -35.45
C2' GTP G . -10.52 34.03 -34.76
O2' GTP G . -10.37 33.98 -36.16
C1' GTP G . -10.41 35.46 -34.26
N9 GTP G . -9.05 35.78 -33.80
C8 GTP G . -8.12 34.93 -33.26
N7 GTP G . -7.00 35.65 -32.98
C5 GTP G . -7.22 36.94 -33.32
C6 GTP G . -6.42 38.08 -33.24
O6 GTP G . -5.29 38.02 -32.79
N1 GTP G . -6.93 39.29 -33.67
C2 GTP G . -8.21 39.37 -34.19
N2 GTP G . -8.69 40.52 -34.61
N3 GTP G . -8.99 38.22 -34.27
C4 GTP G . -8.50 37.04 -33.83
P IMP H . -23.63 23.64 -23.61
O1P IMP H . -24.17 22.97 -22.37
O2P IMP H . -22.29 23.19 -24.11
O3P IMP H . -24.62 23.44 -24.73
O5' IMP H . -23.50 25.20 -23.33
C5' IMP H . -23.94 25.77 -22.11
C4' IMP H . -23.16 27.02 -21.75
O4' IMP H . -21.81 26.91 -22.28
C3' IMP H . -23.72 28.32 -22.30
O3' IMP H . -23.42 29.38 -21.39
C2' IMP H . -22.92 28.51 -23.59
O2' IMP H . -22.86 29.84 -24.05
C1' IMP H . -21.55 27.99 -23.16
N9 IMP H . -20.72 27.50 -24.27
C8 IMP H . -20.75 26.25 -24.81
N7 IMP H . -19.83 26.19 -25.82
C5 IMP H . -19.22 27.40 -25.90
C6 IMP H . -18.22 27.88 -26.75
O6 IMP H . -17.45 27.06 -27.27
N1 IMP H . -17.81 29.18 -26.61
C2 IMP H . -18.36 29.99 -25.64
N3 IMP H . -19.35 29.51 -24.82
C4 IMP H . -19.77 28.23 -24.94
NA HDA I . -20.19 30.15 -29.58
C HDA I . -19.60 29.09 -29.87
O HDA I . -18.42 29.20 -30.06
OB HDA I . -19.43 31.31 -29.50
CB HDA I . -21.62 30.16 -29.30
CG HDA I . -22.42 30.16 -30.55
OD1 HDA I . -21.96 29.58 -31.53
OD2 HDA I . -23.51 30.73 -30.58
MG MG J . -15.99 29.30 -30.15
PG GTP K . -12.84 1.44 -3.21
O1G GTP K . -14.19 1.03 -3.74
O2G GTP K . -12.99 2.77 -2.51
O3G GTP K . -11.88 1.59 -4.37
O3B GTP K . -12.32 0.32 -2.17
PB GTP K . -10.84 0.29 -1.49
O1B GTP K . -9.89 -0.51 -2.33
O2B GTP K . -10.28 1.67 -1.25
O3A GTP K . -11.09 -0.43 -0.05
PA GTP K . -11.82 -1.85 0.11
O1A GTP K . -12.56 -1.87 1.43
O2A GTP K . -12.79 -2.13 -1.02
O5' GTP K . -10.62 -2.94 0.13
C5' GTP K . -10.88 -4.31 0.41
C4' GTP K . -10.44 -4.80 1.79
O4' GTP K . -9.19 -5.47 1.72
C3' GTP K . -10.27 -3.71 2.84
O3' GTP K . -11.24 -3.92 3.83
C2' GTP K . -8.89 -3.91 3.44
O2' GTP K . -8.94 -3.92 4.85
C1' GTP K . -8.45 -5.26 2.91
N9 GTP K . -7.02 -5.30 2.55
C8 GTP K . -6.25 -4.27 2.05
N7 GTP K . -5.00 -4.73 1.86
C5 GTP K . -4.94 -6.03 2.21
C6 GTP K . -3.92 -6.98 2.22
O6 GTP K . -2.79 -6.66 1.83
N1 GTP K . -4.18 -8.26 2.66
C2 GTP K . -5.44 -8.60 3.09
N2 GTP K . -5.69 -9.84 3.50
N3 GTP K . -6.45 -7.67 3.08
C4 GTP K . -6.21 -6.40 2.66
P IMP L . -22.51 4.03 -8.94
O1P IMP L . -23.56 4.39 -9.97
O2P IMP L . -21.21 4.81 -8.96
O3P IMP L . -23.11 4.19 -7.56
O5' IMP L . -22.09 2.51 -9.14
C5' IMP L . -22.33 1.84 -10.37
C4' IMP L . -21.31 0.75 -10.62
O4' IMP L . -20.05 1.10 -9.98
C3' IMP L . -21.68 -0.64 -10.09
O3' IMP L . -21.13 -1.64 -10.95
C2' IMP L . -20.95 -0.68 -8.75
O2' IMP L . -20.68 -1.98 -8.26
C1' IMP L . -19.66 0.08 -9.08
N9 IMP L . -19.01 0.69 -7.93
C8 IMP L . -19.29 1.92 -7.38
N7 IMP L . -18.47 2.12 -6.33
C5 IMP L . -17.66 1.05 -6.19
C6 IMP L . -16.65 0.75 -5.29
O6 IMP L . -16.06 1.68 -4.74
N1 IMP L . -15.99 -0.46 -5.41
C2 IMP L . -16.34 -1.35 -6.41
N3 IMP L . -17.35 -1.04 -7.30
C4 IMP L . -18.00 0.14 -7.20
NA HDA M . -18.54 -1.79 -2.67
C HDA M . -18.04 -0.73 -2.24
O HDA M . -16.84 -0.72 -2.09
OB HDA M . -17.63 -2.84 -2.78
CB HDA M . -19.94 -1.93 -3.06
CG HDA M . -20.83 -2.12 -1.88
OD1 HDA M . -20.43 -1.59 -0.84
OD2 HDA M . -21.94 -2.73 -1.93
MG MG N . -14.51 -0.19 -1.78
PG GTP O . -23.76 -11.61 18.52
O1G GTP O . -22.78 -10.62 19.12
O2G GTP O . -25.09 -10.92 18.38
O3G GTP O . -23.87 -12.80 19.43
O3B GTP O . -23.21 -12.05 17.06
PB GTP O . -23.87 -13.22 16.16
O1B GTP O . -23.26 -14.56 16.49
O2B GTP O . -25.37 -13.27 16.31
O3A GTP O . -23.51 -12.81 14.63
PA GTP O . -22.00 -12.48 14.16
O1A GTP O . -22.06 -11.36 13.14
O2A GTP O . -21.13 -12.06 15.33
O5' GTP O . -21.44 -13.82 13.48
C5' GTP O . -20.13 -13.84 12.93
C4' GTP O . -20.09 -13.96 11.40
O4' GTP O . -19.84 -15.30 11.01
C3' GTP O . -21.36 -13.56 10.68
O3' GTP O . -21.06 -12.39 9.94
C2' GTP O . -21.68 -14.68 9.72
O2' GTP O . -21.83 -14.19 8.41
C1' GTP O . -20.48 -15.59 9.79
N9 GTP O . -20.85 -17.02 9.77
C8 GTP O . -21.93 -17.59 10.39
N7 GTP O . -21.91 -18.93 10.14
C5 GTP O . -20.84 -19.20 9.36
C6 GTP O . -20.35 -20.39 8.83
O6 GTP O . -20.94 -21.45 9.03
N1 GTP O . -19.21 -20.37 8.06
C2 GTP O . -18.55 -19.18 7.83
N2 GTP O . -17.45 -19.16 7.09
N3 GTP O . -19.04 -18.01 8.38
C4 GTP O . -20.16 -18.01 9.13
P IMP P . -21.55 -3.94 26.89
O1P IMP P . -21.54 -3.69 28.38
O2P IMP P . -22.77 -4.63 26.31
O3P IMP P . -21.39 -2.62 26.18
O5' IMP P . -20.31 -4.87 26.52
C5' IMP P . -19.32 -5.18 27.49
C4' IMP P . -18.59 -6.47 27.16
O4' IMP P . -19.48 -7.34 26.40
C3' IMP P . -17.33 -6.31 26.34
O3' IMP P . -16.39 -7.32 26.72
C2' IMP P . -17.81 -6.59 24.92
O2' IMP P . -16.82 -7.01 24.02
C1' IMP P . -18.87 -7.66 25.16
N9 IMP P . -19.92 -7.72 24.13
C8 IMP P . -21.09 -7.00 24.13
N7 IMP P . -21.80 -7.34 23.03
C5 IMP P . -21.10 -8.25 22.31
C6 IMP P . -21.36 -8.91 21.12
O6 IMP P . -22.51 -8.90 20.67
N1 IMP P . -20.45 -9.82 20.63
C2 IMP P . -19.28 -10.06 21.32
N3 IMP P . -19.02 -9.40 22.51
C4 IMP P . -19.91 -8.51 23.00
NA HDA Q . -19.18 -7.33 18.32
C HDA Q . -20.41 -7.42 18.14
O HDA Q . -20.87 -8.38 17.56
OB HDA Q . -18.37 -8.34 17.79
CB HDA Q . -18.62 -6.23 19.09
CG HDA Q . -18.25 -5.10 18.18
OD1 HDA Q . -19.00 -4.94 17.25
OD2 HDA Q . -17.26 -4.39 18.38
MG MG R . -22.04 -10.16 17.00
PG GTP S . -41.79 -11.76 50.61
O1G GTP S . -41.70 -10.25 50.52
O2G GTP S . -40.39 -12.29 50.85
O3G GTP S . -42.33 -12.31 49.32
O3B GTP S . -42.73 -12.15 51.86
PB GTP S . -43.38 -13.61 52.12
O1B GTP S . -44.72 -13.71 51.45
O2B GTP S . -42.48 -14.73 51.65
O3A GTP S . -43.54 -13.68 53.72
PA GTP S . -44.29 -12.54 54.58
O1A GTP S . -43.59 -12.39 55.90
O2A GTP S . -44.32 -11.21 53.86
O5' GTP S . -45.79 -13.10 54.80
C5' GTP S . -46.71 -12.35 55.56
C4' GTP S . -47.16 -13.04 56.85
O4' GTP S . -48.33 -13.81 56.61
C3' GTP S . -46.14 -14.01 57.43
O3' GTP S . -45.69 -13.49 58.66
C2' GTP S . -46.87 -15.30 57.68
O2' GTP S . -46.69 -15.76 59.00
C1' GTP S . -48.33 -14.94 57.45
N9 GTP S . -49.08 -16.04 56.85
C8 GTP S . -48.66 -16.96 55.94
N7 GTP S . -49.69 -17.81 55.66
C5 GTP S . -50.76 -17.42 56.39
C6 GTP S . -52.06 -17.91 56.49
O6 GTP S . -52.42 -18.88 55.84
N1 GTP S . -52.95 -17.29 57.34
C2 GTP S . -52.57 -16.18 58.07
N2 GTP S . -53.43 -15.59 58.89
N3 GTP S . -51.28 -15.71 57.97
C4 GTP S . -50.40 -16.31 57.14
P IMP T . -35.80 -2.51 46.83
O1P IMP T . -35.43 -2.19 45.40
O2P IMP T . -35.54 -3.90 47.33
O3P IMP T . -35.03 -1.56 47.71
O5' IMP T . -37.36 -2.26 47.01
C5' IMP T . -38.06 -1.40 46.12
C4' IMP T . -39.55 -1.66 46.11
O4' IMP T . -39.78 -3.09 46.26
C3' IMP T . -40.36 -0.98 47.22
O3' IMP T . -41.65 -0.64 46.71
C2' IMP T . -40.49 -2.09 48.26
O2' IMP T . -41.61 -1.95 49.12
C1' IMP T . -40.61 -3.32 47.38
N9 IMP T . -40.16 -4.56 48.03
C8 IMP T . -38.88 -5.06 48.07
N7 IMP T . -38.90 -6.22 48.76
C5 IMP T . -40.16 -6.48 49.15
C6 IMP T . -40.73 -7.52 49.87
O6 IMP T . -40.11 -8.57 49.97
N1 IMP T . -42.09 -7.50 50.12
C2 IMP T . -42.87 -6.46 49.65
N3 IMP T . -42.30 -5.44 48.94
C4 IMP T . -40.98 -5.44 48.69
NA HDA U . -41.13 -6.27 53.43
C HDA U . -40.62 -7.41 53.49
O HDA U . -41.29 -8.42 53.37
OB HDA U . -42.51 -6.15 53.31
CB HDA U . -40.34 -5.05 53.49
CG HDA U . -40.79 -4.24 54.68
OD1 HDA U . -41.54 -4.78 55.50
OD2 HDA U . -40.40 -3.08 54.85
MG MG V . -41.99 -10.23 52.88
PG GTP W . 42.94 5.23 -0.38
O1G GTP W . 44.11 6.18 -0.45
O2G GTP W . 43.48 3.81 -0.43
O3G GTP W . 42.02 5.48 -1.55
O3B GTP W . 42.17 5.46 1.02
PB GTP W . 40.83 4.68 1.47
O1B GTP W . 39.60 5.45 1.03
O2B GTP W . 40.77 3.27 0.95
O3A GTP W . 40.91 4.64 3.09
PA GTP W . 41.11 5.95 3.99
O1A GTP W . 41.90 5.59 5.22
O2A GTP W . 41.82 7.06 3.23
O5' GTP W . 39.62 6.43 4.44
C5' GTP W . 39.44 7.54 5.27
C4' GTP W . 38.96 7.19 6.69
O4' GTP W . 37.56 7.38 6.82
C3' GTP W . 39.23 5.74 7.07
O3' GTP W . 40.15 5.74 8.14
C2' GTP W . 37.91 5.19 7.56
O2' GTP W . 38.04 4.58 8.82
C1' GTP W . 37.01 6.41 7.66
N9 GTP W . 35.62 6.09 7.24
C8 GTP W . 35.23 5.15 6.33
N7 GTP W . 33.88 5.19 6.23
C5 GTP W . 33.41 6.14 7.08
C6 GTP W . 32.13 6.59 7.36
O6 GTP W . 31.15 6.09 6.80
N1 GTP W . 31.96 7.60 8.29
C2 GTP W . 33.06 8.15 8.92
N2 GTP W . 32.89 9.13 9.81
N3 GTP W . 34.32 7.70 8.61
C4 GTP W . 34.50 6.72 7.71
P IMP X . 52.62 8.97 -5.54
O1P IMP X . 53.23 9.31 -6.88
O2P IMP X . 51.75 7.75 -5.44
O3P IMP X . 53.74 8.81 -4.53
O5' IMP X . 51.70 10.19 -5.08
C5' IMP X . 51.63 11.39 -5.85
C4' IMP X . 50.31 12.08 -5.70
O4' IMP X . 49.27 11.08 -5.48
C3' IMP X . 50.21 13.06 -4.52
O3' IMP X . 49.33 14.12 -4.87
C2' IMP X . 49.57 12.20 -3.44
O2' IMP X . 48.90 12.93 -2.43
C1' IMP X . 48.61 11.34 -4.25
N9 IMP X . 48.28 10.07 -3.62
C8 IMP X . 48.98 8.89 -3.72
N7 IMP X . 48.34 7.94 -2.99
C5 IMP X . 47.24 8.50 -2.43
C6 IMP X . 46.25 7.98 -1.61
O6 IMP X . 46.12 6.76 -1.51
N1 IMP X . 45.22 8.80 -1.19
C2 IMP X . 45.19 10.12 -1.58
N3 IMP X . 46.18 10.63 -2.40
C4 IMP X . 47.18 9.83 -2.82
NA HDA Y . 47.19 9.28 2.11
C HDA Y . 47.08 8.07 1.82
O HDA Y . 45.97 7.57 1.89
OB HDA Y . 46.08 9.92 2.65
CB HDA Y . 48.40 10.05 1.86
CG HDA Y . 49.16 10.28 3.14
OD1 HDA Y . 49.22 9.36 3.94
OD2 HDA Y . 49.71 11.36 3.34
MG MG Z . 44.08 6.40 1.80
PG GTP AA . 51.49 -3.93 -35.07
O1G GTP AA . 52.92 -3.78 -34.63
O2G GTP AA . 50.83 -2.58 -34.97
O3G GTP AA . 50.79 -4.90 -34.14
O3B GTP AA . 51.45 -4.46 -36.61
PB GTP AA . 50.12 -4.94 -37.40
O1B GTP AA . 49.85 -6.40 -37.12
O2B GTP AA . 48.92 -4.11 -37.05
O3A GTP AA . 50.47 -4.72 -38.97
PA GTP AA . 51.76 -5.40 -39.66
O1A GTP AA . 52.30 -4.43 -40.70
O2A GTP AA . 52.84 -5.74 -38.66
O5' GTP AA . 51.21 -6.73 -40.40
C5' GTP AA . 52.10 -7.54 -41.15
C4' GTP AA . 51.85 -7.48 -42.66
O4' GTP AA . 51.14 -8.62 -43.09
C3' GTP AA . 51.06 -6.27 -43.10
O3' GTP AA . 51.85 -5.53 -44.01
C2' GTP AA . 49.84 -6.81 -43.83
O2' GTP AA . 49.63 -6.13 -45.06
C1' GTP AA . 50.19 -8.26 -44.07
N9 GTP AA . 49.01 -9.13 -43.94
C8 GTP AA . 47.90 -8.91 -43.17
N7 GTP AA . 47.06 -9.96 -43.33
C5 GTP AA . 47.62 -10.84 -44.19
C6 GTP AA . 47.19 -12.06 -44.70
O6 GTP AA . 46.10 -12.51 -44.36
N1 GTP AA . 48.00 -12.74 -45.59
C2 GTP AA . 49.22 -12.22 -45.97
N2 GTP AA . 50.00 -12.88 -46.82
N3 GTP AA . 49.63 -11.01 -45.46
C4 GTP AA . 48.84 -10.33 -44.58
P IMP BA . 59.34 0.08 -27.65
O1P IMP BA . 59.60 0.21 -26.17
O2P IMP BA . 57.91 0.14 -28.14
O3P IMP BA . 60.13 1.15 -28.37
O5' IMP BA . 59.87 -1.34 -28.12
C5' IMP BA . 60.41 -2.28 -27.19
C4' IMP BA . 60.11 -3.70 -27.61
O4' IMP BA . 58.77 -3.76 -28.19
C3' IMP BA . 61.06 -4.29 -28.66
O3' IMP BA . 61.19 -5.69 -28.43
C2' IMP BA . 60.30 -4.05 -29.96
O2' IMP BA . 60.66 -4.90 -31.02
C1' IMP BA . 58.85 -4.27 -29.52
N9 IMP BA . 57.85 -3.59 -30.33
C8 IMP BA . 57.41 -2.29 -30.20
N7 IMP BA . 56.48 -2.05 -31.14
C5 IMP BA . 56.32 -3.16 -31.89
C6 IMP BA . 55.49 -3.44 -32.98
O6 IMP BA . 54.53 -2.70 -33.22
N1 IMP BA . 55.54 -4.70 -33.54
C2 IMP BA . 56.39 -5.66 -33.04
N3 IMP BA . 57.21 -5.37 -31.97
C4 IMP BA . 57.17 -4.14 -31.40
NA HDA CA . 57.61 -3.06 -35.75
C HDA CA . 56.56 -2.45 -35.56
O HDA CA . 55.68 -2.69 -36.36
OB HDA CA . 57.52 -4.17 -36.57
CB HDA CA . 58.85 -2.64 -35.14
CG HDA CA . 59.77 -2.34 -36.25
OD1 HDA CA . 59.44 -1.48 -37.04
OD2 HDA CA . 60.81 -2.94 -36.40
MG MG DA . 53.57 -3.66 -36.85
#